data_1B9R
#
_entry.id   1B9R
#
_cell.length_a   1.000
_cell.length_b   1.000
_cell.length_c   1.000
_cell.angle_alpha   90.00
_cell.angle_beta   90.00
_cell.angle_gamma   90.00
#
_symmetry.space_group_name_H-M   'P 1'
#
loop_
_entity.id
_entity.type
_entity.pdbx_description
1 polymer 'PROTEIN (TERPREDOXIN)'
2 non-polymer 'FE2/S2 (INORGANIC) CLUSTER'
#
_entity_poly.entity_id   1
_entity_poly.type   'polypeptide(L)'
_entity_poly.pdbx_seq_one_letter_code
;PRVVFIDEQSGEYAVDAQDGQSLMEVATQNGVPGIVAECGGSCVCATCRIEIEDAWVEIVGEANPDENDLLQSTGEPMTA
GTRLSCQVFIDPSMDGLIVRVPLPA
;
_entity_poly.pdbx_strand_id   A
#
loop_
_chem_comp.id
_chem_comp.type
_chem_comp.name
_chem_comp.formula
FES non-polymer 'FE2/S2 (INORGANIC) CLUSTER' 'Fe2 S2'
#
# COMPACT_ATOMS: atom_id res chain seq x y z
N PRO A 1 3.91 3.95 -14.57
CA PRO A 1 2.74 4.85 -14.35
C PRO A 1 3.07 6.05 -13.52
N ARG A 2 2.00 6.65 -13.04
CA ARG A 2 2.05 7.82 -12.17
C ARG A 2 1.48 7.41 -10.82
N VAL A 3 1.80 8.11 -9.74
CA VAL A 3 1.27 7.69 -8.48
C VAL A 3 1.15 8.82 -7.48
N VAL A 4 0.45 8.53 -6.40
CA VAL A 4 0.27 9.51 -5.35
C VAL A 4 0.05 8.88 -4.01
N PHE A 5 1.07 9.00 -3.18
CA PHE A 5 1.05 8.47 -1.83
C PHE A 5 0.54 9.51 -0.86
N ILE A 6 0.32 9.08 0.38
CA ILE A 6 -0.14 9.94 1.44
C ILE A 6 0.38 9.46 2.78
N ASP A 7 0.33 10.31 3.78
CA ASP A 7 0.80 9.93 5.11
C ASP A 7 0.44 10.99 6.15
N GLU A 8 0.67 10.64 7.40
CA GLU A 8 0.34 11.53 8.52
C GLU A 8 1.51 12.43 8.91
N GLN A 9 2.52 12.50 8.06
CA GLN A 9 3.68 13.34 8.33
C GLN A 9 3.73 14.49 7.33
N SER A 10 3.29 14.19 6.11
CA SER A 10 3.26 15.19 5.04
C SER A 10 1.85 15.30 4.47
N GLY A 11 1.00 14.32 4.76
CA GLY A 11 -0.37 14.36 4.26
C GLY A 11 -0.44 14.22 2.75
N GLU A 12 0.63 13.73 2.16
CA GLU A 12 0.69 13.53 0.72
C GLU A 12 2.10 13.22 0.26
N TYR A 13 2.18 12.35 -0.75
CA TYR A 13 3.44 11.95 -1.29
C TYR A 13 3.30 11.58 -2.77
N ALA A 14 2.90 12.56 -3.57
CA ALA A 14 2.73 12.35 -5.01
C ALA A 14 3.98 11.73 -5.62
N VAL A 15 3.77 10.71 -6.44
CA VAL A 15 4.87 10.01 -7.07
C VAL A 15 4.43 9.32 -8.34
N ASP A 16 5.17 8.31 -8.69
CA ASP A 16 4.92 7.54 -9.87
C ASP A 16 5.55 6.19 -9.69
N ALA A 17 5.13 5.27 -10.49
CA ALA A 17 5.65 3.94 -10.41
C ALA A 17 5.78 3.32 -11.78
N GLN A 18 6.21 2.07 -11.80
CA GLN A 18 6.39 1.33 -13.06
C GLN A 18 5.81 -0.07 -12.91
N ASP A 19 5.07 -0.51 -13.92
CA ASP A 19 4.46 -1.83 -13.87
C ASP A 19 5.46 -2.84 -13.33
N GLY A 20 5.18 -3.32 -12.14
CA GLY A 20 6.04 -4.27 -11.49
C GLY A 20 6.52 -3.75 -10.15
N GLN A 21 6.20 -2.49 -9.85
CA GLN A 21 6.59 -1.89 -8.59
C GLN A 21 5.38 -1.74 -7.67
N SER A 22 5.61 -1.86 -6.37
CA SER A 22 4.55 -1.74 -5.39
C SER A 22 4.41 -0.30 -4.90
N LEU A 23 3.36 -0.03 -4.13
CA LEU A 23 3.14 1.32 -3.59
C LEU A 23 3.89 1.48 -2.28
N MET A 24 4.72 0.50 -1.94
CA MET A 24 5.53 0.55 -0.74
C MET A 24 6.96 0.89 -1.11
N GLU A 25 7.34 0.50 -2.32
CA GLU A 25 8.67 0.77 -2.84
C GLU A 25 8.75 2.16 -3.43
N VAL A 26 7.69 2.60 -4.12
CA VAL A 26 7.75 3.94 -4.66
C VAL A 26 8.16 4.86 -3.54
N ALA A 27 7.41 4.77 -2.47
CA ALA A 27 7.63 5.57 -1.28
C ALA A 27 9.09 5.93 -1.10
N THR A 28 9.88 4.94 -0.70
CA THR A 28 11.30 5.15 -0.47
C THR A 28 11.89 5.91 -1.63
N GLN A 29 11.35 5.66 -2.82
CA GLN A 29 11.81 6.36 -4.02
C GLN A 29 11.30 7.80 -4.02
N ASN A 30 10.11 8.00 -3.46
CA ASN A 30 9.49 9.32 -3.40
C ASN A 30 9.88 10.06 -2.13
N GLY A 31 10.80 9.48 -1.36
CA GLY A 31 11.22 10.10 -0.11
C GLY A 31 10.19 9.94 0.98
N VAL A 32 9.12 9.21 0.64
CA VAL A 32 8.03 8.93 1.56
C VAL A 32 8.51 8.32 2.85
N PRO A 33 7.84 8.63 3.96
CA PRO A 33 8.16 8.11 5.27
C PRO A 33 8.70 6.69 5.23
N GLY A 34 8.27 5.94 4.22
CA GLY A 34 8.73 4.57 4.07
C GLY A 34 8.64 3.82 5.38
N ILE A 35 7.65 4.18 6.18
CA ILE A 35 7.44 3.55 7.47
C ILE A 35 7.12 2.07 7.33
N VAL A 36 8.16 1.26 7.10
CA VAL A 36 7.98 -0.17 6.94
C VAL A 36 9.30 -0.91 7.18
N ALA A 37 10.08 -1.11 6.12
CA ALA A 37 11.37 -1.79 6.24
C ALA A 37 11.26 -2.99 7.18
N GLU A 38 10.25 -3.83 6.95
CA GLU A 38 10.02 -5.01 7.77
C GLU A 38 10.66 -6.24 7.15
N CYS A 39 9.99 -6.82 6.16
CA CYS A 39 10.50 -8.02 5.50
C CYS A 39 11.01 -7.69 4.10
N GLY A 40 10.65 -6.51 3.60
CA GLY A 40 11.09 -6.09 2.28
C GLY A 40 10.38 -6.84 1.16
N GLY A 41 9.17 -7.31 1.44
CA GLY A 41 8.41 -8.04 0.44
C GLY A 41 8.65 -9.53 0.50
N SER A 42 9.51 -9.96 1.40
CA SER A 42 9.83 -11.39 1.55
C SER A 42 8.58 -12.19 1.86
N CYS A 43 7.53 -11.49 2.28
CA CYS A 43 6.27 -12.14 2.62
C CYS A 43 6.38 -12.92 3.92
N VAL A 44 7.00 -12.31 4.92
CA VAL A 44 7.18 -12.96 6.22
C VAL A 44 6.59 -12.11 7.34
N CYS A 45 6.21 -10.88 7.00
CA CYS A 45 5.62 -9.98 7.99
C CYS A 45 4.22 -9.55 7.58
N ALA A 46 3.52 -8.90 8.51
CA ALA A 46 2.16 -8.43 8.24
C ALA A 46 1.89 -7.12 8.98
N THR A 47 2.87 -6.22 8.97
CA THR A 47 2.75 -4.93 9.63
C THR A 47 2.68 -3.80 8.62
N CYS A 48 2.95 -4.12 7.35
CA CYS A 48 2.92 -3.13 6.28
C CYS A 48 1.47 -2.79 5.91
N ARG A 49 0.68 -2.42 6.91
CA ARG A 49 -0.71 -2.07 6.70
C ARG A 49 -0.86 -0.76 5.93
N ILE A 50 -0.62 -0.81 4.63
CA ILE A 50 -0.75 0.38 3.79
C ILE A 50 -2.18 0.49 3.30
N GLU A 51 -2.54 1.63 2.71
CA GLU A 51 -3.89 1.82 2.23
C GLU A 51 -3.96 2.58 0.90
N ILE A 52 -4.45 1.91 -0.12
CA ILE A 52 -4.63 2.50 -1.44
C ILE A 52 -5.74 3.54 -1.36
N GLU A 53 -5.65 4.62 -2.13
CA GLU A 53 -6.75 5.59 -2.05
C GLU A 53 -8.04 4.82 -2.34
N ASP A 54 -9.19 5.37 -1.96
CA ASP A 54 -10.47 4.66 -2.18
C ASP A 54 -10.98 4.76 -3.62
N ALA A 55 -10.06 5.01 -4.54
CA ALA A 55 -10.39 5.10 -5.95
C ALA A 55 -9.74 3.97 -6.72
N TRP A 56 -8.64 3.48 -6.17
CA TRP A 56 -7.84 2.45 -6.81
C TRP A 56 -7.94 1.09 -6.17
N VAL A 57 -8.73 0.96 -5.16
CA VAL A 57 -8.86 -0.34 -4.55
C VAL A 57 -9.51 -1.28 -5.53
N GLU A 58 -10.46 -0.71 -6.26
CA GLU A 58 -11.16 -1.46 -7.29
C GLU A 58 -10.29 -1.51 -8.53
N ILE A 59 -9.16 -0.80 -8.48
CA ILE A 59 -8.20 -0.77 -9.59
C ILE A 59 -7.03 -1.66 -9.27
N VAL A 60 -6.68 -1.66 -7.99
CA VAL A 60 -5.56 -2.40 -7.48
C VAL A 60 -5.95 -3.81 -7.08
N GLY A 61 -7.10 -3.93 -6.43
CA GLY A 61 -7.57 -5.24 -6.03
C GLY A 61 -6.91 -5.72 -4.76
N GLU A 62 -7.43 -5.32 -3.61
CA GLU A 62 -6.87 -5.71 -2.34
C GLU A 62 -6.56 -7.20 -2.33
N ALA A 63 -5.85 -7.62 -1.30
CA ALA A 63 -5.44 -9.01 -1.15
C ALA A 63 -6.63 -9.93 -0.93
N ASN A 64 -6.50 -11.15 -1.46
CA ASN A 64 -7.51 -12.16 -1.33
C ASN A 64 -7.86 -12.36 0.14
N PRO A 65 -8.86 -13.19 0.40
CA PRO A 65 -9.33 -13.50 1.75
C PRO A 65 -8.32 -14.34 2.54
N ASP A 66 -7.15 -14.56 1.95
CA ASP A 66 -6.10 -15.34 2.62
C ASP A 66 -5.18 -14.42 3.42
N GLU A 67 -4.62 -13.42 2.76
CA GLU A 67 -3.73 -12.47 3.41
C GLU A 67 -4.51 -11.44 4.22
N ASN A 68 -5.79 -11.29 3.87
CA ASN A 68 -6.66 -10.34 4.57
C ASN A 68 -7.29 -10.98 5.80
N ASP A 69 -7.38 -12.30 5.79
CA ASP A 69 -7.96 -13.04 6.91
C ASP A 69 -6.97 -13.12 8.07
N LEU A 70 -5.78 -13.60 7.79
CA LEU A 70 -4.74 -13.73 8.81
C LEU A 70 -4.55 -12.42 9.55
N LEU A 71 -4.66 -11.31 8.82
CA LEU A 71 -4.51 -9.98 9.41
C LEU A 71 -5.75 -9.58 10.19
N GLN A 72 -6.91 -10.06 9.73
CA GLN A 72 -8.17 -9.75 10.39
C GLN A 72 -8.35 -10.60 11.64
N SER A 73 -7.58 -11.68 11.74
CA SER A 73 -7.64 -12.58 12.89
C SER A 73 -7.47 -11.80 14.19
N THR A 74 -6.63 -10.77 14.14
CA THR A 74 -6.38 -9.94 15.33
C THR A 74 -7.67 -9.37 15.88
N GLY A 75 -8.45 -8.73 15.02
CA GLY A 75 -9.70 -8.14 15.44
C GLY A 75 -9.71 -6.62 15.35
N GLU A 76 -8.80 -6.09 14.54
CA GLU A 76 -8.69 -4.65 14.35
C GLU A 76 -9.51 -4.18 13.16
N PRO A 77 -10.08 -2.97 13.24
CA PRO A 77 -10.90 -2.40 12.16
C PRO A 77 -10.09 -2.14 10.90
N MET A 78 -10.76 -2.16 9.75
CA MET A 78 -10.11 -1.92 8.47
C MET A 78 -11.06 -1.23 7.50
N THR A 79 -10.50 -0.45 6.57
CA THR A 79 -11.30 0.27 5.59
C THR A 79 -11.18 -0.38 4.21
N ALA A 80 -11.76 0.26 3.21
CA ALA A 80 -11.72 -0.25 1.84
C ALA A 80 -10.42 0.13 1.15
N GLY A 81 -9.57 -0.87 0.91
CA GLY A 81 -8.30 -0.63 0.26
C GLY A 81 -7.11 -1.02 1.11
N THR A 82 -7.39 -1.51 2.31
CA THR A 82 -6.34 -1.93 3.23
C THR A 82 -5.78 -3.30 2.82
N ARG A 83 -4.56 -3.30 2.30
CA ARG A 83 -3.91 -4.54 1.89
C ARG A 83 -2.40 -4.37 1.81
N LEU A 84 -1.68 -5.46 2.02
CA LEU A 84 -0.22 -5.43 1.98
C LEU A 84 0.27 -4.80 0.70
N SER A 85 0.50 -3.49 0.73
CA SER A 85 0.98 -2.76 -0.44
C SER A 85 2.25 -3.39 -1.00
N CYS A 86 3.18 -3.70 -0.10
CA CYS A 86 4.44 -4.31 -0.50
C CYS A 86 4.20 -5.52 -1.40
N GLN A 87 3.03 -6.13 -1.25
CA GLN A 87 2.67 -7.31 -2.03
C GLN A 87 1.94 -6.92 -3.31
N VAL A 88 1.72 -5.62 -3.52
CA VAL A 88 1.03 -5.16 -4.70
C VAL A 88 2.03 -4.67 -5.74
N PHE A 89 1.59 -4.60 -7.00
CA PHE A 89 2.50 -4.15 -8.04
C PHE A 89 1.79 -3.49 -9.22
N ILE A 90 2.44 -2.44 -9.70
CA ILE A 90 1.98 -1.64 -10.82
C ILE A 90 1.80 -2.43 -12.11
N ASP A 91 0.82 -2.02 -12.89
CA ASP A 91 0.49 -2.61 -14.16
C ASP A 91 -0.34 -1.58 -14.90
N PRO A 92 -0.41 -1.62 -16.25
CA PRO A 92 -1.19 -0.63 -17.03
C PRO A 92 -2.68 -0.62 -16.65
N SER A 93 -2.96 -1.07 -15.43
CA SER A 93 -4.29 -1.13 -14.87
C SER A 93 -4.40 -0.20 -13.67
N MET A 94 -3.26 0.04 -13.04
CA MET A 94 -3.17 0.88 -11.86
C MET A 94 -2.14 1.97 -12.08
N ASP A 95 -2.29 2.68 -13.18
CA ASP A 95 -1.40 3.75 -13.53
C ASP A 95 -1.92 5.06 -12.98
N GLY A 96 -1.06 5.80 -12.30
CA GLY A 96 -1.51 7.03 -11.70
C GLY A 96 -2.20 6.74 -10.39
N LEU A 97 -1.70 5.70 -9.72
CA LEU A 97 -2.27 5.23 -8.45
C LEU A 97 -2.15 6.26 -7.34
N ILE A 98 -3.04 6.14 -6.38
CA ILE A 98 -3.04 7.01 -5.22
C ILE A 98 -3.02 6.18 -3.96
N VAL A 99 -1.95 6.29 -3.20
CA VAL A 99 -1.82 5.53 -1.98
C VAL A 99 -2.26 6.31 -0.75
N ARG A 100 -2.16 5.66 0.41
CA ARG A 100 -2.55 6.27 1.68
C ARG A 100 -2.02 5.48 2.86
N VAL A 101 -1.77 6.18 3.98
CA VAL A 101 -1.28 5.53 5.18
C VAL A 101 -2.28 5.66 6.33
N PRO A 102 -2.55 4.55 7.03
CA PRO A 102 -3.49 4.53 8.15
C PRO A 102 -2.94 5.21 9.39
N LEU A 103 -3.72 5.20 10.46
CA LEU A 103 -3.32 5.82 11.73
C LEU A 103 -2.36 4.93 12.49
N PRO A 104 -1.89 5.40 13.66
CA PRO A 104 -0.97 4.64 14.50
C PRO A 104 -1.50 3.25 14.82
N ALA A 105 -1.13 2.27 14.00
CA ALA A 105 -1.57 0.90 14.18
C ALA A 105 -0.38 -0.06 14.23
FE1 FES B . 6.47 -7.62 5.09
FE2 FES B . 4.71 -6.39 3.51
S1 FES B . 4.63 -8.46 4.21
S2 FES B . 6.61 -5.58 4.28
N PRO A 1 3.77 3.80 -14.56
CA PRO A 1 2.63 4.74 -14.34
C PRO A 1 2.99 5.92 -13.47
N ARG A 2 1.94 6.55 -12.98
CA ARG A 2 2.07 7.69 -12.07
C ARG A 2 1.46 7.27 -10.76
N VAL A 3 1.73 7.99 -9.67
CA VAL A 3 1.16 7.57 -8.42
C VAL A 3 1.14 8.67 -7.38
N VAL A 4 0.40 8.41 -6.32
CA VAL A 4 0.30 9.39 -5.26
C VAL A 4 0.08 8.73 -3.92
N PHE A 5 1.10 8.80 -3.11
CA PHE A 5 1.09 8.24 -1.78
C PHE A 5 0.63 9.28 -0.77
N ILE A 6 0.44 8.84 0.46
CA ILE A 6 0.02 9.69 1.54
C ILE A 6 0.51 9.12 2.87
N ASP A 7 0.55 9.94 3.91
CA ASP A 7 1.01 9.47 5.20
C ASP A 7 0.76 10.50 6.30
N GLU A 8 0.99 10.08 7.52
CA GLU A 8 0.79 10.94 8.69
C GLU A 8 2.00 11.86 8.90
N GLN A 9 3.11 11.56 8.23
CA GLN A 9 4.32 12.37 8.36
C GLN A 9 4.35 13.50 7.33
N SER A 10 3.26 13.65 6.61
CA SER A 10 3.16 14.69 5.59
C SER A 10 1.74 14.81 5.05
N GLY A 11 1.03 13.70 5.00
CA GLY A 11 -0.33 13.70 4.50
C GLY A 11 -0.40 13.66 3.00
N GLU A 12 0.69 13.24 2.38
CA GLU A 12 0.76 13.14 0.92
C GLU A 12 2.17 12.82 0.46
N TYR A 13 2.24 12.00 -0.57
CA TYR A 13 3.51 11.60 -1.15
C TYR A 13 3.36 11.27 -2.63
N ALA A 14 2.99 12.28 -3.40
CA ALA A 14 2.81 12.11 -4.84
C ALA A 14 4.02 11.43 -5.46
N VAL A 15 3.76 10.51 -6.38
CA VAL A 15 4.84 9.78 -7.02
C VAL A 15 4.38 9.12 -8.31
N ASP A 16 5.08 8.08 -8.67
CA ASP A 16 4.81 7.34 -9.86
C ASP A 16 5.40 5.97 -9.71
N ALA A 17 4.98 5.08 -10.54
CA ALA A 17 5.46 3.73 -10.46
C ALA A 17 5.60 3.11 -11.84
N GLN A 18 5.86 1.82 -11.85
CA GLN A 18 6.03 1.07 -13.08
C GLN A 18 5.45 -0.33 -12.94
N ASP A 19 4.58 -0.71 -13.88
CA ASP A 19 3.96 -2.04 -13.83
C ASP A 19 4.93 -3.06 -13.27
N GLY A 20 4.66 -3.49 -12.04
CA GLY A 20 5.52 -4.45 -11.38
C GLY A 20 6.08 -3.89 -10.08
N GLN A 21 5.72 -2.65 -9.75
CA GLN A 21 6.20 -2.05 -8.51
C GLN A 21 5.05 -1.90 -7.52
N SER A 22 5.34 -2.12 -6.25
CA SER A 22 4.34 -2.01 -5.20
C SER A 22 4.28 -0.59 -4.66
N LEU A 23 3.31 -0.32 -3.79
CA LEU A 23 3.18 1.01 -3.19
C LEU A 23 4.08 1.13 -1.96
N MET A 24 4.93 0.13 -1.77
CA MET A 24 5.87 0.13 -0.66
C MET A 24 7.26 0.46 -1.20
N GLU A 25 7.47 0.14 -2.46
CA GLU A 25 8.75 0.42 -3.12
C GLU A 25 8.76 1.82 -3.66
N VAL A 26 7.66 2.26 -4.26
CA VAL A 26 7.66 3.62 -4.74
C VAL A 26 8.08 4.50 -3.59
N ALA A 27 7.32 4.37 -2.53
CA ALA A 27 7.55 5.12 -1.30
C ALA A 27 9.00 5.50 -1.13
N THR A 28 9.80 4.51 -0.76
CA THR A 28 11.22 4.73 -0.53
C THR A 28 11.81 5.53 -1.68
N GLN A 29 11.26 5.34 -2.87
CA GLN A 29 11.73 6.07 -4.04
C GLN A 29 11.18 7.49 -4.00
N ASN A 30 9.98 7.65 -3.46
CA ASN A 30 9.34 8.96 -3.36
C ASN A 30 9.75 9.65 -2.05
N GLY A 31 10.68 9.05 -1.32
CA GLY A 31 11.11 9.61 -0.05
C GLY A 31 10.04 9.46 1.01
N VAL A 32 9.07 8.59 0.72
CA VAL A 32 7.95 8.32 1.60
C VAL A 32 8.35 7.56 2.85
N PRO A 33 7.71 7.89 3.97
CA PRO A 33 7.93 7.21 5.23
C PRO A 33 7.68 5.71 5.06
N GLY A 34 7.34 5.04 6.15
CA GLY A 34 7.08 3.61 6.11
C GLY A 34 8.02 2.84 5.18
N ILE A 35 9.19 3.41 4.91
CA ILE A 35 10.16 2.75 4.04
C ILE A 35 10.17 1.24 4.31
N VAL A 36 10.66 0.47 3.34
CA VAL A 36 10.72 -0.99 3.46
C VAL A 36 10.78 -1.44 4.92
N ALA A 37 9.92 -2.38 5.29
CA ALA A 37 9.87 -2.88 6.66
C ALA A 37 10.98 -3.90 6.91
N GLU A 38 10.80 -4.72 7.93
CA GLU A 38 11.79 -5.73 8.29
C GLU A 38 11.88 -6.81 7.22
N CYS A 39 10.76 -7.45 6.92
CA CYS A 39 10.72 -8.51 5.91
C CYS A 39 11.09 -7.95 4.54
N GLY A 40 10.67 -6.72 4.27
CA GLY A 40 10.96 -6.08 3.01
C GLY A 40 11.09 -7.05 1.85
N GLY A 41 9.97 -7.54 1.36
CA GLY A 41 10.00 -8.47 0.24
C GLY A 41 9.89 -9.92 0.68
N SER A 42 9.36 -10.15 1.87
CA SER A 42 9.21 -11.50 2.40
C SER A 42 7.82 -11.71 2.97
N CYS A 43 6.97 -10.69 2.86
CA CYS A 43 5.60 -10.78 3.37
C CYS A 43 5.54 -11.60 4.66
N VAL A 44 6.59 -11.49 5.47
CA VAL A 44 6.65 -12.21 6.74
C VAL A 44 6.26 -11.32 7.91
N CYS A 45 6.12 -10.03 7.65
CA CYS A 45 5.76 -9.07 8.68
C CYS A 45 4.41 -8.43 8.37
N ALA A 46 4.11 -7.33 9.05
CA ALA A 46 2.85 -6.62 8.84
C ALA A 46 2.95 -5.16 9.29
N THR A 47 4.18 -4.66 9.35
CA THR A 47 4.41 -3.27 9.76
C THR A 47 4.34 -2.32 8.57
N CYS A 48 3.98 -2.86 7.41
CA CYS A 48 3.88 -2.06 6.19
C CYS A 48 2.44 -1.58 5.98
N ARG A 49 1.79 -1.19 7.06
CA ARG A 49 0.41 -0.72 6.99
C ARG A 49 0.25 0.39 5.96
N ILE A 50 -0.47 0.09 4.89
CA ILE A 50 -0.71 1.06 3.82
C ILE A 50 -2.09 0.83 3.20
N GLU A 51 -2.67 1.87 2.65
CA GLU A 51 -3.99 1.77 2.05
C GLU A 51 -4.11 2.58 0.77
N ILE A 52 -4.67 1.97 -0.26
CA ILE A 52 -4.87 2.62 -1.54
C ILE A 52 -5.92 3.71 -1.40
N GLU A 53 -5.81 4.80 -2.16
CA GLU A 53 -6.84 5.83 -2.04
C GLU A 53 -8.19 5.17 -2.32
N ASP A 54 -9.30 5.79 -1.92
CA ASP A 54 -10.62 5.19 -2.12
C ASP A 54 -11.16 5.33 -3.54
N ALA A 55 -10.26 5.57 -4.48
CA ALA A 55 -10.62 5.69 -5.88
C ALA A 55 -10.05 4.52 -6.66
N TRP A 56 -8.96 3.97 -6.14
CA TRP A 56 -8.25 2.90 -6.81
C TRP A 56 -8.38 1.56 -6.15
N VAL A 57 -9.16 1.44 -5.13
CA VAL A 57 -9.31 0.16 -4.52
C VAL A 57 -10.00 -0.76 -5.49
N GLU A 58 -10.92 -0.20 -6.23
CA GLU A 58 -11.64 -0.94 -7.24
C GLU A 58 -10.77 -1.00 -8.50
N ILE A 59 -9.61 -0.34 -8.43
CA ILE A 59 -8.67 -0.31 -9.54
C ILE A 59 -7.47 -1.19 -9.22
N VAL A 60 -7.12 -1.17 -7.95
CA VAL A 60 -5.96 -1.88 -7.46
C VAL A 60 -6.28 -3.30 -7.09
N GLY A 61 -7.22 -3.45 -6.16
CA GLY A 61 -7.55 -4.79 -5.72
C GLY A 61 -6.27 -5.53 -5.39
N GLU A 62 -5.62 -5.07 -4.33
CA GLU A 62 -4.34 -5.62 -3.90
C GLU A 62 -4.37 -7.16 -3.84
N ALA A 63 -4.17 -7.71 -2.64
CA ALA A 63 -4.17 -9.15 -2.49
C ALA A 63 -5.57 -9.71 -2.30
N ASN A 64 -5.60 -11.01 -2.06
CA ASN A 64 -6.83 -11.74 -1.86
C ASN A 64 -7.20 -11.76 -0.38
N PRO A 65 -8.32 -12.40 -0.06
CA PRO A 65 -8.84 -12.52 1.30
C PRO A 65 -7.95 -13.40 2.19
N ASP A 66 -6.87 -13.92 1.61
CA ASP A 66 -5.94 -14.75 2.36
C ASP A 66 -4.87 -13.90 3.01
N GLU A 67 -4.20 -13.08 2.19
CA GLU A 67 -3.16 -12.18 2.69
C GLU A 67 -3.77 -11.24 3.74
N ASN A 68 -5.07 -11.03 3.62
CA ASN A 68 -5.80 -10.17 4.55
C ASN A 68 -6.33 -10.98 5.73
N ASP A 69 -6.59 -12.27 5.48
CA ASP A 69 -7.10 -13.15 6.52
C ASP A 69 -6.17 -13.12 7.73
N LEU A 70 -4.87 -13.26 7.47
CA LEU A 70 -3.88 -13.24 8.54
C LEU A 70 -4.07 -12.01 9.42
N LEU A 71 -4.39 -10.88 8.80
CA LEU A 71 -4.61 -9.64 9.53
C LEU A 71 -5.93 -9.70 10.29
N GLN A 72 -6.95 -10.25 9.65
CA GLN A 72 -8.27 -10.37 10.25
C GLN A 72 -8.20 -11.09 11.59
N SER A 73 -7.37 -12.12 11.66
CA SER A 73 -7.21 -12.91 12.88
C SER A 73 -6.80 -12.02 14.05
N THR A 74 -6.13 -10.91 13.76
CA THR A 74 -5.67 -9.99 14.78
C THR A 74 -6.81 -9.63 15.74
N GLY A 75 -7.95 -9.24 15.17
CA GLY A 75 -9.09 -8.87 15.99
C GLY A 75 -9.65 -7.52 15.60
N GLU A 76 -8.78 -6.64 15.10
CA GLU A 76 -9.18 -5.32 14.67
C GLU A 76 -9.21 -5.23 13.15
N PRO A 77 -10.36 -4.84 12.57
CA PRO A 77 -10.52 -4.72 11.11
C PRO A 77 -9.65 -3.61 10.53
N MET A 78 -9.90 -3.29 9.27
CA MET A 78 -9.14 -2.25 8.58
C MET A 78 -10.08 -1.18 8.01
N THR A 79 -9.53 -0.34 7.13
CA THR A 79 -10.31 0.72 6.51
C THR A 79 -10.62 0.38 5.06
N ALA A 80 -10.96 1.40 4.28
CA ALA A 80 -11.28 1.21 2.87
C ALA A 80 -10.01 1.16 2.03
N GLY A 81 -9.89 0.14 1.19
CA GLY A 81 -8.73 0.01 0.35
C GLY A 81 -7.50 -0.45 1.11
N THR A 82 -7.72 -0.92 2.33
CA THR A 82 -6.63 -1.39 3.18
C THR A 82 -6.17 -2.78 2.76
N ARG A 83 -4.89 -2.91 2.46
CA ARG A 83 -4.31 -4.18 2.06
C ARG A 83 -2.78 -4.10 1.97
N LEU A 84 -2.12 -5.25 2.12
CA LEU A 84 -0.67 -5.29 2.06
C LEU A 84 -0.16 -4.49 0.88
N SER A 85 0.77 -3.56 1.15
CA SER A 85 1.33 -2.72 0.10
C SER A 85 2.55 -3.36 -0.54
N CYS A 86 3.31 -4.11 0.26
CA CYS A 86 4.51 -4.76 -0.23
C CYS A 86 4.19 -6.13 -0.84
N GLN A 87 2.94 -6.31 -1.25
CA GLN A 87 2.51 -7.57 -1.85
C GLN A 87 1.83 -7.34 -3.20
N VAL A 88 1.53 -6.09 -3.51
CA VAL A 88 0.88 -5.77 -4.76
C VAL A 88 1.81 -4.98 -5.65
N PHE A 89 1.53 -4.95 -6.94
CA PHE A 89 2.40 -4.23 -7.86
C PHE A 89 1.66 -3.62 -9.05
N ILE A 90 2.15 -2.45 -9.44
CA ILE A 90 1.61 -1.70 -10.55
C ILE A 90 1.38 -2.55 -11.80
N ASP A 91 0.59 -2.00 -12.72
CA ASP A 91 0.25 -2.65 -13.97
C ASP A 91 -0.65 -1.68 -14.72
N PRO A 92 -0.95 -1.91 -16.00
CA PRO A 92 -1.81 -1.02 -16.78
C PRO A 92 -3.24 -1.04 -16.25
N SER A 93 -3.34 -0.94 -14.93
CA SER A 93 -4.60 -0.95 -14.20
C SER A 93 -4.53 0.04 -13.05
N MET A 94 -3.35 0.11 -12.42
CA MET A 94 -3.11 0.99 -11.29
C MET A 94 -2.13 2.06 -11.69
N ASP A 95 -2.35 2.65 -12.85
CA ASP A 95 -1.50 3.67 -13.37
C ASP A 95 -1.99 5.01 -12.87
N GLY A 96 -1.10 5.76 -12.24
CA GLY A 96 -1.53 7.02 -11.67
C GLY A 96 -2.32 6.73 -10.43
N LEU A 97 -1.97 5.61 -9.78
CA LEU A 97 -2.65 5.16 -8.58
C LEU A 97 -2.31 6.01 -7.38
N ILE A 98 -3.28 6.12 -6.47
CA ILE A 98 -3.11 6.92 -5.27
C ILE A 98 -3.12 6.06 -4.03
N VAL A 99 -2.08 6.21 -3.22
CA VAL A 99 -2.00 5.46 -2.00
C VAL A 99 -2.46 6.30 -0.81
N ARG A 100 -2.43 5.70 0.38
CA ARG A 100 -2.87 6.39 1.60
C ARG A 100 -2.37 5.65 2.85
N VAL A 101 -2.02 6.41 3.89
CA VAL A 101 -1.56 5.82 5.15
C VAL A 101 -2.16 6.55 6.34
N PRO A 102 -3.42 6.26 6.66
CA PRO A 102 -4.14 6.88 7.77
C PRO A 102 -3.71 6.34 9.14
N LEU A 103 -4.34 6.86 10.19
CA LEU A 103 -4.03 6.45 11.55
C LEU A 103 -4.72 5.12 11.89
N PRO A 104 -3.94 4.13 12.33
CA PRO A 104 -4.47 2.81 12.69
C PRO A 104 -5.59 2.90 13.71
N ALA A 105 -6.83 2.83 13.23
CA ALA A 105 -7.99 2.91 14.11
C ALA A 105 -9.10 1.96 13.64
FE1 FES B . 6.77 -7.10 5.65
FE2 FES B . 5.05 -5.92 4.00
S1 FES B . 4.77 -7.82 5.08
S2 FES B . 7.01 -5.18 4.62
N PRO A 1 4.00 3.92 -14.52
CA PRO A 1 2.85 4.84 -14.34
C PRO A 1 3.17 6.02 -13.44
N ARG A 2 2.10 6.64 -12.96
CA ARG A 2 2.19 7.78 -12.05
C ARG A 2 1.56 7.37 -10.74
N VAL A 3 1.77 8.12 -9.66
CA VAL A 3 1.19 7.69 -8.42
C VAL A 3 1.13 8.80 -7.39
N VAL A 4 0.34 8.55 -6.37
CA VAL A 4 0.20 9.53 -5.30
C VAL A 4 -0.09 8.87 -3.98
N PHE A 5 0.90 8.93 -3.12
CA PHE A 5 0.82 8.37 -1.79
C PHE A 5 0.26 9.42 -0.83
N ILE A 6 0.02 9.01 0.40
CA ILE A 6 -0.50 9.88 1.42
C ILE A 6 -0.05 9.41 2.79
N ASP A 7 -0.16 10.27 3.79
CA ASP A 7 0.24 9.92 5.14
C ASP A 7 -0.16 11.00 6.14
N GLU A 8 0.38 10.91 7.35
CA GLU A 8 0.07 11.86 8.40
C GLU A 8 1.28 12.76 8.70
N GLN A 9 2.39 12.50 8.03
CA GLN A 9 3.60 13.30 8.23
C GLN A 9 3.63 14.50 7.28
N SER A 10 3.18 14.27 6.05
CA SER A 10 3.15 15.33 5.04
C SER A 10 1.76 15.41 4.41
N GLY A 11 0.86 14.53 4.82
CA GLY A 11 -0.48 14.51 4.28
C GLY A 11 -0.51 14.28 2.79
N GLU A 12 0.57 13.75 2.26
CA GLU A 12 0.67 13.47 0.83
C GLU A 12 2.09 13.11 0.43
N TYR A 13 2.17 12.18 -0.52
CA TYR A 13 3.45 11.72 -1.01
C TYR A 13 3.35 11.36 -2.50
N ALA A 14 2.94 12.35 -3.29
CA ALA A 14 2.80 12.19 -4.73
C ALA A 14 4.00 11.52 -5.36
N VAL A 15 3.76 10.68 -6.35
CA VAL A 15 4.84 9.96 -7.00
C VAL A 15 4.39 9.28 -8.28
N ASP A 16 5.12 8.24 -8.62
CA ASP A 16 4.88 7.47 -9.79
C ASP A 16 5.47 6.10 -9.58
N ALA A 17 5.07 5.19 -10.41
CA ALA A 17 5.55 3.85 -10.30
C ALA A 17 5.73 3.21 -11.66
N GLN A 18 6.07 1.93 -11.66
CA GLN A 18 6.27 1.19 -12.89
C GLN A 18 5.63 -0.19 -12.81
N ASP A 19 4.96 -0.59 -13.89
CA ASP A 19 4.31 -1.90 -13.93
C ASP A 19 5.22 -2.96 -13.33
N GLY A 20 4.87 -3.42 -12.14
CA GLY A 20 5.64 -4.42 -11.46
C GLY A 20 6.14 -3.94 -10.11
N GLN A 21 5.82 -2.70 -9.73
CA GLN A 21 6.25 -2.19 -8.44
C GLN A 21 5.06 -1.91 -7.55
N SER A 22 5.28 -1.97 -6.25
CA SER A 22 4.19 -1.72 -5.30
C SER A 22 4.28 -0.33 -4.72
N LEU A 23 3.29 0.01 -3.90
CA LEU A 23 3.23 1.32 -3.27
C LEU A 23 4.13 1.37 -2.04
N MET A 24 4.87 0.28 -1.82
CA MET A 24 5.79 0.20 -0.70
C MET A 24 7.16 0.64 -1.15
N GLU A 25 7.49 0.31 -2.40
CA GLU A 25 8.78 0.66 -2.96
C GLU A 25 8.75 2.08 -3.50
N VAL A 26 7.67 2.49 -4.12
CA VAL A 26 7.62 3.86 -4.60
C VAL A 26 8.04 4.75 -3.45
N ALA A 27 7.28 4.64 -2.38
CA ALA A 27 7.51 5.41 -1.18
C ALA A 27 8.97 5.79 -1.00
N THR A 28 9.78 4.80 -0.65
CA THR A 28 11.20 5.02 -0.43
C THR A 28 11.80 5.82 -1.58
N GLN A 29 11.25 5.61 -2.77
CA GLN A 29 11.72 6.33 -3.95
C GLN A 29 11.19 7.76 -3.97
N ASN A 30 9.99 7.94 -3.42
CA ASN A 30 9.35 9.25 -3.38
C ASN A 30 9.74 10.03 -2.13
N GLY A 31 10.67 9.46 -1.35
CA GLY A 31 11.07 10.11 -0.11
C GLY A 31 10.12 9.79 1.02
N VAL A 32 9.03 9.12 0.67
CA VAL A 32 8.00 8.71 1.61
C VAL A 32 8.63 7.99 2.80
N PRO A 33 7.91 7.92 3.94
CA PRO A 33 8.39 7.27 5.17
C PRO A 33 8.36 5.75 5.09
N GLY A 34 8.06 5.22 3.90
CA GLY A 34 8.01 3.79 3.71
C GLY A 34 7.54 3.04 4.94
N ILE A 35 6.66 3.67 5.71
CA ILE A 35 6.13 3.06 6.92
C ILE A 35 7.19 2.23 7.63
N VAL A 36 7.26 0.94 7.30
CA VAL A 36 8.24 0.05 7.91
C VAL A 36 8.27 -1.30 7.21
N ALA A 37 9.47 -1.73 6.82
CA ALA A 37 9.63 -3.01 6.13
C ALA A 37 10.39 -4.00 7.01
N GLU A 38 9.69 -5.03 7.48
CA GLU A 38 10.29 -6.04 8.35
C GLU A 38 10.75 -7.25 7.55
N CYS A 39 9.79 -7.96 6.96
CA CYS A 39 10.10 -9.15 6.17
C CYS A 39 11.03 -8.81 5.01
N GLY A 40 10.84 -7.65 4.41
CA GLY A 40 11.70 -7.23 3.31
C GLY A 40 11.15 -7.63 1.95
N GLY A 41 9.83 -7.71 1.84
CA GLY A 41 9.22 -8.07 0.56
C GLY A 41 9.19 -9.56 0.32
N SER A 42 8.76 -10.31 1.34
CA SER A 42 8.67 -11.76 1.24
C SER A 42 7.40 -12.26 1.91
N CYS A 43 6.40 -11.37 2.01
CA CYS A 43 5.13 -11.70 2.64
C CYS A 43 5.33 -12.56 3.87
N VAL A 44 6.00 -11.99 4.88
CA VAL A 44 6.25 -12.71 6.13
C VAL A 44 5.98 -11.83 7.34
N CYS A 45 5.49 -10.61 7.10
CA CYS A 45 5.18 -9.68 8.17
C CYS A 45 3.89 -8.93 7.91
N ALA A 46 3.58 -7.96 8.74
CA ALA A 46 2.36 -7.17 8.59
C ALA A 46 2.57 -5.73 9.05
N THR A 47 3.82 -5.30 9.09
CA THR A 47 4.16 -3.95 9.50
C THR A 47 3.97 -2.96 8.34
N CYS A 48 3.95 -3.48 7.13
CA CYS A 48 3.77 -2.66 5.94
C CYS A 48 2.30 -2.31 5.75
N ARG A 49 1.68 -1.78 6.79
CA ARG A 49 0.27 -1.41 6.74
C ARG A 49 0.05 -0.17 5.88
N ILE A 50 -0.32 -0.39 4.62
CA ILE A 50 -0.57 0.70 3.69
C ILE A 50 -2.03 0.70 3.27
N GLU A 51 -2.46 1.75 2.58
CA GLU A 51 -3.85 1.84 2.15
C GLU A 51 -3.98 2.61 0.83
N ILE A 52 -4.46 1.91 -0.20
CA ILE A 52 -4.67 2.52 -1.51
C ILE A 52 -5.81 3.52 -1.41
N GLU A 53 -5.74 4.63 -2.12
CA GLU A 53 -6.85 5.59 -2.01
C GLU A 53 -8.15 4.83 -2.34
N ASP A 54 -9.29 5.34 -1.92
CA ASP A 54 -10.57 4.65 -2.15
C ASP A 54 -11.10 4.77 -3.58
N ALA A 55 -10.21 5.07 -4.51
CA ALA A 55 -10.56 5.18 -5.91
C ALA A 55 -9.92 4.08 -6.71
N TRP A 56 -8.81 3.58 -6.19
CA TRP A 56 -8.04 2.57 -6.87
C TRP A 56 -8.15 1.18 -6.30
N VAL A 57 -8.77 1.04 -5.17
CA VAL A 57 -8.91 -0.26 -4.61
C VAL A 57 -9.50 -1.20 -5.62
N GLU A 58 -10.52 -0.71 -6.31
CA GLU A 58 -11.18 -1.48 -7.33
C GLU A 58 -10.32 -1.47 -8.59
N ILE A 59 -9.22 -0.74 -8.52
CA ILE A 59 -8.28 -0.64 -9.63
C ILE A 59 -7.08 -1.53 -9.36
N VAL A 60 -6.70 -1.56 -8.10
CA VAL A 60 -5.56 -2.33 -7.66
C VAL A 60 -5.99 -3.74 -7.30
N GLY A 61 -7.16 -3.84 -6.68
CA GLY A 61 -7.68 -5.15 -6.31
C GLY A 61 -7.09 -5.71 -5.04
N GLU A 62 -7.64 -5.31 -3.90
CA GLU A 62 -7.15 -5.79 -2.62
C GLU A 62 -6.97 -7.29 -2.65
N ALA A 63 -6.02 -7.75 -1.86
CA ALA A 63 -5.69 -9.17 -1.79
C ALA A 63 -6.93 -10.03 -1.56
N ASN A 64 -6.79 -11.31 -1.85
CA ASN A 64 -7.86 -12.26 -1.70
C ASN A 64 -8.07 -12.58 -0.22
N PRO A 65 -8.96 -13.54 0.08
CA PRO A 65 -9.27 -13.95 1.45
C PRO A 65 -8.04 -14.36 2.24
N ASP A 66 -6.93 -14.57 1.54
CA ASP A 66 -5.68 -14.96 2.18
C ASP A 66 -5.08 -13.79 2.95
N GLU A 67 -5.14 -12.60 2.36
CA GLU A 67 -4.62 -11.41 3.00
C GLU A 67 -5.55 -10.95 4.11
N ASN A 68 -6.80 -10.72 3.76
CA ASN A 68 -7.81 -10.29 4.73
C ASN A 68 -7.79 -11.21 5.94
N ASP A 69 -7.54 -12.49 5.70
CA ASP A 69 -7.47 -13.47 6.77
C ASP A 69 -6.22 -13.26 7.62
N LEU A 70 -5.12 -12.94 6.95
CA LEU A 70 -3.85 -12.70 7.62
C LEU A 70 -3.98 -11.53 8.60
N LEU A 71 -4.62 -10.46 8.14
CA LEU A 71 -4.82 -9.28 8.97
C LEU A 71 -5.97 -9.50 9.94
N GLN A 72 -6.99 -10.22 9.49
CA GLN A 72 -8.16 -10.51 10.32
C GLN A 72 -7.76 -11.31 11.57
N SER A 73 -6.62 -11.98 11.48
CA SER A 73 -6.12 -12.79 12.60
C SER A 73 -5.70 -11.88 13.76
N THR A 74 -5.15 -10.72 13.42
CA THR A 74 -4.70 -9.77 14.43
C THR A 74 -5.86 -9.36 15.34
N GLY A 75 -6.94 -8.90 14.75
CA GLY A 75 -8.09 -8.49 15.52
C GLY A 75 -8.42 -7.02 15.34
N GLU A 76 -7.68 -6.35 14.46
CA GLU A 76 -7.89 -4.93 14.19
C GLU A 76 -8.82 -4.73 13.00
N PRO A 77 -9.56 -3.62 12.98
CA PRO A 77 -10.48 -3.31 11.88
C PRO A 77 -9.78 -3.21 10.53
N MET A 78 -10.51 -2.78 9.52
CA MET A 78 -9.94 -2.64 8.18
C MET A 78 -10.75 -1.64 7.34
N THR A 79 -10.17 -1.22 6.22
CA THR A 79 -10.84 -0.26 5.34
C THR A 79 -10.73 -0.70 3.89
N ALA A 80 -11.20 0.15 2.99
CA ALA A 80 -11.15 -0.17 1.56
C ALA A 80 -9.76 0.07 0.98
N GLY A 81 -9.21 -0.96 0.35
CA GLY A 81 -7.90 -0.85 -0.25
C GLY A 81 -6.78 -1.20 0.72
N THR A 82 -7.15 -1.64 1.93
CA THR A 82 -6.18 -2.01 2.94
C THR A 82 -5.53 -3.35 2.62
N ARG A 83 -4.30 -3.31 2.11
CA ARG A 83 -3.57 -4.53 1.77
C ARG A 83 -2.06 -4.31 1.84
N LEU A 84 -1.32 -5.37 2.14
CA LEU A 84 0.13 -5.27 2.24
C LEU A 84 0.69 -4.42 1.10
N SER A 85 1.41 -3.37 1.46
CA SER A 85 1.99 -2.46 0.49
C SER A 85 3.07 -3.15 -0.34
N CYS A 86 3.61 -4.25 0.17
CA CYS A 86 4.65 -4.99 -0.53
C CYS A 86 4.08 -6.21 -1.26
N GLN A 87 2.82 -6.11 -1.69
CA GLN A 87 2.18 -7.20 -2.40
C GLN A 87 1.48 -6.74 -3.68
N VAL A 88 1.17 -5.45 -3.76
CA VAL A 88 0.49 -4.91 -4.93
C VAL A 88 1.48 -4.28 -5.89
N PHE A 89 1.61 -4.83 -7.10
CA PHE A 89 2.55 -4.30 -8.08
C PHE A 89 1.85 -3.65 -9.27
N ILE A 90 2.34 -2.47 -9.61
CA ILE A 90 1.84 -1.67 -10.71
C ILE A 90 1.69 -2.47 -12.00
N ASP A 91 0.93 -1.90 -12.93
CA ASP A 91 0.64 -2.47 -14.22
C ASP A 91 -0.26 -1.46 -14.92
N PRO A 92 -0.51 -1.58 -16.23
CA PRO A 92 -1.39 -0.65 -16.95
C PRO A 92 -2.83 -0.74 -16.46
N SER A 93 -2.96 -0.80 -15.14
CA SER A 93 -4.24 -0.91 -14.46
C SER A 93 -4.25 -0.02 -13.21
N MET A 94 -3.06 0.17 -12.62
CA MET A 94 -2.89 0.96 -11.43
C MET A 94 -1.92 2.08 -11.73
N ASP A 95 -2.13 2.71 -12.88
CA ASP A 95 -1.30 3.77 -13.32
C ASP A 95 -1.83 5.08 -12.82
N GLY A 96 -0.97 5.85 -12.17
CA GLY A 96 -1.43 7.09 -11.60
C GLY A 96 -2.25 6.79 -10.37
N LEU A 97 -1.95 5.65 -9.72
CA LEU A 97 -2.71 5.26 -8.55
C LEU A 97 -2.37 6.09 -7.35
N ILE A 98 -3.25 6.06 -6.38
CA ILE A 98 -3.09 6.84 -5.17
C ILE A 98 -2.97 5.97 -3.96
N VAL A 99 -1.96 6.24 -3.14
CA VAL A 99 -1.74 5.48 -1.95
C VAL A 99 -1.83 6.32 -0.69
N ARG A 100 -2.27 5.71 0.41
CA ARG A 100 -2.40 6.43 1.67
C ARG A 100 -1.95 5.57 2.84
N VAL A 101 -1.49 6.23 3.90
CA VAL A 101 -1.02 5.55 5.10
C VAL A 101 -2.05 5.67 6.22
N PRO A 102 -2.46 4.54 6.80
CA PRO A 102 -3.44 4.51 7.89
C PRO A 102 -3.12 5.49 9.00
N LEU A 103 -3.81 5.30 10.11
CA LEU A 103 -3.65 6.15 11.28
C LEU A 103 -2.81 5.44 12.35
N PRO A 104 -2.00 6.20 13.10
CA PRO A 104 -1.14 5.66 14.16
C PRO A 104 -1.95 5.00 15.27
N ALA A 105 -1.25 4.66 16.34
CA ALA A 105 -1.88 4.02 17.50
C ALA A 105 -2.99 4.88 18.07
FE1 FES B . 6.43 -7.57 5.26
FE2 FES B . 4.85 -6.37 3.48
S1 FES B . 4.48 -8.27 4.52
S2 FES B . 6.76 -5.62 4.29
N PRO A 1 3.88 3.45 -14.46
CA PRO A 1 2.76 4.43 -14.33
C PRO A 1 3.12 5.65 -13.52
N ARG A 2 2.07 6.31 -13.07
CA ARG A 2 2.18 7.50 -12.23
C ARG A 2 1.56 7.15 -10.88
N VAL A 3 1.87 7.87 -9.81
CA VAL A 3 1.28 7.49 -8.56
C VAL A 3 1.26 8.63 -7.56
N VAL A 4 0.47 8.44 -6.53
CA VAL A 4 0.37 9.45 -5.49
C VAL A 4 0.06 8.83 -4.15
N PHE A 5 1.05 8.88 -3.30
CA PHE A 5 0.96 8.35 -1.95
C PHE A 5 0.46 9.44 -1.01
N ILE A 6 0.21 9.07 0.23
CA ILE A 6 -0.26 9.98 1.24
C ILE A 6 0.19 9.52 2.61
N ASP A 7 0.19 10.42 3.58
CA ASP A 7 0.61 10.06 4.93
C ASP A 7 0.32 11.19 5.91
N GLU A 8 0.82 11.03 7.13
CA GLU A 8 0.61 12.01 8.17
C GLU A 8 1.88 12.82 8.44
N GLN A 9 2.96 12.50 7.72
CA GLN A 9 4.22 13.20 7.88
C GLN A 9 4.30 14.41 6.96
N SER A 10 3.80 14.22 5.73
CA SER A 10 3.81 15.29 4.74
C SER A 10 2.42 15.47 4.13
N GLY A 11 1.48 14.63 4.56
CA GLY A 11 0.12 14.71 4.07
C GLY A 11 0.01 14.46 2.57
N GLU A 12 1.05 13.85 2.02
CA GLU A 12 1.07 13.54 0.60
C GLU A 12 2.44 13.10 0.14
N TYR A 13 2.45 12.17 -0.79
CA TYR A 13 3.69 11.64 -1.33
C TYR A 13 3.54 11.26 -2.79
N ALA A 14 3.19 12.26 -3.60
CA ALA A 14 3.02 12.06 -5.05
C ALA A 14 4.20 11.33 -5.64
N VAL A 15 3.93 10.44 -6.59
CA VAL A 15 4.98 9.66 -7.21
C VAL A 15 4.53 8.96 -8.46
N ASP A 16 5.19 7.88 -8.76
CA ASP A 16 4.93 7.08 -9.92
C ASP A 16 5.48 5.71 -9.68
N ALA A 17 5.03 4.79 -10.47
CA ALA A 17 5.46 3.43 -10.34
C ALA A 17 5.63 2.76 -11.69
N GLN A 18 5.88 1.47 -11.66
CA GLN A 18 6.06 0.68 -12.87
C GLN A 18 5.42 -0.70 -12.72
N ASP A 19 4.58 -1.06 -13.69
CA ASP A 19 3.91 -2.36 -13.64
C ASP A 19 4.83 -3.42 -13.07
N GLY A 20 4.50 -3.87 -11.88
CA GLY A 20 5.29 -4.86 -11.20
C GLY A 20 5.82 -4.38 -9.86
N GLN A 21 5.50 -3.13 -9.52
CA GLN A 21 5.95 -2.56 -8.26
C GLN A 21 4.77 -2.23 -7.38
N SER A 22 4.99 -2.24 -6.07
CA SER A 22 3.92 -1.95 -5.14
C SER A 22 4.03 -0.53 -4.60
N LEU A 23 3.14 -0.20 -3.67
CA LEU A 23 3.14 1.12 -3.05
C LEU A 23 4.07 1.14 -1.86
N MET A 24 4.83 0.07 -1.71
CA MET A 24 5.80 -0.04 -0.62
C MET A 24 7.17 0.35 -1.11
N GLU A 25 7.42 0.08 -2.39
CA GLU A 25 8.70 0.41 -3.01
C GLU A 25 8.68 1.81 -3.57
N VAL A 26 7.59 2.22 -4.19
CA VAL A 26 7.54 3.58 -4.69
C VAL A 26 7.99 4.49 -3.57
N ALA A 27 7.25 4.42 -2.49
CA ALA A 27 7.50 5.20 -1.30
C ALA A 27 8.97 5.57 -1.15
N THR A 28 9.77 4.58 -0.76
CA THR A 28 11.19 4.82 -0.56
C THR A 28 11.77 5.56 -1.76
N GLN A 29 11.20 5.32 -2.92
CA GLN A 29 11.63 5.99 -4.14
C GLN A 29 11.11 7.42 -4.19
N ASN A 30 9.92 7.62 -3.62
CA ASN A 30 9.29 8.95 -3.57
C ASN A 30 9.73 9.73 -2.35
N GLY A 31 10.68 9.16 -1.60
CA GLY A 31 11.14 9.82 -0.39
C GLY A 31 10.16 9.61 0.75
N VAL A 32 9.12 8.83 0.47
CA VAL A 32 8.09 8.51 1.44
C VAL A 32 8.65 7.85 2.68
N PRO A 33 8.05 8.17 3.84
CA PRO A 33 8.40 7.69 5.19
C PRO A 33 9.08 6.32 5.23
N GLY A 34 10.24 6.24 4.59
CA GLY A 34 11.04 5.02 4.55
C GLY A 34 10.28 3.76 4.89
N ILE A 35 9.09 3.59 4.29
CA ILE A 35 8.29 2.40 4.54
C ILE A 35 8.09 2.17 6.04
N VAL A 36 7.15 1.30 6.39
CA VAL A 36 6.88 1.00 7.78
C VAL A 36 7.24 -0.46 8.11
N ALA A 37 7.23 -1.32 7.09
CA ALA A 37 7.55 -2.72 7.28
C ALA A 37 9.06 -2.95 7.27
N GLU A 38 9.54 -3.77 8.20
CA GLU A 38 10.96 -4.07 8.29
C GLU A 38 11.32 -5.35 7.54
N CYS A 39 10.31 -6.08 7.07
CA CYS A 39 10.53 -7.33 6.36
C CYS A 39 10.80 -7.07 4.88
N GLY A 40 11.07 -5.82 4.53
CA GLY A 40 11.33 -5.46 3.15
C GLY A 40 10.40 -6.16 2.17
N GLY A 41 9.18 -6.42 2.62
CA GLY A 41 8.21 -7.09 1.76
C GLY A 41 8.52 -8.55 1.54
N SER A 42 9.36 -9.11 2.42
CA SER A 42 9.74 -10.53 2.33
C SER A 42 8.60 -11.43 2.78
N CYS A 43 7.48 -10.83 3.17
CA CYS A 43 6.32 -11.59 3.62
C CYS A 43 6.60 -12.24 4.98
N VAL A 44 6.89 -11.42 5.98
CA VAL A 44 7.16 -11.91 7.32
C VAL A 44 6.76 -10.89 8.38
N CYS A 45 5.93 -9.92 7.99
CA CYS A 45 5.47 -8.90 8.91
C CYS A 45 4.04 -8.47 8.59
N ALA A 46 3.53 -7.54 9.37
CA ALA A 46 2.17 -7.02 9.18
C ALA A 46 2.13 -5.51 9.39
N THR A 47 3.31 -4.89 9.38
CA THR A 47 3.40 -3.45 9.57
C THR A 47 3.12 -2.70 8.27
N CYS A 48 3.11 -3.45 7.17
CA CYS A 48 2.85 -2.85 5.86
C CYS A 48 1.35 -2.64 5.65
N ARG A 49 0.71 -1.99 6.60
CA ARG A 49 -0.72 -1.72 6.51
C ARG A 49 -0.98 -0.47 5.68
N ILE A 50 -0.53 -0.49 4.43
CA ILE A 50 -0.72 0.64 3.54
C ILE A 50 -2.15 0.65 3.00
N GLU A 51 -2.66 1.84 2.70
CA GLU A 51 -4.02 1.96 2.21
C GLU A 51 -4.09 2.76 0.91
N ILE A 52 -4.64 2.13 -0.12
CA ILE A 52 -4.80 2.79 -1.41
C ILE A 52 -5.87 3.85 -1.26
N GLU A 53 -5.78 4.96 -2.00
CA GLU A 53 -6.82 5.97 -1.84
C GLU A 53 -8.18 5.30 -2.04
N ASP A 54 -9.28 6.06 -1.95
CA ASP A 54 -10.60 5.46 -2.12
C ASP A 54 -11.10 5.56 -3.56
N ALA A 55 -10.17 5.69 -4.48
CA ALA A 55 -10.48 5.79 -5.90
C ALA A 55 -9.93 4.60 -6.64
N TRP A 56 -8.85 4.07 -6.12
CA TRP A 56 -8.14 2.97 -6.76
C TRP A 56 -8.28 1.65 -6.08
N VAL A 57 -8.95 1.58 -4.96
CA VAL A 57 -9.11 0.31 -4.32
C VAL A 57 -9.78 -0.65 -5.25
N GLU A 58 -10.75 -0.12 -5.98
CA GLU A 58 -11.45 -0.92 -6.97
C GLU A 58 -10.60 -1.06 -8.22
N ILE A 59 -9.46 -0.36 -8.19
CA ILE A 59 -8.52 -0.40 -9.30
C ILE A 59 -7.36 -1.31 -8.95
N VAL A 60 -6.94 -1.22 -7.70
CA VAL A 60 -5.83 -1.99 -7.19
C VAL A 60 -6.31 -3.31 -6.58
N GLY A 61 -6.82 -3.23 -5.33
CA GLY A 61 -7.31 -4.41 -4.63
C GLY A 61 -6.79 -5.71 -5.22
N GLU A 62 -5.47 -5.81 -5.34
CA GLU A 62 -4.84 -7.00 -5.91
C GLU A 62 -4.81 -8.16 -4.92
N ALA A 63 -4.94 -7.86 -3.63
CA ALA A 63 -4.91 -8.89 -2.60
C ALA A 63 -5.95 -9.95 -2.85
N ASN A 64 -5.63 -11.17 -2.46
CA ASN A 64 -6.51 -12.29 -2.56
C ASN A 64 -7.30 -12.38 -1.28
N PRO A 65 -8.17 -13.38 -1.19
CA PRO A 65 -8.99 -13.61 0.00
C PRO A 65 -8.15 -14.07 1.20
N ASP A 66 -6.82 -14.07 1.03
CA ASP A 66 -5.92 -14.48 2.09
C ASP A 66 -5.49 -13.27 2.91
N GLU A 67 -5.04 -12.23 2.23
CA GLU A 67 -4.61 -11.00 2.90
C GLU A 67 -5.68 -10.52 3.86
N ASN A 68 -6.94 -10.72 3.46
CA ASN A 68 -8.07 -10.31 4.29
C ASN A 68 -8.39 -11.37 5.33
N ASP A 69 -8.05 -12.62 5.01
CA ASP A 69 -8.30 -13.73 5.92
C ASP A 69 -7.21 -13.82 6.97
N LEU A 70 -5.95 -13.77 6.54
CA LEU A 70 -4.82 -13.84 7.46
C LEU A 70 -4.98 -12.84 8.59
N LEU A 71 -5.52 -11.66 8.28
CA LEU A 71 -5.72 -10.62 9.27
C LEU A 71 -6.99 -10.89 10.07
N GLN A 72 -8.04 -11.31 9.39
CA GLN A 72 -9.31 -11.60 10.04
C GLN A 72 -9.21 -12.83 10.92
N SER A 73 -8.24 -13.71 10.61
CA SER A 73 -8.03 -14.92 11.37
C SER A 73 -7.28 -14.62 12.65
N THR A 74 -6.60 -13.48 12.70
CA THR A 74 -5.83 -13.08 13.87
C THR A 74 -6.71 -12.33 14.86
N GLY A 75 -7.64 -11.53 14.34
CA GLY A 75 -8.53 -10.77 15.18
C GLY A 75 -8.34 -9.27 15.04
N GLU A 76 -7.49 -8.88 14.08
CA GLU A 76 -7.22 -7.46 13.84
C GLU A 76 -8.01 -6.96 12.64
N PRO A 77 -8.84 -5.91 12.85
CA PRO A 77 -9.66 -5.34 11.78
C PRO A 77 -8.83 -4.52 10.79
N MET A 78 -9.50 -3.99 9.78
CA MET A 78 -8.82 -3.19 8.76
C MET A 78 -9.65 -1.95 8.41
N THR A 79 -9.39 -1.39 7.23
CA THR A 79 -10.11 -0.21 6.78
C THR A 79 -10.53 -0.37 5.32
N ALA A 80 -11.10 0.70 4.75
CA ALA A 80 -11.55 0.66 3.37
C ALA A 80 -10.41 1.00 2.42
N GLY A 81 -10.02 0.03 1.61
CA GLY A 81 -8.95 0.23 0.66
C GLY A 81 -7.61 -0.26 1.16
N THR A 82 -7.64 -0.98 2.28
CA THR A 82 -6.42 -1.52 2.87
C THR A 82 -5.86 -2.65 2.02
N ARG A 83 -4.54 -2.72 1.91
CA ARG A 83 -3.88 -3.75 1.13
C ARG A 83 -2.37 -3.74 1.35
N LEU A 84 -1.79 -4.92 1.53
CA LEU A 84 -0.36 -5.03 1.74
C LEU A 84 0.42 -4.32 0.65
N SER A 85 1.26 -3.38 1.06
CA SER A 85 2.06 -2.60 0.10
C SER A 85 3.22 -3.42 -0.46
N CYS A 86 3.38 -4.64 0.04
CA CYS A 86 4.45 -5.51 -0.42
C CYS A 86 3.90 -6.66 -1.25
N GLN A 87 2.61 -6.56 -1.60
CA GLN A 87 1.96 -7.60 -2.39
C GLN A 87 1.17 -7.02 -3.56
N VAL A 88 0.98 -5.70 -3.58
CA VAL A 88 0.24 -5.07 -4.65
C VAL A 88 1.19 -4.47 -5.66
N PHE A 89 1.26 -5.06 -6.86
CA PHE A 89 2.17 -4.56 -7.89
C PHE A 89 1.46 -3.90 -9.05
N ILE A 90 1.99 -2.74 -9.43
CA ILE A 90 1.48 -1.96 -10.53
C ILE A 90 1.21 -2.80 -11.78
N ASP A 91 0.43 -2.23 -12.69
CA ASP A 91 0.05 -2.87 -13.92
C ASP A 91 -0.79 -1.86 -14.69
N PRO A 92 -1.08 -2.08 -15.97
CA PRO A 92 -1.90 -1.15 -16.76
C PRO A 92 -3.33 -1.10 -16.24
N SER A 93 -3.43 -1.01 -14.91
CA SER A 93 -4.69 -0.95 -14.20
C SER A 93 -4.58 0.03 -13.02
N MET A 94 -3.39 0.05 -12.41
CA MET A 94 -3.11 0.90 -11.28
C MET A 94 -2.10 1.96 -11.69
N ASP A 95 -2.30 2.54 -12.86
CA ASP A 95 -1.42 3.54 -13.38
C ASP A 95 -1.91 4.89 -12.94
N GLY A 96 -1.03 5.66 -12.30
CA GLY A 96 -1.45 6.93 -11.77
C GLY A 96 -2.21 6.69 -10.50
N LEU A 97 -1.89 5.56 -9.86
CA LEU A 97 -2.56 5.12 -8.64
C LEU A 97 -2.19 5.98 -7.45
N ILE A 98 -3.11 6.05 -6.51
CA ILE A 98 -2.92 6.85 -5.32
C ILE A 98 -2.81 5.99 -4.08
N VAL A 99 -1.87 6.33 -3.22
CA VAL A 99 -1.69 5.57 -2.00
C VAL A 99 -1.76 6.43 -0.76
N ARG A 100 -2.12 5.82 0.37
CA ARG A 100 -2.22 6.54 1.63
C ARG A 100 -1.69 5.72 2.80
N VAL A 101 -1.42 6.41 3.91
CA VAL A 101 -0.91 5.77 5.11
C VAL A 101 -1.86 6.00 6.28
N PRO A 102 -2.06 4.97 7.12
CA PRO A 102 -2.93 5.07 8.29
C PRO A 102 -2.56 6.23 9.20
N LEU A 103 -3.18 6.25 10.37
CA LEU A 103 -2.93 7.31 11.35
C LEU A 103 -2.22 6.74 12.58
N PRO A 104 -1.61 7.62 13.38
CA PRO A 104 -0.89 7.23 14.60
C PRO A 104 -1.83 6.91 15.75
N ALA A 105 -1.29 6.32 16.80
CA ALA A 105 -2.09 5.95 17.97
C ALA A 105 -2.27 7.14 18.91
FE1 FES B . 6.35 -7.30 5.59
FE2 FES B . 4.42 -6.73 3.86
S1 FES B . 6.31 -5.64 4.15
S2 FES B . 4.65 -8.57 5.06
N PRO A 1 3.69 3.49 -14.58
CA PRO A 1 2.52 4.41 -14.40
C PRO A 1 2.85 5.62 -13.56
N ARG A 2 1.78 6.30 -13.19
CA ARG A 2 1.85 7.49 -12.34
C ARG A 2 1.29 7.16 -10.98
N VAL A 3 1.61 7.91 -9.92
CA VAL A 3 1.08 7.55 -8.65
C VAL A 3 1.07 8.72 -7.68
N VAL A 4 0.44 8.51 -6.55
CA VAL A 4 0.39 9.54 -5.54
C VAL A 4 0.14 8.97 -4.17
N PHE A 5 1.17 8.98 -3.38
CA PHE A 5 1.11 8.49 -2.02
C PHE A 5 0.69 9.60 -1.10
N ILE A 6 0.45 9.26 0.16
CA ILE A 6 0.06 10.21 1.15
C ILE A 6 0.42 9.70 2.54
N ASP A 7 0.48 10.60 3.51
CA ASP A 7 0.81 10.23 4.86
C ASP A 7 0.63 11.39 5.83
N GLU A 8 0.90 11.13 7.09
CA GLU A 8 0.76 12.15 8.14
C GLU A 8 2.05 12.95 8.28
N GLN A 9 3.08 12.57 7.54
CA GLN A 9 4.36 13.25 7.59
C GLN A 9 4.40 14.39 6.58
N SER A 10 3.70 14.20 5.47
CA SER A 10 3.67 15.22 4.41
C SER A 10 2.26 15.37 3.83
N GLY A 11 1.29 14.62 4.36
CA GLY A 11 -0.06 14.71 3.87
C GLY A 11 -0.14 14.48 2.36
N GLU A 12 0.90 13.89 1.82
CA GLU A 12 0.98 13.60 0.39
C GLU A 12 2.38 13.17 0.01
N TYR A 13 2.45 12.21 -0.90
CA TYR A 13 3.71 11.70 -1.37
C TYR A 13 3.62 11.31 -2.84
N ALA A 14 3.20 12.29 -3.65
CA ALA A 14 3.04 12.12 -5.10
C ALA A 14 4.21 11.38 -5.71
N VAL A 15 3.90 10.55 -6.71
CA VAL A 15 4.93 9.77 -7.38
C VAL A 15 4.39 9.09 -8.62
N ASP A 16 5.07 8.05 -9.00
CA ASP A 16 4.74 7.26 -10.13
C ASP A 16 5.33 5.90 -9.93
N ALA A 17 4.87 4.97 -10.69
CA ALA A 17 5.36 3.64 -10.56
C ALA A 17 5.55 2.97 -11.92
N GLN A 18 5.83 1.68 -11.88
CA GLN A 18 6.04 0.91 -13.10
C GLN A 18 5.54 -0.51 -12.91
N ASP A 19 4.67 -0.97 -13.82
CA ASP A 19 4.11 -2.32 -13.74
C ASP A 19 5.16 -3.28 -13.23
N GLY A 20 4.95 -3.75 -12.01
CA GLY A 20 5.87 -4.65 -11.37
C GLY A 20 6.40 -4.09 -10.07
N GLN A 21 5.95 -2.87 -9.72
CA GLN A 21 6.37 -2.22 -8.49
C GLN A 21 5.20 -2.06 -7.55
N SER A 22 5.47 -2.06 -6.25
CA SER A 22 4.42 -1.92 -5.26
C SER A 22 4.37 -0.48 -4.74
N LEU A 23 3.31 -0.15 -4.00
CA LEU A 23 3.17 1.19 -3.45
C LEU A 23 4.07 1.34 -2.22
N MET A 24 4.81 0.29 -1.90
CA MET A 24 5.74 0.31 -0.79
C MET A 24 7.11 0.70 -1.29
N GLU A 25 7.42 0.22 -2.50
CA GLU A 25 8.70 0.52 -3.13
C GLU A 25 8.70 1.90 -3.74
N VAL A 26 7.61 2.31 -4.37
CA VAL A 26 7.60 3.65 -4.93
C VAL A 26 8.07 4.58 -3.85
N ALA A 27 7.34 4.53 -2.75
CA ALA A 27 7.62 5.33 -1.58
C ALA A 27 9.08 5.71 -1.47
N THR A 28 9.90 4.73 -1.10
CA THR A 28 11.33 4.96 -0.94
C THR A 28 11.87 5.70 -2.15
N GLN A 29 11.29 5.44 -3.31
CA GLN A 29 11.71 6.10 -4.54
C GLN A 29 11.17 7.52 -4.61
N ASN A 30 10.00 7.72 -4.00
CA ASN A 30 9.35 9.04 -4.00
C ASN A 30 9.80 9.88 -2.80
N GLY A 31 10.75 9.36 -2.04
CA GLY A 31 11.22 10.07 -0.86
C GLY A 31 10.37 9.73 0.34
N VAL A 32 9.24 9.08 0.07
CA VAL A 32 8.29 8.65 1.09
C VAL A 32 9.02 7.91 2.20
N PRO A 33 8.39 7.80 3.38
CA PRO A 33 8.96 7.13 4.55
C PRO A 33 9.06 5.62 4.34
N GLY A 34 8.55 5.15 3.20
CA GLY A 34 8.60 3.74 2.86
C GLY A 34 8.51 2.84 4.07
N ILE A 35 7.34 2.81 4.68
CA ILE A 35 7.12 1.97 5.87
C ILE A 35 7.93 0.68 5.76
N VAL A 36 9.14 0.70 6.31
CA VAL A 36 10.02 -0.47 6.27
C VAL A 36 9.39 -1.68 6.94
N ALA A 37 9.31 -1.64 8.27
CA ALA A 37 8.73 -2.74 9.04
C ALA A 37 9.78 -3.80 9.34
N GLU A 38 9.34 -4.95 9.81
CA GLU A 38 10.26 -6.04 10.15
C GLU A 38 10.57 -6.89 8.91
N CYS A 39 9.54 -7.45 8.30
CA CYS A 39 9.71 -8.29 7.12
C CYS A 39 10.35 -7.50 5.98
N GLY A 40 9.98 -6.23 5.88
CA GLY A 40 10.52 -5.37 4.83
C GLY A 40 10.85 -6.12 3.56
N GLY A 41 9.84 -6.71 2.94
CA GLY A 41 10.05 -7.45 1.70
C GLY A 41 10.22 -8.94 1.93
N SER A 42 9.61 -9.44 3.00
CA SER A 42 9.68 -10.87 3.33
C SER A 42 8.32 -11.41 3.74
N CYS A 43 7.28 -10.57 3.60
CA CYS A 43 5.94 -10.97 3.96
C CYS A 43 5.92 -11.72 5.29
N VAL A 44 6.20 -10.99 6.36
CA VAL A 44 6.23 -11.58 7.70
C VAL A 44 5.79 -10.57 8.76
N CYS A 45 5.20 -9.45 8.32
CA CYS A 45 4.75 -8.42 9.23
C CYS A 45 3.41 -7.85 8.78
N ALA A 46 2.88 -6.90 9.54
CA ALA A 46 1.60 -6.27 9.21
C ALA A 46 1.61 -4.80 9.58
N THR A 47 2.79 -4.21 9.63
CA THR A 47 2.93 -2.79 9.97
C THR A 47 2.94 -1.92 8.71
N CYS A 48 2.95 -2.56 7.55
CA CYS A 48 2.95 -1.85 6.28
C CYS A 48 1.53 -1.58 5.81
N ARG A 49 0.59 -1.59 6.76
CA ARG A 49 -0.81 -1.35 6.45
C ARG A 49 -0.99 -0.07 5.63
N ILE A 50 -0.80 -0.18 4.32
CA ILE A 50 -0.93 0.96 3.44
C ILE A 50 -2.39 1.20 3.08
N GLU A 51 -2.73 2.44 2.74
CA GLU A 51 -4.10 2.78 2.40
C GLU A 51 -4.20 3.39 1.01
N ILE A 52 -4.79 2.64 0.09
CA ILE A 52 -4.99 3.11 -1.28
C ILE A 52 -6.03 4.21 -1.26
N GLU A 53 -5.88 5.26 -2.06
CA GLU A 53 -6.91 6.29 -2.02
C GLU A 53 -8.26 5.59 -2.28
N ASP A 54 -9.38 6.22 -1.90
CA ASP A 54 -10.69 5.58 -2.08
C ASP A 54 -11.20 5.61 -3.53
N ALA A 55 -10.29 5.77 -4.46
CA ALA A 55 -10.62 5.77 -5.87
C ALA A 55 -10.02 4.56 -6.56
N TRP A 56 -8.93 4.07 -5.99
CA TRP A 56 -8.21 2.95 -6.56
C TRP A 56 -8.38 1.65 -5.83
N VAL A 57 -9.24 1.61 -4.85
CA VAL A 57 -9.45 0.38 -4.15
C VAL A 57 -10.16 -0.57 -5.07
N GLU A 58 -11.03 0.00 -5.88
CA GLU A 58 -11.76 -0.76 -6.86
C GLU A 58 -10.87 -0.96 -8.08
N ILE A 59 -9.70 -0.31 -8.04
CA ILE A 59 -8.72 -0.42 -9.12
C ILE A 59 -7.60 -1.34 -8.69
N VAL A 60 -7.27 -1.22 -7.42
CA VAL A 60 -6.19 -1.99 -6.83
C VAL A 60 -6.69 -3.29 -6.24
N GLY A 61 -7.24 -3.23 -5.01
CA GLY A 61 -7.76 -4.43 -4.35
C GLY A 61 -7.23 -5.72 -4.94
N GLU A 62 -5.92 -5.80 -5.09
CA GLU A 62 -5.27 -6.96 -5.67
C GLU A 62 -5.18 -8.13 -4.69
N ALA A 63 -5.34 -7.84 -3.42
CA ALA A 63 -5.26 -8.88 -2.40
C ALA A 63 -6.10 -10.08 -2.75
N ASN A 64 -5.56 -11.24 -2.43
CA ASN A 64 -6.23 -12.48 -2.64
C ASN A 64 -6.99 -12.81 -1.36
N PRO A 65 -7.81 -13.85 -1.40
CA PRO A 65 -8.59 -14.29 -0.25
C PRO A 65 -7.70 -14.72 0.92
N ASP A 66 -6.38 -14.56 0.77
CA ASP A 66 -5.43 -14.92 1.81
C ASP A 66 -5.12 -13.74 2.70
N GLU A 67 -4.47 -12.73 2.14
CA GLU A 67 -4.11 -11.53 2.87
C GLU A 67 -5.27 -11.06 3.74
N ASN A 68 -6.43 -10.86 3.13
CA ASN A 68 -7.61 -10.42 3.85
C ASN A 68 -7.94 -11.36 5.00
N ASP A 69 -7.72 -12.65 4.78
CA ASP A 69 -7.99 -13.66 5.79
C ASP A 69 -6.85 -13.73 6.80
N LEU A 70 -5.62 -13.72 6.31
CA LEU A 70 -4.44 -13.78 7.17
C LEU A 70 -4.52 -12.72 8.27
N LEU A 71 -4.78 -11.48 7.87
CA LEU A 71 -4.88 -10.39 8.82
C LEU A 71 -6.12 -10.53 9.71
N GLN A 72 -7.25 -10.87 9.09
CA GLN A 72 -8.50 -11.04 9.82
C GLN A 72 -8.32 -12.04 10.96
N SER A 73 -7.50 -13.06 10.73
CA SER A 73 -7.26 -14.09 11.74
C SER A 73 -6.67 -13.48 13.01
N THR A 74 -6.09 -12.28 12.88
CA THR A 74 -5.49 -11.59 14.00
C THR A 74 -6.55 -11.03 14.94
N GLY A 75 -7.74 -10.79 14.39
CA GLY A 75 -8.83 -10.25 15.19
C GLY A 75 -9.09 -8.79 14.91
N GLU A 76 -8.10 -8.10 14.34
CA GLU A 76 -8.23 -6.69 14.03
C GLU A 76 -8.24 -6.48 12.52
N PRO A 77 -9.43 -6.52 11.90
CA PRO A 77 -9.59 -6.34 10.46
C PRO A 77 -8.97 -5.03 9.97
N MET A 78 -9.19 -4.72 8.70
CA MET A 78 -8.66 -3.49 8.11
C MET A 78 -9.76 -2.46 7.89
N THR A 79 -9.44 -1.42 7.14
CA THR A 79 -10.40 -0.36 6.84
C THR A 79 -10.80 -0.39 5.37
N ALA A 80 -11.46 0.66 4.91
CA ALA A 80 -11.88 0.74 3.52
C ALA A 80 -10.74 1.17 2.62
N GLY A 81 -10.39 0.31 1.67
CA GLY A 81 -9.31 0.62 0.75
C GLY A 81 -7.95 0.21 1.28
N THR A 82 -7.95 -0.48 2.41
CA THR A 82 -6.70 -0.93 3.03
C THR A 82 -6.10 -2.09 2.25
N ARG A 83 -4.77 -2.15 2.23
CA ARG A 83 -4.07 -3.23 1.53
C ARG A 83 -2.62 -3.33 2.00
N LEU A 84 -1.80 -4.05 1.25
CA LEU A 84 -0.39 -4.22 1.60
C LEU A 84 0.50 -3.58 0.56
N SER A 85 1.14 -2.47 0.93
CA SER A 85 2.02 -1.76 0.02
C SER A 85 3.16 -2.66 -0.47
N CYS A 86 3.50 -3.67 0.33
CA CYS A 86 4.56 -4.59 -0.04
C CYS A 86 3.98 -5.86 -0.64
N GLN A 87 2.70 -5.83 -0.97
CA GLN A 87 2.03 -7.00 -1.55
C GLN A 87 1.33 -6.66 -2.86
N VAL A 88 1.01 -5.38 -3.06
CA VAL A 88 0.35 -4.95 -4.28
C VAL A 88 1.35 -4.33 -5.25
N PHE A 89 1.27 -4.68 -6.52
CA PHE A 89 2.20 -4.15 -7.50
C PHE A 89 1.50 -3.55 -8.72
N ILE A 90 2.22 -2.68 -9.40
CA ILE A 90 1.73 -1.99 -10.57
C ILE A 90 1.48 -2.91 -11.77
N ASP A 91 0.60 -2.45 -12.66
CA ASP A 91 0.22 -3.15 -13.86
C ASP A 91 -0.77 -2.22 -14.53
N PRO A 92 -1.17 -2.46 -15.78
CA PRO A 92 -2.13 -1.59 -16.47
C PRO A 92 -3.51 -1.67 -15.82
N SER A 93 -3.50 -1.65 -14.49
CA SER A 93 -4.70 -1.72 -13.69
C SER A 93 -4.53 -0.84 -12.46
N MET A 94 -3.51 0.01 -12.49
CA MET A 94 -3.20 0.88 -11.39
C MET A 94 -2.23 1.97 -11.83
N ASP A 95 -2.53 2.60 -12.96
CA ASP A 95 -1.69 3.65 -13.46
C ASP A 95 -2.18 4.99 -12.96
N GLY A 96 -1.29 5.77 -12.36
CA GLY A 96 -1.70 7.05 -11.83
C GLY A 96 -2.39 6.87 -10.49
N LEU A 97 -1.97 5.85 -9.75
CA LEU A 97 -2.56 5.54 -8.45
C LEU A 97 -2.38 6.62 -7.42
N ILE A 98 -3.16 6.47 -6.36
CA ILE A 98 -3.11 7.38 -5.24
C ILE A 98 -3.07 6.57 -3.94
N VAL A 99 -1.92 6.62 -3.27
CA VAL A 99 -1.75 5.89 -2.04
C VAL A 99 -1.71 6.79 -0.81
N ARG A 100 -2.07 6.22 0.34
CA ARG A 100 -2.07 6.96 1.60
C ARG A 100 -1.57 6.09 2.74
N VAL A 101 -1.27 6.73 3.88
CA VAL A 101 -0.79 6.02 5.05
C VAL A 101 -1.68 6.29 6.27
N PRO A 102 -2.33 5.25 6.80
CA PRO A 102 -3.21 5.38 7.96
C PRO A 102 -2.45 5.54 9.27
N LEU A 103 -3.19 5.65 10.36
CA LEU A 103 -2.60 5.81 11.68
C LEU A 103 -2.45 4.46 12.37
N PRO A 104 -1.27 4.19 12.94
CA PRO A 104 -0.99 2.94 13.63
C PRO A 104 -1.46 2.95 15.08
N ALA A 105 -1.23 1.85 15.77
CA ALA A 105 -1.63 1.73 17.17
C ALA A 105 -0.77 2.63 18.06
FE1 FES B . 6.01 -6.64 6.11
FE2 FES B . 4.43 -5.67 4.20
S1 FES B . 6.31 -4.81 4.93
S2 FES B . 4.10 -7.49 5.41
N PRO A 1 3.62 4.01 -14.56
CA PRO A 1 2.43 4.88 -14.31
C PRO A 1 2.76 6.09 -13.46
N ARG A 2 1.70 6.67 -12.93
CA ARG A 2 1.79 7.83 -12.03
C ARG A 2 1.26 7.40 -10.67
N VAL A 3 1.57 8.12 -9.60
CA VAL A 3 1.08 7.67 -8.32
C VAL A 3 1.07 8.78 -7.29
N VAL A 4 0.37 8.52 -6.21
CA VAL A 4 0.29 9.49 -5.14
C VAL A 4 0.08 8.83 -3.81
N PHE A 5 1.12 8.88 -3.01
CA PHE A 5 1.11 8.31 -1.67
C PHE A 5 0.64 9.36 -0.67
N ILE A 6 0.45 8.94 0.57
CA ILE A 6 0.05 9.81 1.64
C ILE A 6 0.52 9.25 2.97
N ASP A 7 0.52 10.07 4.01
CA ASP A 7 0.95 9.61 5.32
C ASP A 7 0.65 10.65 6.40
N GLU A 8 1.19 10.43 7.59
CA GLU A 8 0.98 11.33 8.71
C GLU A 8 2.23 12.16 9.00
N GLN A 9 3.28 11.95 8.22
CA GLN A 9 4.53 12.68 8.40
C GLN A 9 4.51 13.96 7.56
N SER A 10 3.99 13.85 6.35
CA SER A 10 3.90 14.98 5.44
C SER A 10 2.46 15.20 4.97
N GLY A 11 1.64 14.17 5.09
CA GLY A 11 0.26 14.26 4.67
C GLY A 11 0.09 14.12 3.18
N GLU A 12 1.12 13.58 2.54
CA GLU A 12 1.09 13.37 1.10
C GLU A 12 2.46 13.00 0.57
N TYR A 13 2.45 12.12 -0.42
CA TYR A 13 3.68 11.66 -1.04
C TYR A 13 3.47 11.34 -2.51
N ALA A 14 3.04 12.35 -3.27
CA ALA A 14 2.80 12.20 -4.70
C ALA A 14 3.99 11.55 -5.37
N VAL A 15 3.70 10.70 -6.36
CA VAL A 15 4.76 10.00 -7.06
C VAL A 15 4.25 9.34 -8.33
N ASP A 16 4.94 8.29 -8.69
CA ASP A 16 4.65 7.54 -9.87
C ASP A 16 5.30 6.20 -9.73
N ALA A 17 4.87 5.28 -10.51
CA ALA A 17 5.41 3.96 -10.45
C ALA A 17 5.56 3.35 -11.84
N GLN A 18 5.92 2.09 -11.88
CA GLN A 18 6.09 1.37 -13.12
C GLN A 18 5.57 -0.04 -12.98
N ASP A 19 4.86 -0.52 -13.99
CA ASP A 19 4.32 -1.86 -13.94
C ASP A 19 5.37 -2.81 -13.41
N GLY A 20 5.16 -3.26 -12.18
CA GLY A 20 6.10 -4.15 -11.54
C GLY A 20 6.63 -3.59 -10.24
N GLN A 21 6.12 -2.42 -9.83
CA GLN A 21 6.55 -1.81 -8.58
C GLN A 21 5.37 -1.66 -7.63
N SER A 22 5.64 -1.84 -6.34
CA SER A 22 4.60 -1.72 -5.34
C SER A 22 4.63 -0.34 -4.70
N LEU A 23 3.70 -0.09 -3.77
CA LEU A 23 3.65 1.21 -3.08
C LEU A 23 4.72 1.28 -2.00
N MET A 24 5.48 0.22 -1.85
CA MET A 24 6.53 0.17 -0.85
C MET A 24 7.84 0.66 -1.47
N GLU A 25 8.01 0.34 -2.74
CA GLU A 25 9.21 0.75 -3.46
C GLU A 25 9.08 2.17 -3.95
N VAL A 26 7.92 2.56 -4.45
CA VAL A 26 7.79 3.92 -4.90
C VAL A 26 8.23 4.81 -3.77
N ALA A 27 7.52 4.65 -2.66
CA ALA A 27 7.77 5.40 -1.45
C ALA A 27 9.21 5.85 -1.34
N THR A 28 10.09 4.90 -1.04
CA THR A 28 11.50 5.20 -0.89
C THR A 28 11.99 6.03 -2.06
N GLN A 29 11.38 5.81 -3.22
CA GLN A 29 11.73 6.57 -4.41
C GLN A 29 11.09 7.96 -4.40
N ASN A 30 9.92 8.05 -3.79
CA ASN A 30 9.19 9.32 -3.70
C ASN A 30 9.62 10.10 -2.46
N GLY A 31 10.65 9.60 -1.78
CA GLY A 31 11.11 10.25 -0.57
C GLY A 31 10.18 9.96 0.59
N VAL A 32 9.29 9.01 0.38
CA VAL A 32 8.31 8.61 1.38
C VAL A 32 8.97 7.87 2.55
N PRO A 33 8.48 8.15 3.76
CA PRO A 33 8.98 7.58 5.03
C PRO A 33 9.09 6.05 5.10
N GLY A 34 9.44 5.40 3.98
CA GLY A 34 9.59 3.95 3.94
C GLY A 34 8.93 3.23 5.10
N ILE A 35 7.62 3.44 5.24
CA ILE A 35 6.81 2.81 6.31
C ILE A 35 7.65 1.97 7.26
N VAL A 36 8.14 0.83 6.77
CA VAL A 36 8.96 -0.05 7.58
C VAL A 36 9.41 -1.27 6.78
N ALA A 37 8.47 -2.11 6.37
CA ALA A 37 8.78 -3.30 5.60
C ALA A 37 9.82 -4.15 6.32
N GLU A 38 9.36 -5.15 7.04
CA GLU A 38 10.25 -6.04 7.78
C GLU A 38 10.76 -7.17 6.88
N CYS A 39 9.85 -7.98 6.38
CA CYS A 39 10.21 -9.10 5.52
C CYS A 39 10.96 -8.62 4.29
N GLY A 40 10.74 -7.38 3.89
CA GLY A 40 11.41 -6.84 2.74
C GLY A 40 10.91 -7.43 1.43
N GLY A 41 9.59 -7.48 1.29
CA GLY A 41 9.01 -8.03 0.08
C GLY A 41 8.99 -9.55 0.06
N SER A 42 9.45 -10.15 1.16
CA SER A 42 9.49 -11.61 1.26
C SER A 42 8.09 -12.18 1.50
N CYS A 43 7.11 -11.29 1.65
CA CYS A 43 5.73 -11.70 1.88
C CYS A 43 5.64 -12.66 3.06
N VAL A 44 5.96 -12.17 4.24
CA VAL A 44 5.92 -12.98 5.45
C VAL A 44 5.72 -12.13 6.69
N CYS A 45 5.24 -10.90 6.50
CA CYS A 45 5.00 -9.98 7.61
C CYS A 45 3.76 -9.12 7.36
N ALA A 46 3.39 -8.31 8.35
CA ALA A 46 2.23 -7.45 8.23
C ALA A 46 2.50 -6.07 8.82
N THR A 47 3.78 -5.76 9.05
CA THR A 47 4.16 -4.47 9.62
C THR A 47 4.06 -3.36 8.57
N CYS A 48 3.86 -3.76 7.32
CA CYS A 48 3.74 -2.81 6.21
C CYS A 48 2.29 -2.36 6.04
N ARG A 49 1.70 -1.88 7.12
CA ARG A 49 0.31 -1.44 7.09
C ARG A 49 0.14 -0.16 6.26
N ILE A 50 -0.05 -0.32 4.96
CA ILE A 50 -0.27 0.80 4.07
C ILE A 50 -1.72 0.83 3.61
N GLU A 51 -2.14 1.90 2.95
CA GLU A 51 -3.53 1.99 2.52
C GLU A 51 -3.69 2.73 1.20
N ILE A 52 -4.28 2.04 0.22
CA ILE A 52 -4.56 2.63 -1.09
C ILE A 52 -5.67 3.66 -0.91
N GLU A 53 -5.68 4.74 -1.68
CA GLU A 53 -6.77 5.70 -1.50
C GLU A 53 -8.11 4.98 -1.64
N ASP A 54 -9.23 5.69 -1.55
CA ASP A 54 -10.54 5.04 -1.66
C ASP A 54 -11.09 5.07 -3.08
N ALA A 55 -10.21 5.25 -4.04
CA ALA A 55 -10.59 5.30 -5.44
C ALA A 55 -10.00 4.12 -6.18
N TRP A 56 -8.85 3.69 -5.70
CA TRP A 56 -8.12 2.62 -6.35
C TRP A 56 -8.18 1.29 -5.66
N VAL A 57 -8.92 1.20 -4.58
CA VAL A 57 -9.01 -0.06 -3.91
C VAL A 57 -9.72 -1.03 -4.81
N GLU A 58 -10.71 -0.49 -5.52
CA GLU A 58 -11.47 -1.27 -6.47
C GLU A 58 -10.67 -1.37 -7.75
N ILE A 59 -9.52 -0.68 -7.77
CA ILE A 59 -8.62 -0.70 -8.92
C ILE A 59 -7.47 -1.63 -8.64
N VAL A 60 -7.01 -1.56 -7.40
CA VAL A 60 -5.88 -2.34 -6.96
C VAL A 60 -6.35 -3.67 -6.36
N GLY A 61 -6.89 -3.61 -5.14
CA GLY A 61 -7.41 -4.79 -4.46
C GLY A 61 -6.88 -6.09 -5.04
N GLU A 62 -5.57 -6.20 -5.15
CA GLU A 62 -4.94 -7.40 -5.71
C GLU A 62 -4.88 -8.51 -4.68
N ALA A 63 -5.01 -8.15 -3.42
CA ALA A 63 -4.94 -9.12 -2.33
C ALA A 63 -6.04 -10.18 -2.45
N ASN A 64 -5.71 -11.36 -1.99
CA ASN A 64 -6.64 -12.46 -1.96
C ASN A 64 -7.35 -12.43 -0.63
N PRO A 65 -8.27 -13.36 -0.42
CA PRO A 65 -9.04 -13.47 0.81
C PRO A 65 -8.20 -14.02 1.97
N ASP A 66 -6.88 -14.06 1.76
CA ASP A 66 -5.97 -14.57 2.79
C ASP A 66 -5.46 -13.45 3.67
N GLU A 67 -4.76 -12.50 3.06
CA GLU A 67 -4.20 -11.36 3.79
C GLU A 67 -5.28 -10.65 4.61
N ASN A 68 -6.50 -10.65 4.10
CA ASN A 68 -7.62 -10.01 4.78
C ASN A 68 -8.08 -10.85 5.97
N ASP A 69 -7.97 -12.16 5.83
CA ASP A 69 -8.38 -13.08 6.88
C ASP A 69 -7.30 -13.22 7.95
N LEU A 70 -6.06 -13.42 7.50
CA LEU A 70 -4.94 -13.57 8.42
C LEU A 70 -4.88 -12.42 9.41
N LEU A 71 -4.89 -11.19 8.90
CA LEU A 71 -4.83 -10.01 9.75
C LEU A 71 -6.06 -9.93 10.65
N GLN A 72 -7.23 -10.12 10.05
CA GLN A 72 -8.49 -10.06 10.81
C GLN A 72 -8.44 -11.02 11.99
N SER A 73 -7.75 -12.15 11.81
CA SER A 73 -7.63 -13.15 12.86
C SER A 73 -6.77 -12.63 14.02
N THR A 74 -6.16 -11.47 13.83
CA THR A 74 -5.31 -10.89 14.86
C THR A 74 -6.14 -10.03 15.80
N GLY A 75 -7.03 -9.21 15.24
CA GLY A 75 -7.87 -8.35 16.05
C GLY A 75 -7.79 -6.90 15.63
N GLU A 76 -7.04 -6.63 14.57
CA GLU A 76 -6.88 -5.27 14.06
C GLU A 76 -7.80 -5.02 12.88
N PRO A 77 -8.87 -4.24 13.10
CA PRO A 77 -9.84 -3.91 12.03
C PRO A 77 -9.15 -3.47 10.76
N MET A 78 -9.88 -3.53 9.64
CA MET A 78 -9.33 -3.14 8.35
C MET A 78 -10.15 -2.01 7.73
N THR A 79 -9.68 -1.51 6.59
CA THR A 79 -10.36 -0.44 5.89
C THR A 79 -10.25 -0.63 4.37
N ALA A 80 -11.37 -0.53 3.67
CA ALA A 80 -11.38 -0.71 2.23
C ALA A 80 -10.11 -0.15 1.59
N GLY A 81 -9.20 -1.05 1.23
CA GLY A 81 -7.95 -0.62 0.61
C GLY A 81 -6.72 -1.06 1.40
N THR A 82 -6.89 -1.26 2.70
CA THR A 82 -5.78 -1.67 3.55
C THR A 82 -5.30 -3.08 3.17
N ARG A 83 -4.05 -3.17 2.75
CA ARG A 83 -3.48 -4.45 2.35
C ARG A 83 -1.96 -4.37 2.26
N LEU A 84 -1.32 -5.51 2.03
CA LEU A 84 0.15 -5.56 1.91
C LEU A 84 0.59 -5.10 0.52
N SER A 85 0.56 -3.79 0.30
CA SER A 85 0.95 -3.23 -0.99
C SER A 85 2.38 -3.57 -1.37
N CYS A 86 3.22 -3.85 -0.36
CA CYS A 86 4.61 -4.18 -0.62
C CYS A 86 4.73 -5.31 -1.65
N GLN A 87 3.68 -6.11 -1.78
CA GLN A 87 3.69 -7.22 -2.73
C GLN A 87 2.81 -6.93 -3.94
N VAL A 88 2.15 -5.78 -3.93
CA VAL A 88 1.30 -5.39 -5.04
C VAL A 88 2.09 -4.54 -6.02
N PHE A 89 2.32 -5.05 -7.21
CA PHE A 89 3.11 -4.33 -8.20
C PHE A 89 2.27 -3.73 -9.32
N ILE A 90 2.63 -2.49 -9.64
CA ILE A 90 1.99 -1.71 -10.68
C ILE A 90 1.75 -2.53 -11.96
N ASP A 91 0.84 -2.04 -12.78
CA ASP A 91 0.47 -2.67 -14.03
C ASP A 91 -0.53 -1.73 -14.68
N PRO A 92 -0.87 -1.91 -15.96
CA PRO A 92 -1.83 -1.04 -16.66
C PRO A 92 -3.23 -1.15 -16.06
N SER A 93 -3.28 -1.18 -14.74
CA SER A 93 -4.50 -1.31 -13.97
C SER A 93 -4.47 -0.34 -12.78
N MET A 94 -3.26 -0.10 -12.27
CA MET A 94 -3.01 0.76 -11.15
C MET A 94 -2.09 1.90 -11.56
N ASP A 95 -2.39 2.50 -12.70
CA ASP A 95 -1.60 3.58 -13.23
C ASP A 95 -2.14 4.89 -12.71
N GLY A 96 -1.28 5.68 -12.10
CA GLY A 96 -1.74 6.92 -11.52
C GLY A 96 -2.45 6.60 -10.24
N LEU A 97 -2.01 5.49 -9.62
CA LEU A 97 -2.61 5.00 -8.38
C LEU A 97 -2.28 5.88 -7.20
N ILE A 98 -3.21 5.94 -6.27
CA ILE A 98 -3.04 6.75 -5.08
C ILE A 98 -2.85 5.91 -3.84
N VAL A 99 -1.89 6.28 -3.02
CA VAL A 99 -1.64 5.54 -1.82
C VAL A 99 -1.63 6.43 -0.58
N ARG A 100 -2.00 5.86 0.57
CA ARG A 100 -2.03 6.63 1.80
C ARG A 100 -1.61 5.79 3.01
N VAL A 101 -1.29 6.48 4.10
CA VAL A 101 -0.86 5.82 5.34
C VAL A 101 -1.59 6.43 6.54
N PRO A 102 -2.91 6.37 6.52
CA PRO A 102 -3.75 6.92 7.59
C PRO A 102 -3.98 5.93 8.73
N LEU A 103 -4.73 6.38 9.74
CA LEU A 103 -5.04 5.55 10.90
C LEU A 103 -6.38 5.97 11.51
N PRO A 104 -6.96 5.12 12.36
CA PRO A 104 -8.25 5.41 13.00
C PRO A 104 -8.13 6.47 14.10
N ALA A 105 -8.41 7.72 13.74
CA ALA A 105 -8.34 8.82 14.68
C ALA A 105 -9.66 9.55 14.78
FE1 FES B . 6.43 -7.76 4.85
FE2 FES B . 4.78 -6.30 3.37
S1 FES B . 4.48 -8.37 4.03
S2 FES B . 6.77 -5.72 4.10
N PRO A 1 4.40 4.00 -14.53
CA PRO A 1 3.23 4.89 -14.35
C PRO A 1 3.51 6.08 -13.47
N ARG A 2 2.42 6.67 -13.01
CA ARG A 2 2.47 7.82 -12.11
C ARG A 2 1.81 7.40 -10.81
N VAL A 3 2.01 8.12 -9.72
CA VAL A 3 1.40 7.69 -8.49
C VAL A 3 1.29 8.79 -7.47
N VAL A 4 0.48 8.54 -6.47
CA VAL A 4 0.29 9.52 -5.42
C VAL A 4 -0.02 8.87 -4.10
N PHE A 5 0.96 8.92 -3.23
CA PHE A 5 0.86 8.36 -1.89
C PHE A 5 0.34 9.44 -0.95
N ILE A 6 0.06 9.03 0.29
CA ILE A 6 -0.41 9.92 1.31
C ILE A 6 -0.11 9.35 2.68
N ASP A 7 -0.17 10.19 3.71
CA ASP A 7 0.11 9.72 5.06
C ASP A 7 -0.20 10.80 6.10
N GLU A 8 0.27 10.60 7.32
CA GLU A 8 0.03 11.55 8.40
C GLU A 8 1.25 12.45 8.63
N GLN A 9 2.38 12.09 8.02
CA GLN A 9 3.60 12.88 8.18
C GLN A 9 3.70 13.95 7.09
N SER A 10 2.63 14.12 6.33
CA SER A 10 2.59 15.11 5.26
C SER A 10 1.18 15.25 4.68
N GLY A 11 0.44 14.15 4.69
CA GLY A 11 -0.91 14.17 4.14
C GLY A 11 -0.92 14.04 2.64
N GLU A 12 0.18 13.56 2.10
CA GLU A 12 0.32 13.36 0.67
C GLU A 12 1.76 13.06 0.30
N TYR A 13 1.92 12.16 -0.65
CA TYR A 13 3.23 11.76 -1.10
C TYR A 13 3.21 11.42 -2.59
N ALA A 14 2.83 12.41 -3.40
CA ALA A 14 2.76 12.25 -4.84
C ALA A 14 4.00 11.59 -5.39
N VAL A 15 3.83 10.73 -6.37
CA VAL A 15 4.94 10.02 -6.96
C VAL A 15 4.57 9.35 -8.26
N ASP A 16 5.31 8.32 -8.58
CA ASP A 16 5.12 7.56 -9.77
C ASP A 16 5.75 6.22 -9.59
N ALA A 17 5.35 5.29 -10.40
CA ALA A 17 5.87 3.96 -10.29
C ALA A 17 6.12 3.35 -11.65
N GLN A 18 6.50 2.09 -11.66
CA GLN A 18 6.76 1.37 -12.89
C GLN A 18 6.24 -0.06 -12.80
N ASP A 19 5.44 -0.47 -13.79
CA ASP A 19 4.86 -1.80 -13.80
C ASP A 19 5.84 -2.82 -13.23
N GLY A 20 5.46 -3.36 -12.08
CA GLY A 20 6.30 -4.32 -11.40
C GLY A 20 6.69 -3.86 -10.01
N GLN A 21 6.25 -2.66 -9.63
CA GLN A 21 6.56 -2.14 -8.30
C GLN A 21 5.29 -1.84 -7.53
N SER A 22 5.35 -2.02 -6.23
CA SER A 22 4.20 -1.77 -5.38
C SER A 22 4.24 -0.36 -4.79
N LEU A 23 3.27 -0.06 -3.93
CA LEU A 23 3.21 1.26 -3.28
C LEU A 23 4.07 1.27 -2.03
N MET A 24 4.87 0.23 -1.87
CA MET A 24 5.76 0.13 -0.72
C MET A 24 7.16 0.54 -1.12
N GLU A 25 7.47 0.36 -2.40
CA GLU A 25 8.78 0.72 -2.92
C GLU A 25 8.79 2.14 -3.42
N VAL A 26 7.73 2.56 -4.09
CA VAL A 26 7.71 3.94 -4.55
C VAL A 26 8.08 4.81 -3.38
N ALA A 27 7.27 4.67 -2.34
CA ALA A 27 7.44 5.40 -1.11
C ALA A 27 8.89 5.79 -0.86
N THR A 28 9.69 4.80 -0.48
CA THR A 28 11.09 5.03 -0.19
C THR A 28 11.72 5.84 -1.31
N GLN A 29 11.20 5.65 -2.53
CA GLN A 29 11.70 6.38 -3.69
C GLN A 29 11.13 7.79 -3.72
N ASN A 30 9.91 7.96 -3.21
CA ASN A 30 9.25 9.26 -3.17
C ASN A 30 9.61 10.02 -1.91
N GLY A 31 10.54 9.47 -1.12
CA GLY A 31 10.92 10.11 0.11
C GLY A 31 9.91 9.84 1.22
N VAL A 32 8.85 9.15 0.85
CA VAL A 32 7.78 8.79 1.76
C VAL A 32 8.32 8.16 3.03
N PRO A 33 7.65 8.42 4.15
CA PRO A 33 8.00 7.91 5.47
C PRO A 33 8.72 6.57 5.41
N GLY A 34 8.36 5.77 4.41
CA GLY A 34 8.98 4.49 4.22
C GLY A 34 8.85 3.59 5.44
N ILE A 35 7.61 3.23 5.76
CA ILE A 35 7.37 2.37 6.91
C ILE A 35 7.38 0.90 6.50
N VAL A 36 8.32 0.56 5.61
CA VAL A 36 8.47 -0.81 5.13
C VAL A 36 9.92 -1.27 5.22
N ALA A 37 10.30 -2.20 4.35
CA ALA A 37 11.66 -2.73 4.34
C ALA A 37 11.84 -3.81 5.41
N GLU A 38 10.73 -4.25 5.99
CA GLU A 38 10.75 -5.28 7.02
C GLU A 38 11.07 -6.64 6.42
N CYS A 39 10.05 -7.27 5.84
CA CYS A 39 10.21 -8.58 5.23
C CYS A 39 10.70 -8.46 3.79
N GLY A 40 10.38 -7.35 3.14
CA GLY A 40 10.81 -7.13 1.78
C GLY A 40 10.26 -8.15 0.80
N GLY A 41 8.99 -7.98 0.42
CA GLY A 41 8.37 -8.89 -0.52
C GLY A 41 8.27 -10.31 0.03
N SER A 42 8.07 -10.42 1.33
CA SER A 42 7.95 -11.73 1.98
C SER A 42 6.54 -11.96 2.47
N CYS A 43 5.78 -10.88 2.62
CA CYS A 43 4.40 -10.96 3.09
C CYS A 43 4.32 -11.73 4.41
N VAL A 44 5.22 -11.42 5.32
CA VAL A 44 5.26 -12.08 6.62
C VAL A 44 5.18 -11.07 7.76
N CYS A 45 5.01 -9.79 7.41
CA CYS A 45 4.91 -8.74 8.42
C CYS A 45 3.71 -7.83 8.14
N ALA A 46 3.37 -7.00 9.12
CA ALA A 46 2.24 -6.09 8.98
C ALA A 46 2.65 -4.65 9.31
N THR A 47 3.93 -4.35 9.13
CA THR A 47 4.44 -3.01 9.41
C THR A 47 4.33 -2.12 8.17
N CYS A 48 4.09 -2.75 7.02
CA CYS A 48 3.96 -2.03 5.76
C CYS A 48 2.50 -1.75 5.44
N ARG A 49 1.60 -2.36 6.21
CA ARG A 49 0.17 -2.18 6.02
C ARG A 49 -0.16 -0.78 5.52
N ILE A 50 -0.39 -0.65 4.23
CA ILE A 50 -0.74 0.63 3.63
C ILE A 50 -2.20 0.64 3.18
N GLU A 51 -2.62 1.75 2.60
CA GLU A 51 -4.00 1.88 2.14
C GLU A 51 -4.09 2.63 0.82
N ILE A 52 -4.52 1.95 -0.23
CA ILE A 52 -4.70 2.56 -1.53
C ILE A 52 -5.84 3.55 -1.45
N GLU A 53 -5.80 4.66 -2.19
CA GLU A 53 -6.92 5.59 -2.09
C GLU A 53 -8.22 4.83 -2.37
N ASP A 54 -9.37 5.50 -2.30
CA ASP A 54 -10.64 4.82 -2.55
C ASP A 54 -11.06 4.92 -4.00
N ALA A 55 -10.10 5.14 -4.86
CA ALA A 55 -10.34 5.25 -6.29
C ALA A 55 -9.69 4.10 -7.03
N TRP A 56 -8.59 3.62 -6.45
CA TRP A 56 -7.80 2.58 -7.07
C TRP A 56 -7.85 1.24 -6.38
N VAL A 57 -8.67 1.11 -5.39
CA VAL A 57 -8.75 -0.16 -4.73
C VAL A 57 -9.29 -1.19 -5.70
N GLU A 58 -10.23 -0.75 -6.50
CA GLU A 58 -10.80 -1.59 -7.51
C GLU A 58 -9.88 -1.63 -8.72
N ILE A 59 -8.83 -0.81 -8.65
CA ILE A 59 -7.82 -0.76 -9.72
C ILE A 59 -6.61 -1.56 -9.33
N VAL A 60 -6.29 -1.49 -8.05
CA VAL A 60 -5.13 -2.16 -7.51
C VAL A 60 -5.48 -3.58 -7.08
N GLY A 61 -6.65 -3.73 -6.48
CA GLY A 61 -7.08 -5.06 -6.06
C GLY A 61 -6.48 -5.48 -4.74
N GLU A 62 -7.11 -5.08 -3.64
CA GLU A 62 -6.62 -5.42 -2.32
C GLU A 62 -6.32 -6.91 -2.23
N ALA A 63 -5.92 -7.33 -1.05
CA ALA A 63 -5.58 -8.73 -0.82
C ALA A 63 -6.81 -9.63 -0.71
N ASN A 64 -6.65 -10.85 -1.18
CA ASN A 64 -7.70 -11.84 -1.14
C ASN A 64 -8.17 -12.03 0.30
N PRO A 65 -9.15 -12.90 0.48
CA PRO A 65 -9.71 -13.23 1.79
C PRO A 65 -8.71 -13.97 2.68
N ASP A 66 -7.48 -14.16 2.17
CA ASP A 66 -6.44 -14.84 2.94
C ASP A 66 -5.65 -13.83 3.75
N GLU A 67 -5.11 -12.83 3.07
CA GLU A 67 -4.35 -11.78 3.74
C GLU A 67 -5.16 -11.20 4.89
N ASN A 68 -6.43 -10.91 4.60
CA ASN A 68 -7.33 -10.36 5.61
C ASN A 68 -7.57 -11.37 6.72
N ASP A 69 -7.62 -12.65 6.34
CA ASP A 69 -7.84 -13.72 7.30
C ASP A 69 -6.71 -13.77 8.32
N LEU A 70 -5.48 -13.63 7.82
CA LEU A 70 -4.30 -13.65 8.69
C LEU A 70 -4.37 -12.53 9.71
N LEU A 71 -4.86 -11.37 9.27
CA LEU A 71 -4.98 -10.21 10.14
C LEU A 71 -6.23 -10.31 11.00
N GLN A 72 -7.25 -10.98 10.47
CA GLN A 72 -8.51 -11.15 11.19
C GLN A 72 -8.31 -12.07 12.39
N SER A 73 -7.44 -13.05 12.24
CA SER A 73 -7.15 -13.99 13.32
C SER A 73 -6.67 -13.25 14.56
N THR A 74 -5.99 -12.13 14.35
CA THR A 74 -5.48 -11.32 15.45
C THR A 74 -6.61 -10.62 16.18
N GLY A 75 -7.48 -9.96 15.42
CA GLY A 75 -8.60 -9.25 16.02
C GLY A 75 -8.66 -7.79 15.60
N GLU A 76 -7.86 -7.44 14.59
CA GLU A 76 -7.84 -6.06 14.08
C GLU A 76 -8.59 -5.94 12.76
N PRO A 77 -9.73 -5.25 12.76
CA PRO A 77 -10.55 -5.06 11.56
C PRO A 77 -9.77 -4.35 10.45
N MET A 78 -10.44 -4.17 9.31
CA MET A 78 -9.83 -3.50 8.17
C MET A 78 -10.55 -2.20 7.84
N THR A 79 -10.02 -1.45 6.88
CA THR A 79 -10.62 -0.19 6.46
C THR A 79 -10.97 -0.22 4.98
N ALA A 80 -11.13 0.96 4.39
CA ALA A 80 -11.46 1.05 2.97
C ALA A 80 -10.21 1.12 2.11
N GLY A 81 -10.16 0.27 1.08
CA GLY A 81 -9.03 0.25 0.19
C GLY A 81 -7.77 -0.30 0.83
N THR A 82 -7.93 -1.06 1.91
CA THR A 82 -6.80 -1.65 2.60
C THR A 82 -6.13 -2.72 1.74
N ARG A 83 -4.80 -2.69 1.69
CA ARG A 83 -4.04 -3.64 0.90
C ARG A 83 -2.55 -3.57 1.21
N LEU A 84 -1.91 -4.74 1.31
CA LEU A 84 -0.48 -4.79 1.61
C LEU A 84 0.31 -4.03 0.55
N SER A 85 0.97 -2.96 0.99
CA SER A 85 1.75 -2.12 0.08
C SER A 85 2.77 -2.94 -0.71
N CYS A 86 3.42 -3.89 -0.04
CA CYS A 86 4.42 -4.73 -0.68
C CYS A 86 3.83 -6.01 -1.26
N GLN A 87 2.57 -5.94 -1.69
CA GLN A 87 1.91 -7.13 -2.24
C GLN A 87 1.41 -6.88 -3.67
N VAL A 88 1.11 -5.63 -4.00
CA VAL A 88 0.61 -5.30 -5.32
C VAL A 88 1.62 -4.52 -6.13
N PHE A 89 1.92 -5.00 -7.35
CA PHE A 89 2.90 -4.34 -8.22
C PHE A 89 2.24 -3.65 -9.41
N ILE A 90 2.74 -2.45 -9.69
CA ILE A 90 2.28 -1.64 -10.78
C ILE A 90 2.11 -2.44 -12.08
N ASP A 91 1.34 -1.87 -13.00
CA ASP A 91 1.06 -2.48 -14.28
C ASP A 91 0.12 -1.52 -15.01
N PRO A 92 -0.15 -1.72 -16.30
CA PRO A 92 -1.07 -0.85 -17.06
C PRO A 92 -2.49 -0.94 -16.52
N SER A 93 -2.59 -0.89 -15.19
CA SER A 93 -3.85 -0.98 -14.47
C SER A 93 -3.82 -0.03 -13.27
N MET A 94 -2.65 0.06 -12.64
CA MET A 94 -2.44 0.90 -11.48
C MET A 94 -1.49 2.03 -11.85
N ASP A 95 -1.71 2.61 -13.01
CA ASP A 95 -0.89 3.68 -13.49
C ASP A 95 -1.46 5.00 -13.03
N GLY A 96 -0.65 5.79 -12.34
CA GLY A 96 -1.14 7.03 -11.80
C GLY A 96 -1.96 6.72 -10.57
N LEU A 97 -1.60 5.61 -9.93
CA LEU A 97 -2.31 5.12 -8.74
C LEU A 97 -2.03 5.98 -7.52
N ILE A 98 -2.98 5.98 -6.61
CA ILE A 98 -2.88 6.78 -5.41
C ILE A 98 -2.79 5.92 -4.16
N VAL A 99 -1.90 6.29 -3.26
CA VAL A 99 -1.74 5.55 -2.03
C VAL A 99 -1.93 6.40 -0.79
N ARG A 100 -2.50 5.80 0.26
CA ARG A 100 -2.74 6.50 1.52
C ARG A 100 -2.33 5.65 2.72
N VAL A 101 -2.15 6.31 3.87
CA VAL A 101 -1.75 5.60 5.09
C VAL A 101 -2.69 5.94 6.25
N PRO A 102 -3.06 4.92 7.04
CA PRO A 102 -3.95 5.09 8.19
C PRO A 102 -3.29 5.86 9.33
N LEU A 103 -4.03 6.00 10.43
CA LEU A 103 -3.54 6.71 11.60
C LEU A 103 -2.56 5.85 12.38
N PRO A 104 -1.61 6.49 13.09
CA PRO A 104 -0.60 5.78 13.88
C PRO A 104 -1.17 5.23 15.19
N ALA A 105 -1.48 3.94 15.19
CA ALA A 105 -2.02 3.29 16.38
C ALA A 105 -2.38 1.83 16.10
FE1 FES B . 6.35 -7.23 5.21
FE2 FES B . 4.88 -5.90 3.43
S1 FES B . 6.89 -5.38 4.16
S2 FES B . 4.29 -7.67 4.59
N PRO A 1 3.98 3.45 -14.45
CA PRO A 1 2.84 4.39 -14.29
C PRO A 1 3.19 5.61 -13.48
N ARG A 2 2.13 6.26 -13.02
CA ARG A 2 2.24 7.44 -12.17
C ARG A 2 1.61 7.09 -10.83
N VAL A 3 1.84 7.87 -9.79
CA VAL A 3 1.26 7.50 -8.54
C VAL A 3 1.19 8.64 -7.56
N VAL A 4 0.52 8.40 -6.45
CA VAL A 4 0.41 9.42 -5.43
C VAL A 4 0.15 8.83 -4.07
N PHE A 5 1.16 8.95 -3.23
CA PHE A 5 1.10 8.45 -1.87
C PHE A 5 0.64 9.56 -0.93
N ILE A 6 0.49 9.20 0.34
CA ILE A 6 0.08 10.12 1.37
C ILE A 6 0.63 9.70 2.71
N ASP A 7 0.68 10.63 3.66
CA ASP A 7 1.19 10.32 4.98
C ASP A 7 0.94 11.47 5.96
N GLU A 8 1.12 11.18 7.23
CA GLU A 8 0.93 12.14 8.29
C GLU A 8 2.17 13.03 8.45
N GLN A 9 3.18 12.76 7.62
CA GLN A 9 4.42 13.52 7.66
C GLN A 9 4.31 14.72 6.73
N SER A 10 3.65 14.52 5.60
CA SER A 10 3.47 15.59 4.62
C SER A 10 2.05 15.62 4.06
N GLY A 11 1.21 14.68 4.50
CA GLY A 11 -0.16 14.64 4.04
C GLY A 11 -0.26 14.40 2.54
N GLU A 12 0.80 13.87 1.96
CA GLU A 12 0.84 13.58 0.54
C GLU A 12 2.24 13.21 0.09
N TYR A 13 2.30 12.26 -0.82
CA TYR A 13 3.57 11.79 -1.35
C TYR A 13 3.44 11.38 -2.81
N ALA A 14 3.09 12.36 -3.64
CA ALA A 14 2.92 12.14 -5.08
C ALA A 14 4.13 11.45 -5.68
N VAL A 15 3.88 10.50 -6.57
CA VAL A 15 4.95 9.76 -7.19
C VAL A 15 4.49 9.05 -8.45
N ASP A 16 5.21 8.02 -8.78
CA ASP A 16 4.96 7.21 -9.93
C ASP A 16 5.55 5.86 -9.69
N ALA A 17 5.11 4.92 -10.47
CA ALA A 17 5.59 3.57 -10.32
C ALA A 17 5.77 2.89 -11.66
N GLN A 18 6.04 1.60 -11.61
CA GLN A 18 6.23 0.81 -12.82
C GLN A 18 5.61 -0.57 -12.65
N ASP A 19 4.90 -1.04 -13.68
CA ASP A 19 4.27 -2.35 -13.61
C ASP A 19 5.24 -3.35 -13.01
N GLY A 20 4.97 -3.73 -11.77
CA GLY A 20 5.83 -4.66 -11.07
C GLY A 20 6.36 -4.05 -9.79
N GLN A 21 6.10 -2.76 -9.59
CA GLN A 21 6.54 -2.07 -8.37
C GLN A 21 5.36 -1.90 -7.44
N SER A 22 5.59 -2.07 -6.15
CA SER A 22 4.53 -1.93 -5.17
C SER A 22 4.43 -0.49 -4.69
N LEU A 23 3.34 -0.19 -3.98
CA LEU A 23 3.12 1.15 -3.44
C LEU A 23 3.91 1.35 -2.15
N MET A 24 4.75 0.38 -1.83
CA MET A 24 5.59 0.46 -0.64
C MET A 24 6.99 0.84 -1.08
N GLU A 25 7.39 0.30 -2.23
CA GLU A 25 8.70 0.58 -2.79
C GLU A 25 8.73 1.94 -3.42
N VAL A 26 7.66 2.36 -4.08
CA VAL A 26 7.68 3.69 -4.64
C VAL A 26 8.12 4.63 -3.55
N ALA A 27 7.37 4.57 -2.47
CA ALA A 27 7.61 5.37 -1.28
C ALA A 27 9.07 5.75 -1.12
N THR A 28 9.87 4.78 -0.71
CA THR A 28 11.29 5.01 -0.48
C THR A 28 11.87 5.74 -1.67
N GLN A 29 11.29 5.51 -2.85
CA GLN A 29 11.75 6.16 -4.07
C GLN A 29 11.21 7.59 -4.15
N ASN A 30 10.04 7.81 -3.58
CA ASN A 30 9.39 9.13 -3.59
C ASN A 30 9.81 9.95 -2.38
N GLY A 31 10.76 9.42 -1.61
CA GLY A 31 11.20 10.12 -0.41
C GLY A 31 10.23 9.89 0.73
N VAL A 32 9.15 9.17 0.43
CA VAL A 32 8.12 8.85 1.40
C VAL A 32 8.75 8.30 2.69
N PRO A 33 8.03 8.40 3.83
CA PRO A 33 8.53 7.98 5.13
C PRO A 33 8.52 6.47 5.35
N GLY A 34 8.31 5.71 4.27
CA GLY A 34 8.30 4.26 4.37
C GLY A 34 7.70 3.79 5.67
N ILE A 35 6.39 3.95 5.81
CA ILE A 35 5.68 3.55 7.02
C ILE A 35 5.62 2.04 7.17
N VAL A 36 6.78 1.38 7.15
CA VAL A 36 6.87 -0.07 7.30
C VAL A 36 8.06 -0.63 6.52
N ALA A 37 8.71 -1.63 7.10
CA ALA A 37 9.87 -2.27 6.47
C ALA A 37 10.43 -3.38 7.34
N GLU A 38 9.55 -4.24 7.82
CA GLU A 38 9.97 -5.36 8.67
C GLU A 38 10.50 -6.51 7.84
N CYS A 39 9.63 -7.05 6.98
CA CYS A 39 10.01 -8.15 6.11
C CYS A 39 10.48 -7.64 4.75
N GLY A 40 9.83 -6.57 4.28
CA GLY A 40 10.19 -5.99 3.00
C GLY A 40 10.66 -7.01 1.98
N GLY A 41 9.78 -7.95 1.64
CA GLY A 41 10.13 -8.97 0.66
C GLY A 41 10.33 -10.34 1.26
N SER A 42 10.41 -10.40 2.59
CA SER A 42 10.60 -11.68 3.28
C SER A 42 9.26 -12.33 3.58
N CYS A 43 8.19 -11.54 3.55
CA CYS A 43 6.85 -12.05 3.81
C CYS A 43 6.79 -12.73 5.18
N VAL A 44 7.06 -11.95 6.23
CA VAL A 44 7.02 -12.48 7.59
C VAL A 44 6.36 -11.50 8.54
N CYS A 45 5.79 -10.43 8.00
CA CYS A 45 5.12 -9.43 8.82
C CYS A 45 3.74 -9.11 8.25
N ALA A 46 3.04 -8.19 8.92
CA ALA A 46 1.70 -7.80 8.49
C ALA A 46 1.39 -6.36 8.92
N THR A 47 2.43 -5.61 9.25
CA THR A 47 2.27 -4.22 9.68
C THR A 47 2.33 -3.28 8.48
N CYS A 48 2.20 -3.85 7.29
CA CYS A 48 2.25 -3.06 6.06
C CYS A 48 0.86 -2.91 5.47
N ARG A 49 -0.13 -2.68 6.33
CA ARG A 49 -1.51 -2.52 5.89
C ARG A 49 -1.75 -1.11 5.36
N ILE A 50 -0.97 -0.71 4.37
CA ILE A 50 -1.11 0.63 3.78
C ILE A 50 -2.55 0.81 3.29
N GLU A 51 -2.85 2.01 2.78
CA GLU A 51 -4.20 2.28 2.30
C GLU A 51 -4.22 2.98 0.95
N ILE A 52 -4.79 2.31 -0.04
CA ILE A 52 -4.94 2.87 -1.39
C ILE A 52 -5.98 3.97 -1.31
N GLU A 53 -5.87 5.04 -2.11
CA GLU A 53 -6.90 6.08 -2.01
C GLU A 53 -8.27 5.42 -2.19
N ASP A 54 -9.36 6.19 -2.10
CA ASP A 54 -10.69 5.60 -2.25
C ASP A 54 -11.17 5.68 -3.70
N ALA A 55 -10.22 5.76 -4.60
CA ALA A 55 -10.51 5.82 -6.03
C ALA A 55 -9.99 4.59 -6.73
N TRP A 56 -8.90 4.07 -6.20
CA TRP A 56 -8.22 2.95 -6.80
C TRP A 56 -8.37 1.63 -6.09
N VAL A 57 -9.10 1.60 -5.02
CA VAL A 57 -9.30 0.35 -4.34
C VAL A 57 -10.03 -0.59 -5.27
N GLU A 58 -10.96 -0.03 -6.00
CA GLU A 58 -11.73 -0.78 -6.96
C GLU A 58 -10.90 -0.95 -8.23
N ILE A 59 -9.74 -0.28 -8.25
CA ILE A 59 -8.81 -0.37 -9.36
C ILE A 59 -7.71 -1.35 -9.01
N VAL A 60 -7.31 -1.29 -7.76
CA VAL A 60 -6.26 -2.12 -7.24
C VAL A 60 -6.83 -3.42 -6.67
N GLY A 61 -7.30 -3.37 -5.41
CA GLY A 61 -7.88 -4.55 -4.76
C GLY A 61 -7.53 -5.84 -5.47
N GLU A 62 -6.24 -6.05 -5.71
CA GLU A 62 -5.76 -7.23 -6.42
C GLU A 62 -5.45 -8.38 -5.48
N ALA A 63 -5.32 -8.09 -4.20
CA ALA A 63 -5.00 -9.12 -3.22
C ALA A 63 -5.88 -10.33 -3.41
N ASN A 64 -5.38 -11.47 -2.95
CA ASN A 64 -6.12 -12.69 -3.00
C ASN A 64 -6.92 -12.83 -1.72
N PRO A 65 -7.68 -13.90 -1.62
CA PRO A 65 -8.49 -14.20 -0.45
C PRO A 65 -7.63 -14.81 0.66
N ASP A 66 -6.31 -14.70 0.49
CA ASP A 66 -5.36 -15.23 1.45
C ASP A 66 -4.96 -14.17 2.47
N GLU A 67 -4.31 -13.12 1.97
CA GLU A 67 -3.85 -12.02 2.83
C GLU A 67 -5.02 -11.38 3.57
N ASN A 68 -6.21 -11.48 2.98
CA ASN A 68 -7.40 -10.90 3.60
C ASN A 68 -7.83 -11.74 4.80
N ASP A 69 -7.71 -13.05 4.67
CA ASP A 69 -8.07 -13.97 5.75
C ASP A 69 -6.92 -14.07 6.75
N LEU A 70 -5.70 -13.90 6.25
CA LEU A 70 -4.52 -13.95 7.10
C LEU A 70 -4.48 -12.73 8.02
N LEU A 71 -5.17 -11.67 7.61
CA LEU A 71 -5.22 -10.45 8.39
C LEU A 71 -6.37 -10.51 9.40
N GLN A 72 -7.51 -10.98 8.95
CA GLN A 72 -8.69 -11.10 9.82
C GLN A 72 -8.34 -11.84 11.11
N SER A 73 -7.45 -12.82 10.99
CA SER A 73 -7.04 -13.62 12.14
C SER A 73 -6.11 -12.83 13.06
N THR A 74 -5.42 -11.83 12.49
CA THR A 74 -4.50 -11.01 13.26
C THR A 74 -5.17 -10.48 14.53
N GLY A 75 -6.28 -9.76 14.36
CA GLY A 75 -6.98 -9.21 15.50
C GLY A 75 -7.03 -7.70 15.48
N GLU A 76 -6.33 -7.11 14.53
CA GLU A 76 -6.30 -5.65 14.39
C GLU A 76 -7.38 -5.17 13.44
N PRO A 77 -8.13 -4.13 13.84
CA PRO A 77 -9.21 -3.56 13.04
C PRO A 77 -8.75 -3.22 11.62
N MET A 78 -9.68 -2.74 10.80
CA MET A 78 -9.38 -2.38 9.43
C MET A 78 -10.30 -1.27 8.93
N THR A 79 -10.21 -0.97 7.64
CA THR A 79 -11.05 0.07 7.05
C THR A 79 -11.25 -0.19 5.56
N ALA A 80 -11.73 0.83 4.84
CA ALA A 80 -11.98 0.70 3.41
C ALA A 80 -10.74 1.09 2.59
N GLY A 81 -10.50 0.33 1.53
CA GLY A 81 -9.37 0.60 0.66
C GLY A 81 -8.05 0.06 1.22
N THR A 82 -8.07 -0.36 2.48
CA THR A 82 -6.88 -0.89 3.13
C THR A 82 -6.30 -2.04 2.30
N ARG A 83 -4.98 -2.16 2.30
CA ARG A 83 -4.31 -3.22 1.55
C ARG A 83 -2.89 -3.45 2.05
N LEU A 84 -2.22 -4.44 1.49
CA LEU A 84 -0.87 -4.77 1.88
C LEU A 84 0.13 -3.94 1.06
N SER A 85 1.01 -3.23 1.75
CA SER A 85 2.00 -2.39 1.10
C SER A 85 2.93 -3.19 0.20
N CYS A 86 3.45 -4.29 0.71
CA CYS A 86 4.37 -5.13 -0.07
C CYS A 86 3.64 -6.22 -0.85
N GLN A 87 2.33 -6.07 -1.00
CA GLN A 87 1.54 -7.07 -1.73
C GLN A 87 0.87 -6.43 -2.95
N VAL A 88 0.77 -5.11 -2.93
CA VAL A 88 0.16 -4.39 -4.03
C VAL A 88 1.23 -3.97 -5.04
N PHE A 89 1.05 -4.36 -6.29
CA PHE A 89 2.02 -4.03 -7.33
C PHE A 89 1.37 -3.37 -8.55
N ILE A 90 2.19 -2.62 -9.27
CA ILE A 90 1.78 -1.90 -10.45
C ILE A 90 1.53 -2.82 -11.65
N ASP A 91 0.69 -2.33 -12.56
CA ASP A 91 0.31 -3.03 -13.77
C ASP A 91 -0.59 -2.08 -14.56
N PRO A 92 -0.89 -2.36 -15.82
CA PRO A 92 -1.76 -1.50 -16.63
C PRO A 92 -3.18 -1.48 -16.09
N SER A 93 -3.26 -1.31 -14.78
CA SER A 93 -4.52 -1.29 -14.04
C SER A 93 -4.43 -0.26 -12.90
N MET A 94 -3.25 -0.20 -12.30
CA MET A 94 -2.97 0.70 -11.20
C MET A 94 -1.95 1.74 -11.63
N ASP A 95 -2.15 2.29 -12.82
CA ASP A 95 -1.27 3.27 -13.36
C ASP A 95 -1.75 4.64 -12.95
N GLY A 96 -0.92 5.37 -12.24
CA GLY A 96 -1.35 6.65 -11.75
C GLY A 96 -2.18 6.42 -10.53
N LEU A 97 -1.88 5.32 -9.85
CA LEU A 97 -2.61 4.92 -8.66
C LEU A 97 -2.23 5.76 -7.46
N ILE A 98 -3.20 5.98 -6.60
CA ILE A 98 -3.01 6.82 -5.44
C ILE A 98 -2.97 6.03 -4.15
N VAL A 99 -2.06 6.39 -3.28
CA VAL A 99 -1.95 5.70 -2.02
C VAL A 99 -2.34 6.57 -0.83
N ARG A 100 -2.21 5.99 0.37
CA ARG A 100 -2.55 6.68 1.62
C ARG A 100 -2.00 5.91 2.81
N VAL A 101 -1.41 6.62 3.77
CA VAL A 101 -0.86 5.97 4.96
C VAL A 101 -1.82 6.10 6.13
N PRO A 102 -2.06 4.99 6.85
CA PRO A 102 -2.96 4.96 8.01
C PRO A 102 -2.68 6.07 9.00
N LEU A 103 -3.23 5.90 10.18
CA LEU A 103 -3.07 6.87 11.26
C LEU A 103 -2.47 6.23 12.51
N PRO A 104 -1.58 6.96 13.20
CA PRO A 104 -0.91 6.49 14.40
C PRO A 104 -1.78 5.55 15.23
N ALA A 105 -1.37 4.28 15.30
CA ALA A 105 -2.11 3.28 16.07
C ALA A 105 -1.17 2.35 16.81
FE1 FES B . 6.00 -7.44 5.66
FE2 FES B . 4.27 -6.58 3.82
S1 FES B . 4.16 -8.43 4.98
S2 FES B . 6.04 -5.53 4.58
N PRO A 1 3.85 3.66 -14.37
CA PRO A 1 2.72 4.60 -14.18
C PRO A 1 3.08 5.81 -13.34
N ARG A 2 2.03 6.48 -12.89
CA ARG A 2 2.13 7.65 -12.03
C ARG A 2 1.50 7.28 -10.70
N VAL A 3 1.74 8.03 -9.63
CA VAL A 3 1.15 7.64 -8.39
C VAL A 3 1.12 8.77 -7.38
N VAL A 4 0.33 8.55 -6.34
CA VAL A 4 0.21 9.54 -5.29
C VAL A 4 -0.05 8.90 -3.95
N PHE A 5 0.96 8.95 -3.11
CA PHE A 5 0.90 8.42 -1.76
C PHE A 5 0.47 9.52 -0.81
N ILE A 6 0.24 9.14 0.45
CA ILE A 6 -0.15 10.07 1.47
C ILE A 6 0.23 9.56 2.85
N ASP A 7 0.27 10.46 3.82
CA ASP A 7 0.63 10.08 5.17
C ASP A 7 0.41 11.23 6.15
N GLU A 8 0.77 11.01 7.40
CA GLU A 8 0.60 12.01 8.45
C GLU A 8 1.86 12.86 8.60
N GLN A 9 2.88 12.56 7.81
CA GLN A 9 4.14 13.30 7.86
C GLN A 9 4.11 14.49 6.91
N SER A 10 3.46 14.28 5.76
CA SER A 10 3.35 15.34 4.75
C SER A 10 1.92 15.43 4.21
N GLY A 11 1.03 14.59 4.71
CA GLY A 11 -0.36 14.61 4.24
C GLY A 11 -0.46 14.37 2.75
N GLU A 12 0.59 13.81 2.18
CA GLU A 12 0.63 13.51 0.75
C GLU A 12 2.05 13.14 0.33
N TYR A 13 2.12 12.22 -0.61
CA TYR A 13 3.40 11.74 -1.12
C TYR A 13 3.29 11.38 -2.59
N ALA A 14 2.94 12.37 -3.40
CA ALA A 14 2.80 12.19 -4.83
C ALA A 14 4.01 11.48 -5.41
N VAL A 15 3.76 10.60 -6.38
CA VAL A 15 4.83 9.85 -6.99
C VAL A 15 4.38 9.16 -8.27
N ASP A 16 5.08 8.11 -8.59
CA ASP A 16 4.83 7.32 -9.76
C ASP A 16 5.41 5.96 -9.56
N ALA A 17 4.96 5.04 -10.34
CA ALA A 17 5.43 3.69 -10.22
C ALA A 17 5.62 3.03 -11.58
N GLN A 18 6.00 1.76 -11.56
CA GLN A 18 6.22 1.01 -12.79
C GLN A 18 5.62 -0.39 -12.68
N ASP A 19 4.80 -0.75 -13.66
CA ASP A 19 4.17 -2.06 -13.67
C ASP A 19 5.11 -3.11 -13.12
N GLY A 20 4.78 -3.61 -11.94
CA GLY A 20 5.61 -4.61 -11.30
C GLY A 20 6.11 -4.14 -9.95
N GLN A 21 5.80 -2.90 -9.59
CA GLN A 21 6.21 -2.35 -8.31
C GLN A 21 5.00 -2.08 -7.43
N SER A 22 5.22 -2.08 -6.13
CA SER A 22 4.14 -1.85 -5.20
C SER A 22 4.12 -0.42 -4.69
N LEU A 23 3.20 -0.15 -3.77
CA LEU A 23 3.08 1.18 -3.17
C LEU A 23 3.96 1.29 -1.93
N MET A 24 4.75 0.25 -1.69
CA MET A 24 5.67 0.25 -0.55
C MET A 24 7.05 0.62 -1.03
N GLU A 25 7.35 0.27 -2.27
CA GLU A 25 8.64 0.57 -2.86
C GLU A 25 8.65 1.96 -3.43
N VAL A 26 7.56 2.39 -4.06
CA VAL A 26 7.54 3.73 -4.56
C VAL A 26 7.96 4.64 -3.42
N ALA A 27 7.20 4.54 -2.36
CA ALA A 27 7.42 5.29 -1.14
C ALA A 27 8.89 5.68 -0.96
N THR A 28 9.69 4.69 -0.61
CA THR A 28 11.11 4.93 -0.38
C THR A 28 11.69 5.73 -1.53
N GLN A 29 11.13 5.55 -2.72
CA GLN A 29 11.57 6.29 -3.89
C GLN A 29 10.98 7.70 -3.93
N ASN A 30 9.79 7.85 -3.36
CA ASN A 30 9.10 9.14 -3.33
C ASN A 30 9.49 9.97 -2.11
N GLY A 31 10.45 9.47 -1.34
CA GLY A 31 10.86 10.17 -0.13
C GLY A 31 9.86 9.99 1.00
N VAL A 32 8.87 9.15 0.73
CA VAL A 32 7.81 8.83 1.69
C VAL A 32 8.41 8.37 3.02
N PRO A 33 7.61 8.41 4.13
CA PRO A 33 8.11 8.07 5.47
C PRO A 33 8.57 6.62 5.61
N GLY A 34 9.63 6.30 4.89
CA GLY A 34 10.22 4.97 4.94
C GLY A 34 9.19 3.87 5.09
N ILE A 35 8.55 3.54 3.97
CA ILE A 35 7.56 2.47 3.96
C ILE A 35 8.22 1.10 3.81
N VAL A 36 9.31 0.89 4.54
CA VAL A 36 10.04 -0.37 4.48
C VAL A 36 9.53 -1.36 5.53
N ALA A 37 10.01 -2.60 5.44
CA ALA A 37 9.60 -3.64 6.39
C ALA A 37 10.78 -4.53 6.76
N GLU A 38 10.53 -5.49 7.65
CA GLU A 38 11.58 -6.42 8.08
C GLU A 38 11.57 -7.68 7.24
N CYS A 39 10.46 -7.94 6.56
CA CYS A 39 10.33 -9.12 5.72
C CYS A 39 10.74 -8.82 4.29
N GLY A 40 10.98 -7.55 4.00
CA GLY A 40 11.37 -7.17 2.65
C GLY A 40 10.60 -7.90 1.58
N GLY A 41 9.30 -8.06 1.80
CA GLY A 41 8.47 -8.75 0.83
C GLY A 41 8.40 -10.25 1.09
N SER A 42 8.94 -10.69 2.22
CA SER A 42 8.94 -12.09 2.58
C SER A 42 7.66 -12.48 3.31
N CYS A 43 6.66 -11.61 3.26
CA CYS A 43 5.38 -11.86 3.93
C CYS A 43 5.60 -12.37 5.35
N VAL A 44 6.27 -11.56 6.17
CA VAL A 44 6.54 -11.92 7.56
C VAL A 44 6.47 -10.69 8.46
N CYS A 45 5.60 -9.75 8.11
CA CYS A 45 5.44 -8.53 8.89
C CYS A 45 4.14 -7.80 8.55
N ALA A 46 3.91 -6.69 9.22
CA ALA A 46 2.71 -5.88 9.00
C ALA A 46 3.03 -4.39 9.01
N THR A 47 4.31 -4.07 9.00
CA THR A 47 4.75 -2.68 9.01
C THR A 47 4.51 -2.02 7.64
N CYS A 48 4.00 -2.80 6.70
CA CYS A 48 3.72 -2.30 5.36
C CYS A 48 2.26 -1.90 5.22
N ARG A 49 1.62 -1.62 6.35
CA ARG A 49 0.21 -1.23 6.35
C ARG A 49 -0.04 -0.06 5.40
N ILE A 50 -0.17 -0.36 4.12
CA ILE A 50 -0.43 0.66 3.11
C ILE A 50 -1.92 0.78 2.85
N GLU A 51 -2.36 1.97 2.47
CA GLU A 51 -3.77 2.19 2.21
C GLU A 51 -4.03 2.86 0.87
N ILE A 52 -4.57 2.11 -0.07
CA ILE A 52 -4.91 2.63 -1.39
C ILE A 52 -6.04 3.63 -1.23
N GLU A 53 -5.98 4.78 -1.92
CA GLU A 53 -7.08 5.73 -1.76
C GLU A 53 -8.41 5.00 -2.05
N ASP A 54 -9.54 5.68 -1.90
CA ASP A 54 -10.84 5.03 -2.16
C ASP A 54 -11.29 5.20 -3.59
N ALA A 55 -10.33 5.43 -4.47
CA ALA A 55 -10.60 5.60 -5.88
C ALA A 55 -10.00 4.46 -6.67
N TRP A 56 -8.95 3.89 -6.12
CA TRP A 56 -8.21 2.85 -6.78
C TRP A 56 -8.32 1.49 -6.15
N VAL A 57 -9.15 1.33 -5.15
CA VAL A 57 -9.29 0.05 -4.55
C VAL A 57 -9.94 -0.88 -5.54
N GLU A 58 -10.86 -0.31 -6.30
CA GLU A 58 -11.52 -1.05 -7.35
C GLU A 58 -10.62 -1.10 -8.57
N ILE A 59 -9.49 -0.41 -8.47
CA ILE A 59 -8.51 -0.37 -9.56
C ILE A 59 -7.33 -1.24 -9.23
N VAL A 60 -7.01 -1.26 -7.94
CA VAL A 60 -5.87 -1.99 -7.45
C VAL A 60 -6.22 -3.41 -7.04
N GLY A 61 -7.15 -3.52 -6.11
CA GLY A 61 -7.49 -4.84 -5.63
C GLY A 61 -6.22 -5.53 -5.18
N GLU A 62 -5.60 -4.94 -4.17
CA GLU A 62 -4.33 -5.42 -3.63
C GLU A 62 -4.34 -6.93 -3.35
N ALA A 63 -4.10 -7.33 -2.10
CA ALA A 63 -4.09 -8.74 -1.77
C ALA A 63 -5.48 -9.35 -1.80
N ASN A 64 -5.51 -10.68 -1.91
CA ASN A 64 -6.72 -11.44 -1.95
C ASN A 64 -7.18 -11.78 -0.54
N PRO A 65 -8.24 -12.59 -0.44
CA PRO A 65 -8.81 -13.02 0.83
C PRO A 65 -7.89 -13.93 1.64
N ASP A 66 -6.68 -14.17 1.15
CA ASP A 66 -5.72 -15.01 1.86
C ASP A 66 -4.91 -14.18 2.83
N GLU A 67 -4.58 -12.96 2.42
CA GLU A 67 -3.82 -12.05 3.27
C GLU A 67 -4.75 -11.28 4.19
N ASN A 68 -5.91 -10.89 3.66
CA ASN A 68 -6.90 -10.16 4.43
C ASN A 68 -7.52 -11.05 5.50
N ASP A 69 -7.53 -12.35 5.23
CA ASP A 69 -8.09 -13.33 6.16
C ASP A 69 -7.07 -13.69 7.22
N LEU A 70 -5.79 -13.70 6.83
CA LEU A 70 -4.72 -14.03 7.76
C LEU A 70 -4.46 -12.86 8.71
N LEU A 71 -4.83 -11.66 8.29
CA LEU A 71 -4.65 -10.47 9.12
C LEU A 71 -5.83 -10.28 10.06
N GLN A 72 -7.03 -10.56 9.55
CA GLN A 72 -8.24 -10.43 10.35
C GLN A 72 -8.23 -11.38 11.54
N SER A 73 -7.56 -12.51 11.37
CA SER A 73 -7.45 -13.51 12.43
C SER A 73 -6.96 -12.88 13.73
N THR A 74 -6.31 -11.72 13.61
CA THR A 74 -5.79 -11.01 14.77
C THR A 74 -6.92 -10.42 15.60
N GLY A 75 -7.92 -9.87 14.91
CA GLY A 75 -9.05 -9.27 15.59
C GLY A 75 -9.06 -7.75 15.46
N GLU A 76 -8.39 -7.24 14.44
CA GLU A 76 -8.33 -5.80 14.21
C GLU A 76 -9.03 -5.44 12.90
N PRO A 77 -10.19 -4.77 13.00
CA PRO A 77 -10.98 -4.36 11.83
C PRO A 77 -10.15 -3.57 10.82
N MET A 78 -10.63 -3.52 9.58
CA MET A 78 -9.94 -2.80 8.52
C MET A 78 -10.91 -1.90 7.74
N THR A 79 -10.41 -1.29 6.67
CA THR A 79 -11.23 -0.42 5.85
C THR A 79 -11.12 -0.80 4.36
N ALA A 80 -11.75 -0.01 3.51
CA ALA A 80 -11.72 -0.26 2.07
C ALA A 80 -10.40 0.19 1.46
N GLY A 81 -9.72 -0.73 0.79
CA GLY A 81 -8.45 -0.42 0.17
C GLY A 81 -7.27 -0.67 1.10
N THR A 82 -7.56 -1.09 2.32
CA THR A 82 -6.52 -1.38 3.30
C THR A 82 -5.87 -2.72 3.02
N ARG A 83 -4.59 -2.70 2.65
CA ARG A 83 -3.86 -3.93 2.36
C ARG A 83 -2.36 -3.64 2.19
N LEU A 84 -1.53 -4.61 2.54
CA LEU A 84 -0.09 -4.45 2.41
C LEU A 84 0.28 -4.23 0.94
N SER A 85 1.29 -3.40 0.70
CA SER A 85 1.72 -3.09 -0.65
C SER A 85 2.81 -4.03 -1.15
N CYS A 86 3.64 -4.52 -0.23
CA CYS A 86 4.74 -5.41 -0.60
C CYS A 86 4.27 -6.52 -1.54
N GLN A 87 2.97 -6.80 -1.53
CA GLN A 87 2.42 -7.85 -2.38
C GLN A 87 1.52 -7.27 -3.47
N VAL A 88 1.52 -5.95 -3.62
CA VAL A 88 0.69 -5.32 -4.63
C VAL A 88 1.54 -4.58 -5.63
N PHE A 89 1.62 -5.10 -6.86
CA PHE A 89 2.45 -4.48 -7.89
C PHE A 89 1.68 -3.80 -9.00
N ILE A 90 2.26 -2.70 -9.47
CA ILE A 90 1.71 -1.89 -10.54
C ILE A 90 1.45 -2.69 -11.81
N ASP A 91 0.57 -2.14 -12.65
CA ASP A 91 0.18 -2.72 -13.91
C ASP A 91 -0.63 -1.67 -14.64
N PRO A 92 -0.85 -1.78 -15.95
CA PRO A 92 -1.62 -0.79 -16.72
C PRO A 92 -3.09 -0.72 -16.27
N SER A 93 -3.31 -0.93 -14.98
CA SER A 93 -4.63 -0.90 -14.37
C SER A 93 -4.61 0.06 -13.18
N MET A 94 -3.45 0.15 -12.55
CA MET A 94 -3.23 0.99 -11.39
C MET A 94 -2.20 2.06 -11.73
N ASP A 95 -2.37 2.69 -12.88
CA ASP A 95 -1.47 3.70 -13.33
C ASP A 95 -1.94 5.05 -12.83
N GLY A 96 -1.06 5.77 -12.14
CA GLY A 96 -1.47 7.03 -11.59
C GLY A 96 -2.30 6.76 -10.35
N LEU A 97 -2.02 5.63 -9.70
CA LEU A 97 -2.79 5.25 -8.52
C LEU A 97 -2.40 6.07 -7.32
N ILE A 98 -3.30 6.13 -6.37
CA ILE A 98 -3.09 6.92 -5.17
C ILE A 98 -2.97 6.06 -3.93
N VAL A 99 -2.03 6.41 -3.09
CA VAL A 99 -1.82 5.66 -1.88
C VAL A 99 -1.84 6.51 -0.63
N ARG A 100 -2.20 5.90 0.49
CA ARG A 100 -2.28 6.59 1.77
C ARG A 100 -1.58 5.76 2.85
N VAL A 101 -1.33 6.37 4.00
CA VAL A 101 -0.68 5.70 5.11
C VAL A 101 -1.54 5.72 6.36
N PRO A 102 -1.94 4.54 6.86
CA PRO A 102 -2.77 4.43 8.06
C PRO A 102 -1.96 4.68 9.33
N LEU A 103 -2.63 4.57 10.47
CA LEU A 103 -1.99 4.78 11.76
C LEU A 103 -2.97 4.57 12.91
N PRO A 104 -2.45 4.24 14.10
CA PRO A 104 -3.28 3.99 15.29
C PRO A 104 -3.98 5.26 15.76
N ALA A 105 -4.90 5.76 14.95
CA ALA A 105 -5.64 6.97 15.28
C ALA A 105 -7.06 6.90 14.73
FE1 FES B . 6.45 -7.48 5.37
FE2 FES B . 4.54 -6.56 3.76
S1 FES B . 4.45 -8.34 5.06
S2 FES B . 6.60 -5.82 3.92
N PRO A 1 3.96 3.65 -14.22
CA PRO A 1 2.76 4.54 -14.09
C PRO A 1 3.01 5.77 -13.28
N ARG A 2 1.90 6.34 -12.81
CA ARG A 2 1.93 7.51 -11.96
C ARG A 2 1.35 7.12 -10.61
N VAL A 3 1.62 7.84 -9.54
CA VAL A 3 1.10 7.42 -8.28
C VAL A 3 0.96 8.58 -7.30
N VAL A 4 0.29 8.31 -6.20
CA VAL A 4 0.12 9.32 -5.18
C VAL A 4 -0.07 8.73 -3.81
N PHE A 5 0.96 8.89 -2.99
CA PHE A 5 0.96 8.39 -1.63
C PHE A 5 0.51 9.48 -0.68
N ILE A 6 0.36 9.13 0.59
CA ILE A 6 -0.05 10.05 1.62
C ILE A 6 0.49 9.63 2.97
N ASP A 7 0.50 10.55 3.93
CA ASP A 7 0.97 10.26 5.26
C ASP A 7 0.68 11.40 6.23
N GLU A 8 0.84 11.11 7.50
CA GLU A 8 0.62 12.09 8.55
C GLU A 8 1.83 12.99 8.73
N GLN A 9 2.91 12.68 8.01
CA GLN A 9 4.13 13.49 8.09
C GLN A 9 4.10 14.62 7.07
N SER A 10 3.53 14.35 5.91
CA SER A 10 3.45 15.34 4.85
C SER A 10 2.02 15.47 4.33
N GLY A 11 1.14 14.58 4.77
CA GLY A 11 -0.25 14.62 4.33
C GLY A 11 -0.39 14.40 2.84
N GLU A 12 0.64 13.85 2.24
CA GLU A 12 0.65 13.57 0.81
C GLU A 12 2.04 13.20 0.32
N TYR A 13 2.08 12.30 -0.64
CA TYR A 13 3.33 11.85 -1.20
C TYR A 13 3.17 11.46 -2.65
N ALA A 14 2.74 12.41 -3.46
CA ALA A 14 2.54 12.18 -4.89
C ALA A 14 3.78 11.56 -5.50
N VAL A 15 3.57 10.53 -6.31
CA VAL A 15 4.68 9.84 -6.92
C VAL A 15 4.27 9.09 -8.17
N ASP A 16 5.07 8.12 -8.52
CA ASP A 16 4.85 7.31 -9.68
C ASP A 16 5.47 5.97 -9.45
N ALA A 17 5.02 5.01 -10.20
CA ALA A 17 5.53 3.68 -10.05
C ALA A 17 5.75 3.01 -11.40
N GLN A 18 6.08 1.73 -11.36
CA GLN A 18 6.32 0.97 -12.59
C GLN A 18 5.72 -0.43 -12.49
N ASP A 19 5.02 -0.84 -13.54
CA ASP A 19 4.40 -2.16 -13.57
C ASP A 19 5.29 -3.19 -12.89
N GLY A 20 4.94 -3.52 -11.65
CA GLY A 20 5.70 -4.47 -10.88
C GLY A 20 6.23 -3.89 -9.59
N GLN A 21 5.98 -2.59 -9.36
CA GLN A 21 6.43 -1.94 -8.14
C GLN A 21 5.28 -1.77 -7.17
N SER A 22 5.57 -1.98 -5.89
CA SER A 22 4.56 -1.84 -4.85
C SER A 22 4.57 -0.43 -4.26
N LEU A 23 3.59 -0.12 -3.42
CA LEU A 23 3.53 1.19 -2.79
C LEU A 23 4.56 1.29 -1.67
N MET A 24 5.31 0.21 -1.47
CA MET A 24 6.32 0.16 -0.44
C MET A 24 7.66 0.59 -1.01
N GLU A 25 7.82 0.35 -2.30
CA GLU A 25 9.05 0.72 -2.97
C GLU A 25 8.96 2.12 -3.50
N VAL A 26 7.83 2.52 -4.05
CA VAL A 26 7.72 3.87 -4.51
C VAL A 26 8.10 4.77 -3.37
N ALA A 27 7.34 4.61 -2.31
CA ALA A 27 7.51 5.38 -1.09
C ALA A 27 8.96 5.81 -0.90
N THR A 28 9.79 4.83 -0.58
CA THR A 28 11.20 5.10 -0.34
C THR A 28 11.77 5.96 -1.46
N GLN A 29 11.25 5.74 -2.67
CA GLN A 29 11.71 6.52 -3.82
C GLN A 29 11.13 7.92 -3.75
N ASN A 30 9.91 8.02 -3.22
CA ASN A 30 9.22 9.29 -3.08
C ASN A 30 9.57 9.96 -1.76
N GLY A 31 10.52 9.38 -1.03
CA GLY A 31 10.90 9.92 0.26
C GLY A 31 9.79 9.79 1.27
N VAL A 32 8.87 8.88 0.98
CA VAL A 32 7.71 8.63 1.81
C VAL A 32 8.02 7.90 3.11
N PRO A 33 7.38 8.33 4.18
CA PRO A 33 7.51 7.71 5.49
C PRO A 33 6.92 6.30 5.45
N GLY A 34 6.48 5.81 6.60
CA GLY A 34 5.88 4.49 6.68
C GLY A 34 6.60 3.43 5.87
N ILE A 35 7.86 3.67 5.52
CA ILE A 35 8.63 2.70 4.75
C ILE A 35 8.56 1.34 5.42
N VAL A 36 8.95 1.28 6.69
CA VAL A 36 8.92 0.03 7.46
C VAL A 36 9.14 -1.18 6.57
N ALA A 37 10.39 -1.57 6.38
CA ALA A 37 10.73 -2.71 5.55
C ALA A 37 11.21 -3.89 6.41
N GLU A 38 10.27 -4.64 6.96
CA GLU A 38 10.59 -5.79 7.79
C GLU A 38 10.99 -6.99 6.93
N CYS A 39 10.18 -7.27 5.92
CA CYS A 39 10.44 -8.37 5.01
C CYS A 39 11.02 -7.88 3.68
N GLY A 40 10.69 -6.63 3.35
CA GLY A 40 11.19 -6.04 2.12
C GLY A 40 11.28 -7.01 0.96
N GLY A 41 10.14 -7.32 0.35
CA GLY A 41 10.13 -8.23 -0.78
C GLY A 41 9.85 -9.67 -0.38
N SER A 42 9.99 -9.97 0.91
CA SER A 42 9.73 -11.31 1.40
C SER A 42 8.23 -11.57 1.54
N CYS A 43 7.47 -10.49 1.61
CA CYS A 43 6.01 -10.59 1.75
C CYS A 43 5.64 -11.64 2.77
N VAL A 44 6.23 -11.54 3.95
CA VAL A 44 5.96 -12.48 5.03
C VAL A 44 5.82 -11.79 6.38
N CYS A 45 5.16 -10.62 6.37
CA CYS A 45 4.97 -9.87 7.61
C CYS A 45 3.74 -8.97 7.51
N ALA A 46 3.40 -8.32 8.63
CA ALA A 46 2.25 -7.43 8.67
C ALA A 46 2.63 -6.08 9.27
N THR A 47 3.72 -5.51 8.79
CA THR A 47 4.19 -4.21 9.28
C THR A 47 4.02 -3.13 8.21
N CYS A 48 3.40 -3.49 7.09
CA CYS A 48 3.17 -2.55 6.00
C CYS A 48 1.68 -2.20 5.89
N ARG A 49 1.10 -1.77 7.01
CA ARG A 49 -0.31 -1.41 7.04
C ARG A 49 -0.56 -0.09 6.30
N ILE A 50 -0.93 -0.19 5.04
CA ILE A 50 -1.21 0.99 4.22
C ILE A 50 -2.61 0.91 3.62
N GLU A 51 -3.05 1.99 2.99
CA GLU A 51 -4.38 2.03 2.40
C GLU A 51 -4.40 2.71 1.04
N ILE A 52 -4.84 1.97 0.02
CA ILE A 52 -4.95 2.50 -1.33
C ILE A 52 -6.07 3.52 -1.36
N GLU A 53 -5.98 4.57 -2.18
CA GLU A 53 -7.09 5.52 -2.18
C GLU A 53 -8.38 4.73 -2.49
N ASP A 54 -9.55 5.27 -2.15
CA ASP A 54 -10.81 4.55 -2.37
C ASP A 54 -11.27 4.54 -3.83
N ALA A 55 -10.34 4.76 -4.74
CA ALA A 55 -10.65 4.75 -6.16
C ALA A 55 -9.95 3.60 -6.85
N TRP A 56 -8.85 3.16 -6.25
CA TRP A 56 -8.02 2.12 -6.82
C TRP A 56 -8.10 0.80 -6.13
N VAL A 57 -8.83 0.71 -5.06
CA VAL A 57 -8.94 -0.55 -4.39
C VAL A 57 -9.56 -1.56 -5.30
N GLU A 58 -10.54 -1.09 -6.05
CA GLU A 58 -11.22 -1.92 -7.02
C GLU A 58 -10.37 -2.00 -8.27
N ILE A 59 -9.30 -1.21 -8.30
CA ILE A 59 -8.36 -1.21 -9.42
C ILE A 59 -7.19 -2.10 -9.10
N VAL A 60 -6.78 -2.03 -7.84
CA VAL A 60 -5.66 -2.79 -7.35
C VAL A 60 -6.15 -4.12 -6.79
N GLY A 61 -6.65 -4.10 -5.55
CA GLY A 61 -7.17 -5.31 -4.91
C GLY A 61 -6.72 -6.59 -5.59
N GLU A 62 -5.41 -6.79 -5.66
CA GLU A 62 -4.85 -7.98 -6.31
C GLU A 62 -4.75 -9.16 -5.34
N ALA A 63 -4.84 -8.86 -4.06
CA ALA A 63 -4.73 -9.87 -3.02
C ALA A 63 -5.79 -10.95 -3.16
N ASN A 64 -5.46 -12.11 -2.62
CA ASN A 64 -6.35 -13.24 -2.60
C ASN A 64 -7.15 -13.20 -1.32
N PRO A 65 -8.14 -14.07 -1.20
CA PRO A 65 -8.99 -14.17 -0.02
C PRO A 65 -8.22 -14.54 1.25
N ASP A 66 -6.88 -14.65 1.14
CA ASP A 66 -6.05 -14.99 2.28
C ASP A 66 -5.58 -13.72 2.98
N GLU A 67 -4.93 -12.84 2.23
CA GLU A 67 -4.43 -11.59 2.79
C GLU A 67 -5.53 -10.92 3.62
N ASN A 68 -6.75 -10.94 3.08
CA ASN A 68 -7.89 -10.37 3.76
C ASN A 68 -8.28 -11.19 4.99
N ASP A 69 -8.08 -12.50 4.88
CA ASP A 69 -8.40 -13.41 5.98
C ASP A 69 -7.30 -13.41 7.04
N LEU A 70 -6.06 -13.26 6.59
CA LEU A 70 -4.92 -13.25 7.50
C LEU A 70 -5.03 -12.10 8.50
N LEU A 71 -5.49 -10.95 8.02
CA LEU A 71 -5.64 -9.77 8.87
C LEU A 71 -6.93 -9.83 9.66
N GLN A 72 -8.00 -10.28 9.01
CA GLN A 72 -9.30 -10.39 9.66
C GLN A 72 -9.23 -11.25 10.92
N SER A 73 -8.26 -12.16 10.95
CA SER A 73 -8.08 -13.05 12.10
C SER A 73 -7.37 -12.31 13.24
N THR A 74 -6.79 -11.16 12.93
CA THR A 74 -6.09 -10.36 13.94
C THR A 74 -7.09 -9.62 14.82
N GLY A 75 -8.16 -9.12 14.21
CA GLY A 75 -9.16 -8.39 14.96
C GLY A 75 -8.78 -6.94 15.20
N GLU A 76 -8.01 -6.37 14.27
CA GLU A 76 -7.58 -4.99 14.39
C GLU A 76 -8.46 -4.08 13.54
N PRO A 77 -8.50 -2.78 13.88
CA PRO A 77 -9.31 -1.79 13.17
C PRO A 77 -9.11 -1.87 11.65
N MET A 78 -10.21 -1.79 10.91
CA MET A 78 -10.14 -1.84 9.45
C MET A 78 -10.77 -0.60 8.82
N THR A 79 -10.47 -0.38 7.54
CA THR A 79 -11.01 0.76 6.81
C THR A 79 -11.33 0.37 5.38
N ALA A 80 -11.66 1.37 4.55
CA ALA A 80 -11.99 1.12 3.15
C ALA A 80 -10.74 1.17 2.29
N GLY A 81 -10.49 0.09 1.55
CA GLY A 81 -9.33 0.03 0.67
C GLY A 81 -8.10 -0.48 1.39
N THR A 82 -8.28 -0.91 2.64
CA THR A 82 -7.17 -1.43 3.43
C THR A 82 -6.62 -2.71 2.81
N ARG A 83 -5.30 -2.73 2.60
CA ARG A 83 -4.64 -3.88 2.01
C ARG A 83 -3.13 -3.76 2.11
N LEU A 84 -2.44 -4.89 2.23
CA LEU A 84 -0.99 -4.90 2.34
C LEU A 84 -0.38 -3.92 1.35
N SER A 85 0.79 -3.37 1.69
CA SER A 85 1.47 -2.42 0.83
C SER A 85 2.46 -3.10 -0.11
N CYS A 86 3.55 -3.60 0.46
CA CYS A 86 4.59 -4.26 -0.32
C CYS A 86 4.06 -5.49 -1.05
N GLN A 87 2.92 -5.99 -0.61
CA GLN A 87 2.33 -7.17 -1.23
C GLN A 87 1.64 -6.85 -2.56
N VAL A 88 1.47 -5.56 -2.84
CA VAL A 88 0.82 -5.14 -4.08
C VAL A 88 1.87 -4.68 -5.09
N PHE A 89 1.48 -4.63 -6.36
CA PHE A 89 2.42 -4.22 -7.39
C PHE A 89 1.76 -3.63 -8.62
N ILE A 90 2.40 -2.58 -9.12
CA ILE A 90 1.95 -1.85 -10.28
C ILE A 90 1.86 -2.74 -11.53
N ASP A 91 1.08 -2.27 -12.51
CA ASP A 91 0.87 -2.95 -13.76
C ASP A 91 -0.05 -2.04 -14.56
N PRO A 92 -0.26 -2.28 -15.87
CA PRO A 92 -1.14 -1.45 -16.69
C PRO A 92 -2.59 -1.55 -16.25
N SER A 93 -2.77 -1.48 -14.93
CA SER A 93 -4.08 -1.55 -14.29
C SER A 93 -4.13 -0.59 -13.11
N MET A 94 -2.98 -0.49 -12.42
CA MET A 94 -2.82 0.37 -11.26
C MET A 94 -1.91 1.53 -11.60
N ASP A 95 -2.12 2.10 -12.78
CA ASP A 95 -1.32 3.18 -13.25
C ASP A 95 -1.93 4.48 -12.79
N GLY A 96 -1.14 5.28 -12.10
CA GLY A 96 -1.64 6.51 -11.56
C GLY A 96 -2.31 6.22 -10.25
N LEU A 97 -1.72 5.26 -9.54
CA LEU A 97 -2.21 4.77 -8.25
C LEU A 97 -2.14 5.81 -7.16
N ILE A 98 -3.20 5.89 -6.39
CA ILE A 98 -3.26 6.83 -5.28
C ILE A 98 -3.27 6.07 -3.98
N VAL A 99 -2.18 6.21 -3.24
CA VAL A 99 -2.05 5.56 -1.97
C VAL A 99 -2.35 6.49 -0.80
N ARG A 100 -2.30 5.94 0.40
CA ARG A 100 -2.56 6.71 1.63
C ARG A 100 -2.12 5.92 2.86
N VAL A 101 -1.57 6.60 3.86
CA VAL A 101 -1.14 5.95 5.08
C VAL A 101 -2.19 6.06 6.18
N PRO A 102 -2.43 4.97 6.93
CA PRO A 102 -3.42 4.96 8.01
C PRO A 102 -3.04 5.87 9.17
N LEU A 103 -3.67 5.62 10.29
CA LEU A 103 -3.43 6.38 11.51
C LEU A 103 -2.09 6.02 12.13
N PRO A 104 -1.60 6.85 13.06
CA PRO A 104 -0.32 6.62 13.74
C PRO A 104 -0.31 5.33 14.54
N ALA A 105 0.79 5.07 15.22
CA ALA A 105 0.93 3.87 16.03
C ALA A 105 1.16 2.64 15.16
FE1 FES B . 6.40 -7.41 5.04
FE2 FES B . 4.77 -6.00 3.46
S1 FES B . 6.56 -5.29 4.52
S2 FES B . 4.46 -8.04 4.22
N PRO A 1 3.82 3.85 -14.46
CA PRO A 1 2.64 4.75 -14.25
C PRO A 1 2.96 5.98 -13.42
N ARG A 2 1.89 6.59 -12.97
CA ARG A 2 1.96 7.78 -12.11
C ARG A 2 1.36 7.37 -10.77
N VAL A 3 1.68 8.07 -9.67
CA VAL A 3 1.13 7.63 -8.42
C VAL A 3 1.09 8.74 -7.40
N VAL A 4 0.34 8.49 -6.35
CA VAL A 4 0.22 9.46 -5.28
C VAL A 4 -0.07 8.81 -3.96
N PHE A 5 0.89 8.87 -3.09
CA PHE A 5 0.77 8.30 -1.76
C PHE A 5 0.20 9.37 -0.82
N ILE A 6 -0.02 9.00 0.43
CA ILE A 6 -0.54 9.89 1.43
C ILE A 6 -0.07 9.46 2.81
N ASP A 7 -0.11 10.39 3.76
CA ASP A 7 0.31 10.09 5.11
C ASP A 7 -0.02 11.24 6.06
N GLU A 8 0.50 11.15 7.29
CA GLU A 8 0.27 12.17 8.30
C GLU A 8 1.52 13.02 8.52
N GLN A 9 2.58 12.72 7.78
CA GLN A 9 3.83 13.45 7.91
C GLN A 9 3.83 14.64 6.96
N SER A 10 3.29 14.44 5.77
CA SER A 10 3.22 15.48 4.76
C SER A 10 1.82 15.57 4.17
N GLY A 11 0.91 14.77 4.71
CA GLY A 11 -0.47 14.77 4.24
C GLY A 11 -0.57 14.45 2.76
N GLU A 12 0.50 13.89 2.22
CA GLU A 12 0.53 13.52 0.81
C GLU A 12 1.93 13.14 0.38
N TYR A 13 2.00 12.20 -0.54
CA TYR A 13 3.27 11.73 -1.04
C TYR A 13 3.17 11.34 -2.52
N ALA A 14 2.86 12.34 -3.35
CA ALA A 14 2.71 12.15 -4.78
C ALA A 14 3.93 11.47 -5.39
N VAL A 15 3.69 10.64 -6.40
CA VAL A 15 4.77 9.93 -7.05
C VAL A 15 4.32 9.25 -8.33
N ASP A 16 5.01 8.20 -8.66
CA ASP A 16 4.76 7.42 -9.83
C ASP A 16 5.38 6.07 -9.64
N ALA A 17 4.98 5.14 -10.46
CA ALA A 17 5.50 3.81 -10.36
C ALA A 17 5.69 3.18 -11.72
N GLN A 18 6.07 1.91 -11.71
CA GLN A 18 6.29 1.17 -12.95
C GLN A 18 5.73 -0.25 -12.81
N ASP A 19 4.87 -0.64 -13.75
CA ASP A 19 4.28 -1.97 -13.71
C ASP A 19 5.29 -2.99 -13.21
N GLY A 20 5.01 -3.52 -12.03
CA GLY A 20 5.90 -4.48 -11.43
C GLY A 20 6.38 -4.01 -10.07
N GLN A 21 6.00 -2.78 -9.68
CA GLN A 21 6.40 -2.25 -8.39
C GLN A 21 5.18 -1.99 -7.52
N SER A 22 5.38 -2.03 -6.22
CA SER A 22 4.28 -1.82 -5.29
C SER A 22 4.27 -0.39 -4.77
N LEU A 23 3.37 -0.14 -3.83
CA LEU A 23 3.24 1.19 -3.23
C LEU A 23 4.09 1.31 -1.98
N MET A 24 4.89 0.28 -1.72
CA MET A 24 5.78 0.27 -0.57
C MET A 24 7.17 0.68 -1.02
N GLU A 25 7.47 0.41 -2.28
CA GLU A 25 8.77 0.76 -2.85
C GLU A 25 8.75 2.14 -3.43
N VAL A 26 7.64 2.53 -4.07
CA VAL A 26 7.60 3.88 -4.60
C VAL A 26 8.00 4.80 -3.48
N ALA A 27 7.24 4.69 -2.41
CA ALA A 27 7.46 5.49 -1.21
C ALA A 27 8.90 5.91 -1.04
N THR A 28 9.73 4.95 -0.62
CA THR A 28 11.14 5.23 -0.38
C THR A 28 11.71 5.99 -1.56
N GLN A 29 11.15 5.76 -2.73
CA GLN A 29 11.59 6.46 -3.94
C GLN A 29 11.01 7.86 -4.01
N ASN A 30 9.81 8.02 -3.47
CA ASN A 30 9.11 9.31 -3.47
C ASN A 30 9.49 10.16 -2.25
N GLY A 31 10.45 9.67 -1.48
CA GLY A 31 10.85 10.37 -0.28
C GLY A 31 9.93 10.04 0.88
N VAL A 32 8.87 9.30 0.57
CA VAL A 32 7.89 8.88 1.54
C VAL A 32 8.58 8.23 2.74
N PRO A 33 7.88 8.12 3.88
CA PRO A 33 8.43 7.56 5.12
C PRO A 33 8.73 6.07 4.98
N GLY A 34 8.39 5.51 3.82
CA GLY A 34 8.64 4.11 3.55
C GLY A 34 8.61 3.25 4.79
N ILE A 35 7.43 3.14 5.39
CA ILE A 35 7.20 2.34 6.60
C ILE A 35 8.49 1.73 7.14
N VAL A 36 9.01 0.74 6.42
CA VAL A 36 10.25 0.06 6.81
C VAL A 36 10.38 -1.29 6.11
N ALA A 37 9.30 -2.06 6.12
CA ALA A 37 9.30 -3.38 5.49
C ALA A 37 10.47 -4.23 6.00
N GLU A 38 10.19 -5.02 7.03
CA GLU A 38 11.22 -5.88 7.62
C GLU A 38 11.28 -7.23 6.91
N CYS A 39 10.11 -7.74 6.52
CA CYS A 39 10.04 -9.03 5.83
C CYS A 39 10.76 -8.98 4.49
N GLY A 40 11.09 -7.77 4.04
CA GLY A 40 11.80 -7.60 2.77
C GLY A 40 10.97 -7.94 1.56
N GLY A 41 9.72 -8.33 1.79
CA GLY A 41 8.83 -8.68 0.69
C GLY A 41 8.55 -10.17 0.63
N SER A 42 8.41 -10.79 1.79
CA SER A 42 8.14 -12.22 1.87
C SER A 42 6.95 -12.50 2.79
N CYS A 43 6.16 -11.47 3.05
CA CYS A 43 4.99 -11.59 3.90
C CYS A 43 5.39 -12.16 5.26
N VAL A 44 6.17 -11.40 6.01
CA VAL A 44 6.63 -11.82 7.33
C VAL A 44 6.33 -10.76 8.39
N CYS A 45 5.75 -9.64 7.95
CA CYS A 45 5.42 -8.55 8.85
C CYS A 45 4.03 -8.01 8.57
N ALA A 46 3.61 -7.02 9.35
CA ALA A 46 2.29 -6.42 9.17
C ALA A 46 2.32 -4.92 9.48
N THR A 47 3.50 -4.34 9.43
CA THR A 47 3.67 -2.91 9.70
C THR A 47 3.49 -2.10 8.43
N CYS A 48 3.77 -2.71 7.29
CA CYS A 48 3.64 -2.04 6.01
C CYS A 48 2.19 -1.68 5.71
N ARG A 49 1.28 -2.22 6.53
CA ARG A 49 -0.15 -1.97 6.37
C ARG A 49 -0.42 -0.62 5.72
N ILE A 50 -0.45 -0.59 4.38
CA ILE A 50 -0.72 0.64 3.65
C ILE A 50 -2.19 0.74 3.28
N GLU A 51 -2.59 1.90 2.75
CA GLU A 51 -3.99 2.10 2.37
C GLU A 51 -4.11 2.78 1.02
N ILE A 52 -4.68 2.06 0.06
CA ILE A 52 -4.89 2.60 -1.28
C ILE A 52 -5.94 3.68 -1.23
N GLU A 53 -5.78 4.76 -1.99
CA GLU A 53 -6.82 5.79 -1.93
C GLU A 53 -8.17 5.09 -2.23
N ASP A 54 -9.28 5.65 -1.75
CA ASP A 54 -10.60 5.00 -1.95
C ASP A 54 -11.12 5.06 -3.38
N ALA A 55 -10.23 5.25 -4.34
CA ALA A 55 -10.59 5.28 -5.74
C ALA A 55 -9.97 4.12 -6.47
N TRP A 56 -8.84 3.66 -5.94
CA TRP A 56 -8.07 2.60 -6.57
C TRP A 56 -8.19 1.26 -5.90
N VAL A 57 -8.97 1.16 -4.87
CA VAL A 57 -9.13 -0.12 -4.23
C VAL A 57 -9.84 -1.04 -5.17
N GLU A 58 -10.75 -0.45 -5.91
CA GLU A 58 -11.50 -1.19 -6.91
C GLU A 58 -10.65 -1.28 -8.18
N ILE A 59 -9.50 -0.60 -8.15
CA ILE A 59 -8.57 -0.61 -9.28
C ILE A 59 -7.42 -1.54 -8.98
N VAL A 60 -6.99 -1.51 -7.74
CA VAL A 60 -5.88 -2.30 -7.29
C VAL A 60 -6.35 -3.64 -6.73
N GLY A 61 -6.84 -3.62 -5.48
CA GLY A 61 -7.32 -4.84 -4.84
C GLY A 61 -6.71 -6.10 -5.41
N GLU A 62 -5.41 -6.06 -5.65
CA GLU A 62 -4.70 -7.20 -6.22
C GLU A 62 -4.46 -8.29 -5.18
N ALA A 63 -4.48 -7.90 -3.91
CA ALA A 63 -4.26 -8.84 -2.83
C ALA A 63 -5.13 -10.06 -2.99
N ASN A 64 -4.69 -11.15 -2.38
CA ASN A 64 -5.41 -12.38 -2.39
C ASN A 64 -6.33 -12.42 -1.19
N PRO A 65 -7.11 -13.47 -1.06
CA PRO A 65 -8.05 -13.66 0.04
C PRO A 65 -7.33 -14.07 1.33
N ASP A 66 -6.00 -13.91 1.34
CA ASP A 66 -5.21 -14.26 2.50
C ASP A 66 -5.02 -13.05 3.41
N GLU A 67 -4.32 -12.04 2.88
CA GLU A 67 -4.08 -10.82 3.65
C GLU A 67 -5.35 -10.35 4.33
N ASN A 68 -6.48 -10.55 3.66
CA ASN A 68 -7.78 -10.15 4.20
C ASN A 68 -8.25 -11.16 5.24
N ASP A 69 -7.87 -12.42 5.06
CA ASP A 69 -8.26 -13.47 5.99
C ASP A 69 -7.30 -13.54 7.18
N LEU A 70 -6.09 -13.02 6.98
CA LEU A 70 -5.09 -13.02 8.03
C LEU A 70 -5.35 -11.90 9.03
N LEU A 71 -5.74 -10.73 8.52
CA LEU A 71 -6.02 -9.58 9.37
C LEU A 71 -7.42 -9.69 9.99
N GLN A 72 -8.26 -10.51 9.37
CA GLN A 72 -9.62 -10.71 9.85
C GLN A 72 -9.64 -11.68 11.04
N SER A 73 -8.65 -12.56 11.09
CA SER A 73 -8.55 -13.54 12.16
C SER A 73 -7.85 -12.95 13.37
N THR A 74 -7.02 -11.94 13.14
CA THR A 74 -6.28 -11.29 14.21
C THR A 74 -7.21 -10.61 15.20
N GLY A 75 -8.11 -9.77 14.68
CA GLY A 75 -9.05 -9.07 15.53
C GLY A 75 -9.08 -7.58 15.28
N GLU A 76 -8.38 -7.14 14.23
CA GLU A 76 -8.33 -5.72 13.89
C GLU A 76 -9.19 -5.42 12.67
N PRO A 77 -9.98 -4.35 12.72
CA PRO A 77 -10.86 -3.95 11.62
C PRO A 77 -10.09 -3.31 10.47
N MET A 78 -10.76 -3.20 9.32
CA MET A 78 -10.15 -2.60 8.13
C MET A 78 -11.22 -2.09 7.18
N THR A 79 -10.79 -1.48 6.08
CA THR A 79 -11.71 -0.95 5.09
C THR A 79 -11.19 -1.17 3.67
N ALA A 80 -12.10 -1.31 2.72
CA ALA A 80 -11.73 -1.52 1.32
C ALA A 80 -10.50 -0.69 0.96
N GLY A 81 -9.37 -1.37 0.79
CA GLY A 81 -8.15 -0.67 0.44
C GLY A 81 -7.06 -0.84 1.50
N THR A 82 -7.47 -1.01 2.75
CA THR A 82 -6.53 -1.17 3.85
C THR A 82 -5.90 -2.56 3.84
N ARG A 83 -4.69 -2.66 3.31
CA ARG A 83 -3.99 -3.93 3.25
C ARG A 83 -2.54 -3.74 2.81
N LEU A 84 -1.67 -4.65 3.22
CA LEU A 84 -0.26 -4.58 2.86
C LEU A 84 -0.11 -4.54 1.35
N SER A 85 0.40 -3.42 0.83
CA SER A 85 0.58 -3.25 -0.60
C SER A 85 1.95 -3.73 -1.08
N CYS A 86 2.84 -4.07 -0.14
CA CYS A 86 4.17 -4.53 -0.51
C CYS A 86 4.09 -5.72 -1.46
N GLN A 87 2.92 -6.35 -1.50
CA GLN A 87 2.71 -7.51 -2.37
C GLN A 87 1.92 -7.12 -3.61
N VAL A 88 1.56 -5.85 -3.73
CA VAL A 88 0.80 -5.37 -4.87
C VAL A 88 1.69 -4.60 -5.83
N PHE A 89 1.83 -5.08 -7.06
CA PHE A 89 2.67 -4.42 -8.04
C PHE A 89 1.90 -3.75 -9.16
N ILE A 90 2.41 -2.61 -9.57
CA ILE A 90 1.83 -1.80 -10.63
C ILE A 90 1.58 -2.60 -11.90
N ASP A 91 0.73 -2.05 -12.75
CA ASP A 91 0.37 -2.65 -14.01
C ASP A 91 -0.55 -1.65 -14.72
N PRO A 92 -0.86 -1.84 -16.01
CA PRO A 92 -1.73 -0.91 -16.74
C PRO A 92 -3.16 -0.93 -16.19
N SER A 93 -3.24 -0.91 -14.86
CA SER A 93 -4.50 -0.93 -14.14
C SER A 93 -4.41 0.02 -12.94
N MET A 94 -3.23 0.05 -12.32
CA MET A 94 -2.96 0.89 -11.17
C MET A 94 -2.03 2.01 -11.56
N ASP A 95 -2.28 2.59 -12.72
CA ASP A 95 -1.47 3.65 -13.23
C ASP A 95 -2.04 4.97 -12.77
N GLY A 96 -1.19 5.80 -12.18
CA GLY A 96 -1.66 7.05 -11.65
C GLY A 96 -2.42 6.76 -10.38
N LEU A 97 -2.03 5.65 -9.74
CA LEU A 97 -2.68 5.20 -8.52
C LEU A 97 -2.33 6.06 -7.33
N ILE A 98 -3.20 6.01 -6.34
CA ILE A 98 -3.02 6.80 -5.14
C ILE A 98 -2.92 5.93 -3.91
N VAL A 99 -1.95 6.23 -3.07
CA VAL A 99 -1.74 5.47 -1.87
C VAL A 99 -1.80 6.33 -0.62
N ARG A 100 -2.08 5.70 0.52
CA ARG A 100 -2.17 6.42 1.78
C ARG A 100 -1.61 5.57 2.93
N VAL A 101 -1.30 6.25 4.04
CA VAL A 101 -0.76 5.57 5.22
C VAL A 101 -1.74 5.68 6.39
N PRO A 102 -1.89 4.59 7.15
CA PRO A 102 -2.79 4.55 8.31
C PRO A 102 -2.34 5.49 9.42
N LEU A 103 -3.05 5.44 10.54
CA LEU A 103 -2.74 6.29 11.69
C LEU A 103 -1.67 5.65 12.56
N PRO A 104 -0.64 6.43 12.93
CA PRO A 104 0.46 5.94 13.77
C PRO A 104 -0.03 5.52 15.15
N ALA A 105 0.92 5.11 16.00
CA ALA A 105 0.59 4.67 17.35
C ALA A 105 1.68 5.11 18.34
FE1 FES B . 6.28 -7.09 5.45
FE2 FES B . 4.49 -6.00 3.76
S1 FES B . 6.54 -5.31 4.18
S2 FES B . 4.27 -7.85 4.94
N PRO A 1 3.86 3.61 -14.49
CA PRO A 1 2.74 4.58 -14.25
C PRO A 1 3.16 5.76 -13.41
N ARG A 2 2.13 6.42 -12.91
CA ARG A 2 2.30 7.57 -12.02
C ARG A 2 1.69 7.19 -10.68
N VAL A 3 1.97 7.92 -9.61
CA VAL A 3 1.41 7.52 -8.35
C VAL A 3 1.42 8.62 -7.32
N VAL A 4 0.66 8.41 -6.27
CA VAL A 4 0.60 9.39 -5.21
C VAL A 4 0.29 8.76 -3.88
N PHE A 5 1.29 8.77 -3.03
CA PHE A 5 1.21 8.23 -1.69
C PHE A 5 0.79 9.33 -0.73
N ILE A 6 0.50 8.96 0.50
CA ILE A 6 0.12 9.90 1.54
C ILE A 6 0.55 9.40 2.91
N ASP A 7 0.59 10.31 3.88
CA ASP A 7 0.98 9.95 5.24
C ASP A 7 0.73 11.10 6.20
N GLU A 8 1.16 10.94 7.44
CA GLU A 8 0.97 11.95 8.46
C GLU A 8 2.23 12.79 8.65
N GLN A 9 3.32 12.40 7.98
CA GLN A 9 4.57 13.13 8.08
C GLN A 9 4.66 14.23 7.03
N SER A 10 4.05 13.99 5.87
CA SER A 10 4.05 14.97 4.79
C SER A 10 2.65 15.16 4.22
N GLY A 11 1.67 14.46 4.79
CA GLY A 11 0.30 14.57 4.32
C GLY A 11 0.17 14.32 2.83
N GLU A 12 1.19 13.70 2.26
CA GLU A 12 1.19 13.38 0.84
C GLU A 12 2.57 12.94 0.38
N TYR A 13 2.58 12.02 -0.56
CA TYR A 13 3.82 11.49 -1.09
C TYR A 13 3.68 11.15 -2.56
N ALA A 14 3.36 12.17 -3.35
CA ALA A 14 3.19 12.00 -4.79
C ALA A 14 4.38 11.26 -5.38
N VAL A 15 4.11 10.41 -6.36
CA VAL A 15 5.15 9.62 -6.98
C VAL A 15 4.68 8.97 -8.26
N ASP A 16 5.32 7.89 -8.59
CA ASP A 16 5.03 7.14 -9.76
C ASP A 16 5.58 5.76 -9.60
N ALA A 17 5.12 4.87 -10.42
CA ALA A 17 5.57 3.51 -10.35
C ALA A 17 5.69 2.89 -11.72
N GLN A 18 6.01 1.61 -11.75
CA GLN A 18 6.16 0.88 -13.00
C GLN A 18 5.56 -0.53 -12.87
N ASP A 19 4.67 -0.89 -13.79
CA ASP A 19 4.03 -2.19 -13.76
C ASP A 19 5.01 -3.25 -13.25
N GLY A 20 4.72 -3.76 -12.07
CA GLY A 20 5.56 -4.75 -11.46
C GLY A 20 6.09 -4.30 -10.11
N GLN A 21 5.62 -3.13 -9.65
CA GLN A 21 6.05 -2.60 -8.35
C GLN A 21 4.84 -2.30 -7.49
N SER A 22 4.99 -2.49 -6.18
CA SER A 22 3.91 -2.24 -5.25
C SER A 22 4.00 -0.84 -4.65
N LEU A 23 3.11 -0.54 -3.71
CA LEU A 23 3.11 0.78 -3.05
C LEU A 23 4.01 0.74 -1.83
N MET A 24 4.86 -0.27 -1.77
CA MET A 24 5.81 -0.41 -0.68
C MET A 24 7.19 -0.02 -1.15
N GLU A 25 7.42 -0.19 -2.45
CA GLU A 25 8.70 0.13 -3.04
C GLU A 25 8.72 1.56 -3.55
N VAL A 26 7.64 2.02 -4.16
CA VAL A 26 7.65 3.39 -4.62
C VAL A 26 8.08 4.25 -3.46
N ALA A 27 7.31 4.14 -2.40
CA ALA A 27 7.54 4.87 -1.17
C ALA A 27 9.00 5.19 -0.96
N THR A 28 9.76 4.18 -0.58
CA THR A 28 11.18 4.36 -0.33
C THR A 28 11.83 5.11 -1.48
N GLN A 29 11.25 4.96 -2.66
CA GLN A 29 11.74 5.66 -3.85
C GLN A 29 11.23 7.10 -3.87
N ASN A 30 10.04 7.31 -3.33
CA ASN A 30 9.43 8.63 -3.28
C ASN A 30 9.85 9.36 -2.01
N GLY A 31 10.76 8.76 -1.24
CA GLY A 31 11.19 9.36 0.00
C GLY A 31 10.14 9.19 1.09
N VAL A 32 9.15 8.37 0.80
CA VAL A 32 8.05 8.09 1.71
C VAL A 32 8.52 7.38 2.98
N PRO A 33 7.90 7.73 4.11
CA PRO A 33 8.20 7.18 5.42
C PRO A 33 8.67 5.73 5.35
N GLY A 34 8.18 5.01 4.36
CA GLY A 34 8.56 3.63 4.17
C GLY A 34 8.16 2.74 5.35
N ILE A 35 6.89 2.82 5.73
CA ILE A 35 6.38 2.03 6.84
C ILE A 35 5.90 0.67 6.34
N VAL A 36 6.77 -0.03 5.63
CA VAL A 36 6.43 -1.35 5.09
C VAL A 36 7.42 -2.42 5.55
N ALA A 37 8.03 -2.20 6.71
CA ALA A 37 8.98 -3.15 7.26
C ALA A 37 10.13 -3.42 6.28
N GLU A 38 11.04 -4.29 6.68
CA GLU A 38 12.19 -4.64 5.85
C GLU A 38 11.94 -5.91 5.04
N CYS A 39 10.98 -6.73 5.48
CA CYS A 39 10.68 -7.97 4.77
C CYS A 39 10.33 -7.69 3.31
N GLY A 40 9.80 -6.50 3.06
CA GLY A 40 9.43 -6.11 1.71
C GLY A 40 8.92 -7.28 0.88
N GLY A 41 7.80 -7.86 1.28
CA GLY A 41 7.23 -8.96 0.55
C GLY A 41 7.63 -10.33 1.09
N SER A 42 8.59 -10.35 2.02
CA SER A 42 9.04 -11.60 2.60
C SER A 42 7.91 -12.30 3.33
N CYS A 43 6.82 -11.58 3.56
CA CYS A 43 5.65 -12.14 4.26
C CYS A 43 6.03 -12.56 5.67
N VAL A 44 7.18 -12.09 6.14
CA VAL A 44 7.65 -12.42 7.48
C VAL A 44 7.25 -11.33 8.48
N CYS A 45 6.58 -10.30 7.99
CA CYS A 45 6.15 -9.21 8.86
C CYS A 45 4.69 -8.84 8.60
N ALA A 46 4.23 -7.79 9.26
CA ALA A 46 2.85 -7.34 9.10
C ALA A 46 2.72 -5.87 9.49
N THR A 47 3.83 -5.14 9.46
CA THR A 47 3.84 -3.73 9.81
C THR A 47 3.69 -2.86 8.56
N CYS A 48 3.33 -3.49 7.45
CA CYS A 48 3.14 -2.77 6.18
C CYS A 48 1.68 -2.35 6.01
N ARG A 49 1.12 -1.76 7.06
CA ARG A 49 -0.27 -1.31 7.02
C ARG A 49 -0.40 -0.04 6.18
N ILE A 50 -0.65 -0.23 4.88
CA ILE A 50 -0.81 0.89 3.96
C ILE A 50 -2.22 0.91 3.39
N GLU A 51 -2.72 2.09 3.07
CA GLU A 51 -4.06 2.23 2.54
C GLU A 51 -4.07 2.95 1.19
N ILE A 52 -4.59 2.28 0.17
CA ILE A 52 -4.70 2.86 -1.16
C ILE A 52 -5.72 3.98 -1.10
N GLU A 53 -5.55 5.05 -1.86
CA GLU A 53 -6.57 6.11 -1.78
C GLU A 53 -7.94 5.47 -2.05
N ASP A 54 -9.03 6.13 -1.67
CA ASP A 54 -10.36 5.55 -1.84
C ASP A 54 -10.88 5.66 -3.28
N ALA A 55 -9.97 5.85 -4.22
CA ALA A 55 -10.32 5.93 -5.63
C ALA A 55 -9.77 4.74 -6.38
N TRP A 56 -8.72 4.17 -5.82
CA TRP A 56 -8.03 3.06 -6.46
C TRP A 56 -8.20 1.73 -5.77
N VAL A 57 -8.95 1.68 -4.71
CA VAL A 57 -9.14 0.42 -4.06
C VAL A 57 -9.87 -0.51 -5.01
N GLU A 58 -10.79 0.07 -5.75
CA GLU A 58 -11.55 -0.68 -6.73
C GLU A 58 -10.70 -0.84 -7.98
N ILE A 59 -9.54 -0.19 -7.96
CA ILE A 59 -8.60 -0.27 -9.07
C ILE A 59 -7.46 -1.19 -8.70
N VAL A 60 -7.07 -1.11 -7.44
CA VAL A 60 -5.98 -1.89 -6.90
C VAL A 60 -6.51 -3.19 -6.30
N GLY A 61 -6.85 -3.15 -5.01
CA GLY A 61 -7.39 -4.34 -4.32
C GLY A 61 -7.05 -5.64 -5.04
N GLU A 62 -5.79 -5.79 -5.42
CA GLU A 62 -5.35 -6.98 -6.16
C GLU A 62 -4.88 -8.09 -5.24
N ALA A 63 -4.56 -7.76 -4.00
CA ALA A 63 -4.07 -8.77 -3.06
C ALA A 63 -4.97 -9.98 -3.07
N ASN A 64 -4.38 -11.15 -2.88
CA ASN A 64 -5.10 -12.38 -2.82
C ASN A 64 -5.71 -12.52 -1.45
N PRO A 65 -6.49 -13.58 -1.25
CA PRO A 65 -7.15 -13.88 0.01
C PRO A 65 -6.15 -14.37 1.07
N ASP A 66 -4.86 -14.22 0.76
CA ASP A 66 -3.81 -14.64 1.69
C ASP A 66 -3.39 -13.49 2.58
N GLU A 67 -3.07 -12.36 1.95
CA GLU A 67 -2.66 -11.16 2.68
C GLU A 67 -3.80 -10.64 3.55
N ASN A 68 -5.03 -10.90 3.12
CA ASN A 68 -6.21 -10.45 3.86
C ASN A 68 -6.54 -11.43 4.98
N ASP A 69 -6.23 -12.71 4.77
CA ASP A 69 -6.49 -13.74 5.78
C ASP A 69 -5.39 -13.76 6.84
N LEU A 70 -4.14 -13.78 6.38
CA LEU A 70 -3.00 -13.80 7.29
C LEU A 70 -3.11 -12.70 8.32
N LEU A 71 -3.66 -11.56 7.91
CA LEU A 71 -3.84 -10.43 8.81
C LEU A 71 -5.07 -10.62 9.67
N GLN A 72 -6.17 -11.02 9.04
CA GLN A 72 -7.43 -11.23 9.75
C GLN A 72 -7.23 -12.20 10.91
N SER A 73 -6.24 -13.09 10.76
CA SER A 73 -5.94 -14.06 11.81
C SER A 73 -5.58 -13.36 13.11
N THR A 74 -5.18 -12.10 12.99
CA THR A 74 -4.82 -11.30 14.16
C THR A 74 -6.05 -10.74 14.86
N GLY A 75 -7.07 -10.39 14.06
CA GLY A 75 -8.29 -9.86 14.61
C GLY A 75 -8.21 -8.37 14.86
N GLU A 76 -7.51 -7.66 13.98
CA GLU A 76 -7.36 -6.21 14.12
C GLU A 76 -8.41 -5.47 13.29
N PRO A 77 -8.69 -4.21 13.64
CA PRO A 77 -9.68 -3.39 12.94
C PRO A 77 -9.34 -3.22 11.46
N MET A 78 -10.36 -2.94 10.66
CA MET A 78 -10.18 -2.76 9.22
C MET A 78 -10.98 -1.56 8.72
N THR A 79 -10.67 -1.11 7.51
CA THR A 79 -11.37 0.03 6.91
C THR A 79 -11.52 -0.15 5.41
N ALA A 80 -11.79 0.95 4.72
CA ALA A 80 -11.96 0.92 3.27
C ALA A 80 -10.65 1.15 2.54
N GLY A 81 -10.30 0.25 1.64
CA GLY A 81 -9.06 0.38 0.88
C GLY A 81 -7.88 -0.27 1.58
N THR A 82 -8.03 -0.53 2.87
CA THR A 82 -6.95 -1.16 3.65
C THR A 82 -6.60 -2.51 3.05
N ARG A 83 -5.31 -2.72 2.78
CA ARG A 83 -4.85 -3.98 2.20
C ARG A 83 -3.34 -4.09 2.28
N LEU A 84 -2.80 -5.24 1.89
CA LEU A 84 -1.36 -5.47 1.92
C LEU A 84 -0.70 -4.73 0.76
N SER A 85 0.00 -3.64 1.08
CA SER A 85 0.67 -2.84 0.07
C SER A 85 1.84 -3.58 -0.56
N CYS A 86 2.48 -4.45 0.22
CA CYS A 86 3.62 -5.21 -0.29
C CYS A 86 3.18 -6.50 -0.98
N GLN A 87 2.00 -6.47 -1.60
CA GLN A 87 1.48 -7.64 -2.30
C GLN A 87 0.99 -7.32 -3.70
N VAL A 88 0.65 -6.06 -3.96
CA VAL A 88 0.14 -5.69 -5.28
C VAL A 88 1.17 -4.89 -6.07
N PHE A 89 1.41 -5.32 -7.30
CA PHE A 89 2.37 -4.67 -8.17
C PHE A 89 1.70 -3.96 -9.33
N ILE A 90 2.13 -2.73 -9.54
CA ILE A 90 1.63 -1.89 -10.61
C ILE A 90 1.34 -2.68 -11.89
N ASP A 91 0.54 -2.08 -12.75
CA ASP A 91 0.15 -2.67 -14.01
C ASP A 91 -0.76 -1.67 -14.70
N PRO A 92 -1.10 -1.85 -15.97
CA PRO A 92 -1.99 -0.93 -16.69
C PRO A 92 -3.41 -0.94 -16.10
N SER A 93 -3.44 -0.90 -14.77
CA SER A 93 -4.68 -0.91 -14.01
C SER A 93 -4.56 0.03 -12.81
N MET A 94 -3.35 0.09 -12.24
CA MET A 94 -3.05 0.92 -11.11
C MET A 94 -2.03 1.98 -11.49
N ASP A 95 -2.25 2.59 -12.65
CA ASP A 95 -1.37 3.59 -13.16
C ASP A 95 -1.84 4.94 -12.66
N GLY A 96 -0.92 5.69 -12.06
CA GLY A 96 -1.33 6.95 -11.49
C GLY A 96 -2.13 6.69 -10.25
N LEU A 97 -1.87 5.53 -9.62
CA LEU A 97 -2.60 5.15 -8.44
C LEU A 97 -2.13 5.91 -7.22
N ILE A 98 -3.03 6.05 -6.27
CA ILE A 98 -2.76 6.82 -5.08
C ILE A 98 -2.70 5.95 -3.84
N VAL A 99 -1.71 6.22 -3.01
CA VAL A 99 -1.54 5.49 -1.78
C VAL A 99 -1.61 6.42 -0.58
N ARG A 100 -2.05 5.91 0.57
CA ARG A 100 -2.15 6.75 1.76
C ARG A 100 -1.86 5.99 3.05
N VAL A 101 -1.48 6.75 4.08
CA VAL A 101 -1.18 6.18 5.39
C VAL A 101 -2.01 6.88 6.46
N PRO A 102 -3.17 6.31 6.81
CA PRO A 102 -4.08 6.88 7.81
C PRO A 102 -3.40 7.39 9.06
N LEU A 103 -4.23 7.78 10.01
CA LEU A 103 -3.75 8.31 11.28
C LEU A 103 -4.83 8.19 12.35
N PRO A 104 -4.43 8.24 13.63
CA PRO A 104 -5.35 8.15 14.76
C PRO A 104 -6.60 9.01 14.56
N ALA A 105 -7.61 8.43 13.93
CA ALA A 105 -8.86 9.14 13.67
C ALA A 105 -10.06 8.21 13.80
FE1 FES B . 6.46 -7.54 5.42
FE2 FES B . 4.39 -6.65 3.96
S1 FES B . 4.55 -8.55 5.05
S2 FES B . 6.40 -5.75 4.14
N PRO A 1 3.72 3.89 -14.44
CA PRO A 1 2.53 4.76 -14.24
C PRO A 1 2.82 5.96 -13.38
N ARG A 2 1.74 6.54 -12.88
CA ARG A 2 1.79 7.70 -12.00
C ARG A 2 1.23 7.30 -10.65
N VAL A 3 1.55 7.99 -9.57
CA VAL A 3 1.03 7.56 -8.30
C VAL A 3 0.93 8.70 -7.31
N VAL A 4 0.30 8.43 -6.17
CA VAL A 4 0.15 9.44 -5.14
C VAL A 4 -0.02 8.80 -3.78
N PHE A 5 1.01 8.96 -2.98
CA PHE A 5 1.04 8.43 -1.63
C PHE A 5 0.53 9.47 -0.65
N ILE A 6 0.40 9.08 0.61
CA ILE A 6 -0.07 9.95 1.66
C ILE A 6 0.50 9.53 3.01
N ASP A 7 0.56 10.47 3.94
CA ASP A 7 1.06 10.19 5.28
C ASP A 7 0.83 11.37 6.21
N GLU A 8 0.98 11.13 7.51
CA GLU A 8 0.77 12.15 8.52
C GLU A 8 1.97 13.08 8.64
N GLN A 9 3.06 12.75 7.95
CA GLN A 9 4.26 13.58 8.01
C GLN A 9 4.23 14.65 6.93
N SER A 10 3.61 14.34 5.80
CA SER A 10 3.49 15.27 4.70
C SER A 10 2.05 15.37 4.20
N GLY A 11 1.17 14.57 4.78
CA GLY A 11 -0.22 14.59 4.38
C GLY A 11 -0.41 14.36 2.90
N GLU A 12 0.63 13.83 2.28
CA GLU A 12 0.61 13.53 0.85
C GLU A 12 2.01 13.23 0.34
N TYR A 13 2.07 12.31 -0.61
CA TYR A 13 3.33 11.91 -1.18
C TYR A 13 3.17 11.52 -2.65
N ALA A 14 2.75 12.50 -3.46
CA ALA A 14 2.55 12.28 -4.88
C ALA A 14 3.78 11.69 -5.52
N VAL A 15 3.57 10.65 -6.33
CA VAL A 15 4.66 9.96 -6.99
C VAL A 15 4.20 9.25 -8.23
N ASP A 16 4.95 8.26 -8.61
CA ASP A 16 4.68 7.48 -9.77
C ASP A 16 5.35 6.15 -9.61
N ALA A 17 4.92 5.21 -10.38
CA ALA A 17 5.47 3.90 -10.31
C ALA A 17 5.66 3.27 -11.68
N GLN A 18 6.12 2.04 -11.69
CA GLN A 18 6.34 1.31 -12.93
C GLN A 18 5.78 -0.11 -12.78
N ASP A 19 4.91 -0.51 -13.70
CA ASP A 19 4.30 -1.83 -13.62
C ASP A 19 5.31 -2.85 -13.15
N GLY A 20 5.05 -3.38 -11.96
CA GLY A 20 5.95 -4.34 -11.36
C GLY A 20 6.45 -3.84 -10.02
N GLN A 21 6.04 -2.64 -9.63
CA GLN A 21 6.45 -2.07 -8.35
C GLN A 21 5.23 -1.83 -7.47
N SER A 22 5.44 -1.88 -6.17
CA SER A 22 4.35 -1.67 -5.23
C SER A 22 4.34 -0.24 -4.70
N LEU A 23 3.42 0.03 -3.78
CA LEU A 23 3.31 1.35 -3.19
C LEU A 23 4.20 1.49 -1.96
N MET A 24 5.02 0.46 -1.72
CA MET A 24 5.94 0.46 -0.60
C MET A 24 7.32 0.89 -1.08
N GLU A 25 7.63 0.51 -2.32
CA GLU A 25 8.91 0.86 -2.91
C GLU A 25 8.88 2.26 -3.50
N VAL A 26 7.77 2.64 -4.12
CA VAL A 26 7.72 3.99 -4.65
C VAL A 26 8.16 4.93 -3.54
N ALA A 27 7.43 4.83 -2.45
CA ALA A 27 7.68 5.63 -1.26
C ALA A 27 9.13 6.02 -1.12
N THR A 28 9.95 5.07 -0.73
CA THR A 28 11.37 5.33 -0.53
C THR A 28 11.93 6.09 -1.72
N GLN A 29 11.34 5.85 -2.89
CA GLN A 29 11.75 6.55 -4.10
C GLN A 29 11.19 7.96 -4.14
N ASN A 30 10.01 8.12 -3.55
CA ASN A 30 9.34 9.43 -3.51
C ASN A 30 9.75 10.23 -2.28
N GLY A 31 10.71 9.69 -1.52
CA GLY A 31 11.15 10.37 -0.31
C GLY A 31 10.18 10.13 0.83
N VAL A 32 9.11 9.41 0.53
CA VAL A 32 8.08 9.08 1.49
C VAL A 32 8.67 8.48 2.76
N PRO A 33 8.03 8.78 3.90
CA PRO A 33 8.43 8.30 5.21
C PRO A 33 9.09 6.92 5.15
N GLY A 34 8.66 6.13 4.17
CA GLY A 34 9.21 4.80 4.01
C GLY A 34 9.09 3.98 5.27
N ILE A 35 8.09 4.32 6.08
CA ILE A 35 7.85 3.62 7.33
C ILE A 35 7.27 2.23 7.08
N VAL A 36 8.00 1.42 6.30
CA VAL A 36 7.56 0.08 5.98
C VAL A 36 8.75 -0.82 5.60
N ALA A 37 8.46 -1.98 5.05
CA ALA A 37 9.51 -2.92 4.65
C ALA A 37 10.21 -3.51 5.87
N GLU A 38 9.46 -4.26 6.67
CA GLU A 38 10.01 -4.88 7.87
C GLU A 38 10.58 -6.25 7.57
N CYS A 39 10.19 -6.82 6.43
CA CYS A 39 10.67 -8.14 6.02
C CYS A 39 11.40 -8.07 4.68
N GLY A 40 10.99 -7.12 3.84
CA GLY A 40 11.62 -6.97 2.54
C GLY A 40 10.83 -7.64 1.43
N GLY A 41 9.60 -7.20 1.25
CA GLY A 41 8.75 -7.77 0.21
C GLY A 41 8.91 -9.27 0.09
N SER A 42 8.77 -9.97 1.21
CA SER A 42 8.90 -11.43 1.22
C SER A 42 7.60 -12.08 1.68
N CYS A 43 6.61 -11.26 2.00
CA CYS A 43 5.32 -11.77 2.45
C CYS A 43 5.48 -12.63 3.70
N VAL A 44 6.15 -12.08 4.71
CA VAL A 44 6.38 -12.78 5.96
C VAL A 44 6.04 -11.91 7.17
N CYS A 45 5.62 -10.68 6.91
CA CYS A 45 5.27 -9.76 7.98
C CYS A 45 3.99 -8.99 7.66
N ALA A 46 3.48 -8.26 8.66
CA ALA A 46 2.28 -7.47 8.48
C ALA A 46 2.48 -6.04 8.98
N THR A 47 3.72 -5.70 9.30
CA THR A 47 4.05 -4.36 9.79
C THR A 47 3.88 -3.32 8.69
N CYS A 48 3.74 -3.79 7.45
CA CYS A 48 3.57 -2.91 6.31
C CYS A 48 2.10 -2.56 6.10
N ARG A 49 1.42 -2.25 7.20
CA ARG A 49 0.00 -1.92 7.13
C ARG A 49 -0.23 -0.64 6.34
N ILE A 50 -0.19 -0.76 5.01
CA ILE A 50 -0.41 0.37 4.13
C ILE A 50 -1.84 0.40 3.66
N GLU A 51 -2.28 1.52 3.08
CA GLU A 51 -3.66 1.63 2.63
C GLU A 51 -3.78 2.39 1.31
N ILE A 52 -4.31 1.72 0.29
CA ILE A 52 -4.55 2.34 -1.01
C ILE A 52 -5.67 3.35 -0.84
N GLU A 53 -5.69 4.43 -1.61
CA GLU A 53 -6.79 5.38 -1.42
C GLU A 53 -8.11 4.63 -1.57
N ASP A 54 -9.24 5.31 -1.44
CA ASP A 54 -10.53 4.63 -1.57
C ASP A 54 -11.09 4.72 -2.98
N ALA A 55 -10.19 4.92 -3.93
CA ALA A 55 -10.54 5.01 -5.34
C ALA A 55 -9.96 3.85 -6.11
N TRP A 56 -8.81 3.38 -5.64
CA TRP A 56 -8.08 2.33 -6.31
C TRP A 56 -8.11 1.01 -5.62
N VAL A 57 -8.84 0.89 -4.55
CA VAL A 57 -8.89 -0.39 -3.91
C VAL A 57 -9.55 -1.37 -4.84
N GLU A 58 -10.56 -0.87 -5.53
CA GLU A 58 -11.27 -1.67 -6.51
C GLU A 58 -10.44 -1.74 -7.79
N ILE A 59 -9.35 -0.98 -7.79
CA ILE A 59 -8.42 -0.96 -8.92
C ILE A 59 -7.25 -1.85 -8.61
N VAL A 60 -6.83 -1.77 -7.36
CA VAL A 60 -5.71 -2.51 -6.85
C VAL A 60 -6.19 -3.84 -6.27
N GLY A 61 -6.62 -3.82 -4.99
CA GLY A 61 -7.13 -5.01 -4.33
C GLY A 61 -6.73 -6.30 -5.01
N GLU A 62 -5.45 -6.46 -5.29
CA GLU A 62 -4.95 -7.66 -5.97
C GLU A 62 -4.84 -8.84 -5.00
N ALA A 63 -4.82 -8.54 -3.72
CA ALA A 63 -4.69 -9.58 -2.70
C ALA A 63 -5.67 -10.71 -2.93
N ASN A 64 -5.31 -11.88 -2.42
CA ASN A 64 -6.14 -13.04 -2.48
C ASN A 64 -7.00 -13.06 -1.23
N PRO A 65 -7.97 -13.95 -1.19
CA PRO A 65 -8.87 -14.11 -0.05
C PRO A 65 -8.13 -14.46 1.25
N ASP A 66 -6.79 -14.58 1.17
CA ASP A 66 -5.99 -14.90 2.34
C ASP A 66 -5.50 -13.64 3.04
N GLU A 67 -4.70 -12.86 2.33
CA GLU A 67 -4.17 -11.61 2.88
C GLU A 67 -5.24 -10.88 3.67
N ASN A 68 -6.43 -10.79 3.11
CA ASN A 68 -7.54 -10.12 3.78
C ASN A 68 -8.07 -10.96 4.93
N ASP A 69 -7.97 -12.27 4.79
CA ASP A 69 -8.44 -13.19 5.83
C ASP A 69 -7.46 -13.25 6.99
N LEU A 70 -6.17 -13.21 6.68
CA LEU A 70 -5.14 -13.26 7.70
C LEU A 70 -5.26 -12.08 8.67
N LEU A 71 -5.65 -10.93 8.13
CA LEU A 71 -5.81 -9.73 8.95
C LEU A 71 -7.18 -9.71 9.64
N GLN A 72 -8.19 -10.23 8.94
CA GLN A 72 -9.54 -10.27 9.48
C GLN A 72 -9.61 -11.15 10.72
N SER A 73 -8.72 -12.14 10.79
CA SER A 73 -8.68 -13.06 11.92
C SER A 73 -8.40 -12.31 13.22
N THR A 74 -7.59 -11.25 13.13
CA THR A 74 -7.24 -10.46 14.31
C THR A 74 -8.49 -9.88 14.95
N GLY A 75 -9.47 -9.50 14.12
CA GLY A 75 -10.70 -8.94 14.63
C GLY A 75 -10.61 -7.45 14.85
N GLU A 76 -9.59 -6.83 14.26
CA GLU A 76 -9.38 -5.39 14.40
C GLU A 76 -10.10 -4.62 13.30
N PRO A 77 -10.29 -3.31 13.50
CA PRO A 77 -10.98 -2.44 12.53
C PRO A 77 -10.18 -2.29 11.24
N MET A 78 -10.81 -2.66 10.12
CA MET A 78 -10.16 -2.56 8.81
C MET A 78 -11.10 -1.94 7.79
N THR A 79 -10.53 -1.32 6.77
CA THR A 79 -11.31 -0.69 5.72
C THR A 79 -11.03 -1.34 4.37
N ALA A 80 -11.57 -0.75 3.30
CA ALA A 80 -11.38 -1.28 1.96
C ALA A 80 -10.05 -0.81 1.38
N GLY A 81 -9.16 -1.75 1.12
CA GLY A 81 -7.86 -1.41 0.56
C GLY A 81 -6.71 -1.83 1.46
N THR A 82 -6.96 -1.85 2.76
CA THR A 82 -5.92 -2.25 3.72
C THR A 82 -5.37 -3.62 3.36
N ARG A 83 -4.17 -3.64 2.78
CA ARG A 83 -3.54 -4.90 2.39
C ARG A 83 -2.03 -4.75 2.31
N LEU A 84 -1.33 -5.88 2.20
CA LEU A 84 0.12 -5.87 2.10
C LEU A 84 0.57 -5.11 0.87
N SER A 85 0.50 -3.79 0.94
CA SER A 85 0.89 -2.93 -0.19
C SER A 85 2.18 -3.45 -0.83
N CYS A 86 3.13 -3.86 0.00
CA CYS A 86 4.41 -4.38 -0.47
C CYS A 86 4.22 -5.59 -1.37
N GLN A 87 3.01 -6.14 -1.36
CA GLN A 87 2.70 -7.32 -2.17
C GLN A 87 1.94 -6.97 -3.45
N VAL A 88 1.64 -5.69 -3.65
CA VAL A 88 0.92 -5.27 -4.82
C VAL A 88 1.83 -4.51 -5.77
N PHE A 89 1.97 -5.00 -6.99
CA PHE A 89 2.83 -4.36 -7.98
C PHE A 89 2.06 -3.72 -9.11
N ILE A 90 2.52 -2.55 -9.51
CA ILE A 90 1.93 -1.77 -10.58
C ILE A 90 1.70 -2.59 -11.84
N ASP A 91 0.58 -2.30 -12.48
CA ASP A 91 0.15 -2.92 -13.69
C ASP A 91 -0.78 -1.93 -14.35
N PRO A 92 -0.83 -1.86 -15.68
CA PRO A 92 -1.70 -0.92 -16.37
C PRO A 92 -3.00 -0.72 -15.60
N SER A 93 -3.37 -1.75 -14.86
CA SER A 93 -4.54 -1.75 -14.00
C SER A 93 -4.26 -1.02 -12.67
N MET A 94 -3.33 -0.08 -12.68
CA MET A 94 -2.96 0.64 -11.47
C MET A 94 -2.05 1.81 -11.80
N ASP A 95 -2.38 2.52 -12.85
CA ASP A 95 -1.61 3.65 -13.28
C ASP A 95 -2.19 4.94 -12.71
N GLY A 96 -1.35 5.70 -12.03
CA GLY A 96 -1.81 6.92 -11.42
C GLY A 96 -2.46 6.61 -10.09
N LEU A 97 -1.91 5.60 -9.43
CA LEU A 97 -2.42 5.12 -8.15
C LEU A 97 -2.28 6.13 -7.02
N ILE A 98 -3.16 6.00 -6.05
CA ILE A 98 -3.15 6.87 -4.89
C ILE A 98 -3.05 6.04 -3.61
N VAL A 99 -1.99 6.24 -2.85
CA VAL A 99 -1.82 5.48 -1.64
C VAL A 99 -2.19 6.25 -0.38
N ARG A 100 -1.95 5.62 0.76
CA ARG A 100 -2.27 6.22 2.06
C ARG A 100 -1.58 5.44 3.19
N VAL A 101 -1.24 6.15 4.28
CA VAL A 101 -0.58 5.51 5.41
C VAL A 101 -1.48 5.53 6.65
N PRO A 102 -1.99 4.35 7.04
CA PRO A 102 -2.89 4.21 8.19
C PRO A 102 -2.15 4.07 9.52
N LEU A 103 -1.21 4.94 9.72
CA LEU A 103 -0.41 4.94 10.95
C LEU A 103 -1.14 5.70 12.06
N PRO A 104 -0.58 5.72 13.27
CA PRO A 104 -1.17 6.40 14.41
C PRO A 104 -0.68 7.83 14.55
N ALA A 105 -1.50 8.66 15.17
CA ALA A 105 -1.17 10.06 15.37
C ALA A 105 -1.92 10.62 16.58
FE1 FES B . 6.69 -7.61 5.15
FE2 FES B . 4.97 -6.37 3.55
S1 FES B . 4.86 -8.45 4.26
S2 FES B . 6.94 -5.65 4.21
N PRO A 1 3.82 3.69 -14.29
CA PRO A 1 2.66 4.60 -14.13
C PRO A 1 2.97 5.80 -13.27
N ARG A 2 1.89 6.44 -12.84
CA ARG A 2 1.95 7.60 -11.97
C ARG A 2 1.36 7.20 -10.63
N VAL A 3 1.63 7.92 -9.55
CA VAL A 3 1.09 7.49 -8.29
C VAL A 3 1.02 8.61 -7.27
N VAL A 4 0.35 8.34 -6.16
CA VAL A 4 0.24 9.34 -5.11
C VAL A 4 0.05 8.72 -3.75
N PHE A 5 1.08 8.85 -2.93
CA PHE A 5 1.08 8.33 -1.57
C PHE A 5 0.65 9.42 -0.58
N ILE A 6 0.57 9.03 0.69
CA ILE A 6 0.21 9.93 1.77
C ILE A 6 0.79 9.47 3.09
N ASP A 7 0.74 10.33 4.10
CA ASP A 7 1.25 10.00 5.42
C ASP A 7 0.87 11.08 6.42
N GLU A 8 1.05 10.75 7.68
CA GLU A 8 0.73 11.67 8.78
C GLU A 8 1.83 12.68 9.04
N GLN A 9 3.00 12.46 8.43
CA GLN A 9 4.12 13.36 8.62
C GLN A 9 4.12 14.48 7.57
N SER A 10 3.66 14.16 6.38
CA SER A 10 3.60 15.14 5.30
C SER A 10 2.18 15.31 4.78
N GLY A 11 1.37 14.28 4.95
CA GLY A 11 -0.01 14.34 4.50
C GLY A 11 -0.14 14.18 3.00
N GLU A 12 0.89 13.64 2.38
CA GLU A 12 0.90 13.40 0.95
C GLU A 12 2.29 13.05 0.45
N TYR A 13 2.33 12.08 -0.45
CA TYR A 13 3.59 11.64 -1.02
C TYR A 13 3.42 11.27 -2.48
N ALA A 14 2.99 12.25 -3.28
CA ALA A 14 2.77 12.06 -4.71
C ALA A 14 3.96 11.41 -5.36
N VAL A 15 3.70 10.48 -6.28
CA VAL A 15 4.75 9.78 -6.96
C VAL A 15 4.28 9.10 -8.22
N ASP A 16 5.01 8.10 -8.61
CA ASP A 16 4.75 7.33 -9.79
C ASP A 16 5.31 5.96 -9.56
N ALA A 17 4.90 5.03 -10.38
CA ALA A 17 5.38 3.69 -10.23
C ALA A 17 5.65 3.02 -11.57
N GLN A 18 6.00 1.75 -11.51
CA GLN A 18 6.29 0.96 -12.70
C GLN A 18 5.63 -0.40 -12.59
N ASP A 19 4.79 -0.74 -13.55
CA ASP A 19 4.09 -2.02 -13.51
C ASP A 19 5.04 -3.12 -13.07
N GLY A 20 4.73 -3.71 -11.93
CA GLY A 20 5.56 -4.76 -11.38
C GLY A 20 6.08 -4.40 -10.00
N GLN A 21 5.76 -3.19 -9.53
CA GLN A 21 6.21 -2.76 -8.20
C GLN A 21 5.02 -2.31 -7.37
N SER A 22 5.21 -2.29 -6.06
CA SER A 22 4.14 -1.89 -5.16
C SER A 22 4.36 -0.46 -4.66
N LEU A 23 3.62 -0.10 -3.62
CA LEU A 23 3.74 1.24 -3.04
C LEU A 23 4.99 1.31 -2.16
N MET A 24 5.40 0.17 -1.66
CA MET A 24 6.56 0.11 -0.77
C MET A 24 7.83 0.55 -1.49
N GLU A 25 7.97 0.13 -2.73
CA GLU A 25 9.15 0.50 -3.50
C GLU A 25 9.04 1.94 -3.94
N VAL A 26 7.88 2.34 -4.41
CA VAL A 26 7.72 3.70 -4.80
C VAL A 26 8.20 4.57 -3.65
N ALA A 27 7.51 4.42 -2.54
CA ALA A 27 7.82 5.16 -1.33
C ALA A 27 9.28 5.52 -1.22
N THR A 28 10.09 4.51 -0.93
CA THR A 28 11.52 4.72 -0.76
C THR A 28 12.06 5.54 -1.92
N GLN A 29 11.40 5.44 -3.07
CA GLN A 29 11.81 6.19 -4.26
C GLN A 29 11.25 7.62 -4.22
N ASN A 30 10.08 7.76 -3.62
CA ASN A 30 9.42 9.07 -3.53
C ASN A 30 9.87 9.83 -2.29
N GLY A 31 10.83 9.26 -1.56
CA GLY A 31 11.31 9.90 -0.35
C GLY A 31 10.33 9.72 0.79
N VAL A 32 9.35 8.85 0.56
CA VAL A 32 8.30 8.54 1.52
C VAL A 32 8.90 7.87 2.76
N PRO A 33 8.16 7.88 3.89
CA PRO A 33 8.60 7.32 5.16
C PRO A 33 8.53 5.79 5.17
N GLY A 34 8.17 5.22 4.02
CA GLY A 34 8.07 3.77 3.91
C GLY A 34 7.58 3.12 5.19
N ILE A 35 6.75 3.84 5.93
CA ILE A 35 6.20 3.33 7.18
C ILE A 35 7.19 2.40 7.89
N VAL A 36 7.06 1.09 7.65
CA VAL A 36 7.94 0.10 8.26
C VAL A 36 7.86 -1.23 7.53
N ALA A 37 8.88 -2.07 7.74
CA ALA A 37 8.92 -3.39 7.11
C ALA A 37 9.82 -4.35 7.87
N GLU A 38 9.28 -5.51 8.23
CA GLU A 38 10.03 -6.52 8.96
C GLU A 38 10.63 -7.55 8.01
N CYS A 39 9.94 -7.78 6.89
CA CYS A 39 10.41 -8.74 5.89
C CYS A 39 11.01 -8.00 4.70
N GLY A 40 10.46 -6.83 4.39
CA GLY A 40 10.96 -6.05 3.28
C GLY A 40 10.81 -6.77 1.95
N GLY A 41 9.61 -7.26 1.68
CA GLY A 41 9.36 -7.95 0.43
C GLY A 41 9.66 -9.44 0.51
N SER A 42 9.99 -9.91 1.71
CA SER A 42 10.30 -11.33 1.91
C SER A 42 9.03 -12.14 2.10
N CYS A 43 7.90 -11.45 2.23
CA CYS A 43 6.61 -12.11 2.42
C CYS A 43 6.60 -12.95 3.69
N VAL A 44 6.84 -12.31 4.84
CA VAL A 44 6.85 -13.00 6.12
C VAL A 44 6.51 -12.07 7.28
N CYS A 45 5.95 -10.90 6.97
CA CYS A 45 5.57 -9.95 7.99
C CYS A 45 4.22 -9.30 7.66
N ALA A 46 3.86 -8.27 8.41
CA ALA A 46 2.59 -7.58 8.19
C ALA A 46 2.64 -6.14 8.69
N THR A 47 3.85 -5.62 8.85
CA THR A 47 4.02 -4.24 9.32
C THR A 47 3.88 -3.25 8.16
N CYS A 48 3.70 -3.78 6.95
CA CYS A 48 3.55 -2.94 5.77
C CYS A 48 2.09 -2.58 5.53
N ARG A 49 1.42 -2.11 6.58
CA ARG A 49 0.02 -1.74 6.51
C ARG A 49 -0.16 -0.38 5.83
N ILE A 50 -0.89 -0.37 4.73
CA ILE A 50 -1.15 0.85 3.99
C ILE A 50 -2.55 0.80 3.38
N GLU A 51 -3.00 1.91 2.82
CA GLU A 51 -4.33 1.96 2.22
C GLU A 51 -4.36 2.73 0.91
N ILE A 52 -4.87 2.08 -0.14
CA ILE A 52 -5.00 2.71 -1.45
C ILE A 52 -6.06 3.79 -1.39
N GLU A 53 -5.94 4.86 -2.17
CA GLU A 53 -6.98 5.88 -2.10
C GLU A 53 -8.32 5.18 -2.36
N ASP A 54 -9.44 5.82 -2.02
CA ASP A 54 -10.75 5.19 -2.21
C ASP A 54 -11.27 5.25 -3.65
N ALA A 55 -10.35 5.45 -4.58
CA ALA A 55 -10.68 5.50 -5.99
C ALA A 55 -10.07 4.32 -6.72
N TRP A 56 -8.98 3.81 -6.15
CA TRP A 56 -8.23 2.73 -6.77
C TRP A 56 -8.36 1.41 -6.08
N VAL A 57 -9.14 1.34 -5.02
CA VAL A 57 -9.29 0.08 -4.36
C VAL A 57 -9.96 -0.89 -5.29
N GLU A 58 -10.90 -0.35 -6.05
CA GLU A 58 -11.62 -1.15 -7.02
C GLU A 58 -10.75 -1.28 -8.27
N ILE A 59 -9.61 -0.59 -8.24
CA ILE A 59 -8.66 -0.64 -9.34
C ILE A 59 -7.51 -1.55 -8.96
N VAL A 60 -7.11 -1.43 -7.71
CA VAL A 60 -6.02 -2.19 -7.18
C VAL A 60 -6.52 -3.49 -6.54
N GLY A 61 -6.93 -3.41 -5.27
CA GLY A 61 -7.46 -4.57 -4.55
C GLY A 61 -7.11 -5.88 -5.21
N GLU A 62 -5.82 -6.19 -5.29
CA GLU A 62 -5.37 -7.42 -5.94
C GLU A 62 -5.28 -8.58 -4.96
N ALA A 63 -5.21 -8.27 -3.68
CA ALA A 63 -5.11 -9.31 -2.66
C ALA A 63 -6.16 -10.39 -2.84
N ASN A 64 -5.75 -11.62 -2.59
CA ASN A 64 -6.62 -12.75 -2.66
C ASN A 64 -7.23 -12.98 -1.29
N PRO A 65 -7.94 -14.08 -1.11
CA PRO A 65 -8.59 -14.42 0.16
C PRO A 65 -7.59 -14.71 1.28
N ASP A 66 -6.30 -14.58 1.00
CA ASP A 66 -5.27 -14.83 2.01
C ASP A 66 -4.90 -13.55 2.74
N GLU A 67 -4.58 -12.51 1.98
CA GLU A 67 -4.20 -11.22 2.56
C GLU A 67 -5.32 -10.69 3.47
N ASN A 68 -6.56 -10.96 3.08
CA ASN A 68 -7.70 -10.51 3.85
C ASN A 68 -7.81 -11.29 5.16
N ASP A 69 -7.48 -12.58 5.10
CA ASP A 69 -7.53 -13.44 6.27
C ASP A 69 -6.34 -13.17 7.18
N LEU A 70 -5.20 -12.85 6.59
CA LEU A 70 -4.00 -12.57 7.37
C LEU A 70 -4.20 -11.35 8.26
N LEU A 71 -4.74 -10.28 7.68
CA LEU A 71 -5.00 -9.05 8.41
C LEU A 71 -6.14 -9.24 9.40
N GLN A 72 -7.08 -10.12 9.05
CA GLN A 72 -8.23 -10.39 9.91
C GLN A 72 -7.80 -11.07 11.20
N SER A 73 -6.71 -11.82 11.13
CA SER A 73 -6.19 -12.53 12.30
C SER A 73 -5.30 -11.62 13.14
N THR A 74 -5.36 -10.32 12.88
CA THR A 74 -4.56 -9.35 13.62
C THR A 74 -5.30 -8.87 14.86
N GLY A 75 -6.62 -8.97 14.83
CA GLY A 75 -7.43 -8.54 15.95
C GLY A 75 -7.76 -7.05 15.89
N GLU A 76 -7.72 -6.50 14.69
CA GLU A 76 -8.02 -5.08 14.50
C GLU A 76 -8.94 -4.86 13.31
N PRO A 77 -9.84 -3.89 13.41
CA PRO A 77 -10.80 -3.58 12.34
C PRO A 77 -10.11 -3.05 11.08
N MET A 78 -10.55 -3.53 9.93
CA MET A 78 -9.97 -3.10 8.65
C MET A 78 -10.76 -1.93 8.07
N THR A 79 -10.35 -1.51 6.88
CA THR A 79 -11.01 -0.39 6.19
C THR A 79 -11.16 -0.68 4.71
N ALA A 80 -11.83 0.23 3.99
CA ALA A 80 -12.03 0.06 2.56
C ALA A 80 -10.82 0.53 1.78
N GLY A 81 -10.06 -0.43 1.26
CA GLY A 81 -8.89 -0.10 0.48
C GLY A 81 -7.60 -0.53 1.15
N THR A 82 -7.71 -1.46 2.10
CA THR A 82 -6.56 -1.96 2.83
C THR A 82 -5.88 -3.08 2.06
N ARG A 83 -4.71 -2.80 1.51
CA ARG A 83 -3.94 -3.78 0.75
C ARG A 83 -2.45 -3.70 1.08
N LEU A 84 -1.84 -4.86 1.33
CA LEU A 84 -0.43 -4.90 1.68
C LEU A 84 0.36 -3.93 0.81
N SER A 85 1.50 -3.48 1.32
CA SER A 85 2.35 -2.54 0.60
C SER A 85 3.37 -3.26 -0.28
N CYS A 86 3.77 -4.46 0.13
CA CYS A 86 4.74 -5.24 -0.61
C CYS A 86 4.08 -6.40 -1.35
N GLN A 87 2.78 -6.27 -1.62
CA GLN A 87 2.04 -7.32 -2.30
C GLN A 87 1.26 -6.77 -3.49
N VAL A 88 1.02 -5.47 -3.52
CA VAL A 88 0.28 -4.86 -4.62
C VAL A 88 1.25 -4.28 -5.63
N PHE A 89 1.36 -4.93 -6.79
CA PHE A 89 2.28 -4.46 -7.82
C PHE A 89 1.58 -3.78 -8.97
N ILE A 90 2.19 -2.71 -9.43
CA ILE A 90 1.68 -1.90 -10.52
C ILE A 90 1.38 -2.71 -11.78
N ASP A 91 0.32 -2.30 -12.46
CA ASP A 91 -0.15 -2.89 -13.67
C ASP A 91 -0.95 -1.81 -14.37
N PRO A 92 -0.91 -1.75 -15.70
CA PRO A 92 -1.64 -0.73 -16.45
C PRO A 92 -2.99 -0.44 -15.79
N SER A 93 -3.49 -1.43 -15.07
CA SER A 93 -4.74 -1.35 -14.33
C SER A 93 -4.70 -0.41 -13.13
N MET A 94 -3.49 -0.09 -12.66
CA MET A 94 -3.33 0.77 -11.50
C MET A 94 -2.27 1.81 -11.76
N ASP A 95 -2.40 2.48 -12.88
CA ASP A 95 -1.49 3.49 -13.28
C ASP A 95 -2.01 4.82 -12.78
N GLY A 96 -1.13 5.60 -12.16
CA GLY A 96 -1.59 6.83 -11.59
C GLY A 96 -2.37 6.51 -10.34
N LEU A 97 -1.94 5.42 -9.69
CA LEU A 97 -2.60 4.93 -8.48
C LEU A 97 -2.32 5.82 -7.29
N ILE A 98 -3.34 5.99 -6.47
CA ILE A 98 -3.22 6.84 -5.29
C ILE A 98 -3.19 6.03 -4.03
N VAL A 99 -2.15 6.23 -3.26
CA VAL A 99 -2.00 5.54 -2.01
C VAL A 99 -2.06 6.51 -0.84
N ARG A 100 -2.21 5.98 0.38
CA ARG A 100 -2.28 6.79 1.59
C ARG A 100 -2.02 5.94 2.83
N VAL A 101 -1.61 6.59 3.93
CA VAL A 101 -1.33 5.88 5.17
C VAL A 101 -2.47 6.05 6.17
N PRO A 102 -2.82 4.96 6.90
CA PRO A 102 -3.91 5.00 7.88
C PRO A 102 -3.74 6.09 8.92
N LEU A 103 -4.57 6.04 9.94
CA LEU A 103 -4.53 7.04 11.02
C LEU A 103 -3.87 6.47 12.27
N PRO A 104 -2.87 7.19 12.80
CA PRO A 104 -2.14 6.79 13.99
C PRO A 104 -2.75 7.35 15.27
N ALA A 105 -3.20 6.47 16.15
CA ALA A 105 -3.81 6.89 17.41
C ALA A 105 -3.46 5.92 18.54
FE1 FES B . 6.59 -7.72 5.07
FE2 FES B . 4.88 -6.63 3.36
S1 FES B . 4.66 -8.54 4.41
S2 FES B . 6.76 -5.76 4.10
N PRO A 1 4.27 4.14 -14.60
CA PRO A 1 3.08 5.02 -14.41
C PRO A 1 3.36 6.21 -13.52
N ARG A 2 2.27 6.76 -13.03
CA ARG A 2 2.31 7.90 -12.10
C ARG A 2 1.70 7.45 -10.79
N VAL A 3 1.94 8.15 -9.69
CA VAL A 3 1.37 7.69 -8.45
C VAL A 3 1.28 8.78 -7.41
N VAL A 4 0.52 8.50 -6.37
CA VAL A 4 0.37 9.46 -5.30
C VAL A 4 0.09 8.80 -3.97
N PHE A 5 1.06 8.90 -3.10
CA PHE A 5 0.99 8.34 -1.75
C PHE A 5 0.50 9.40 -0.77
N ILE A 6 0.32 8.98 0.48
CA ILE A 6 -0.10 9.86 1.54
C ILE A 6 0.46 9.39 2.87
N ASP A 7 0.43 10.27 3.87
CA ASP A 7 0.95 9.93 5.18
C ASP A 7 0.62 11.01 6.20
N GLU A 8 0.96 10.73 7.44
CA GLU A 8 0.71 11.66 8.54
C GLU A 8 1.88 12.63 8.72
N GLN A 9 2.93 12.44 7.93
CA GLN A 9 4.11 13.29 8.00
C GLN A 9 3.97 14.48 7.06
N SER A 10 3.37 14.24 5.90
CA SER A 10 3.18 15.31 4.91
C SER A 10 1.75 15.33 4.38
N GLY A 11 0.92 14.39 4.85
CA GLY A 11 -0.46 14.35 4.38
C GLY A 11 -0.56 14.14 2.89
N GLU A 12 0.53 13.65 2.30
CA GLU A 12 0.58 13.38 0.87
C GLU A 12 2.00 13.07 0.43
N TYR A 13 2.12 12.16 -0.52
CA TYR A 13 3.41 11.76 -1.04
C TYR A 13 3.32 11.40 -2.52
N ALA A 14 2.94 12.39 -3.32
CA ALA A 14 2.79 12.21 -4.76
C ALA A 14 4.04 11.57 -5.36
N VAL A 15 3.83 10.71 -6.35
CA VAL A 15 4.94 10.01 -6.98
C VAL A 15 4.52 9.35 -8.28
N ASP A 16 5.25 8.33 -8.63
CA ASP A 16 5.04 7.58 -9.82
C ASP A 16 5.68 6.24 -9.65
N ALA A 17 5.31 5.32 -10.49
CA ALA A 17 5.85 4.01 -10.41
C ALA A 17 6.06 3.39 -11.78
N GLN A 18 6.44 2.12 -11.79
CA GLN A 18 6.67 1.40 -13.03
C GLN A 18 6.12 -0.02 -12.92
N ASP A 19 5.35 -0.44 -13.92
CA ASP A 19 4.77 -1.77 -13.93
C ASP A 19 5.72 -2.78 -13.30
N GLY A 20 5.35 -3.25 -12.11
CA GLY A 20 6.17 -4.20 -11.39
C GLY A 20 6.61 -3.68 -10.04
N GLN A 21 6.19 -2.46 -9.69
CA GLN A 21 6.56 -1.88 -8.41
C GLN A 21 5.33 -1.70 -7.52
N SER A 22 5.51 -1.95 -6.24
CA SER A 22 4.42 -1.83 -5.27
C SER A 22 4.35 -0.42 -4.71
N LEU A 23 3.46 -0.20 -3.75
CA LEU A 23 3.33 1.13 -3.14
C LEU A 23 4.16 1.21 -1.88
N MET A 24 5.11 0.30 -1.75
CA MET A 24 6.01 0.27 -0.61
C MET A 24 7.40 0.68 -1.05
N GLU A 25 7.69 0.46 -2.33
CA GLU A 25 8.97 0.81 -2.89
C GLU A 25 8.95 2.21 -3.46
N VAL A 26 7.87 2.61 -4.12
CA VAL A 26 7.83 3.96 -4.63
C VAL A 26 8.22 4.88 -3.49
N ALA A 27 7.46 4.75 -2.43
CA ALA A 27 7.66 5.53 -1.22
C ALA A 27 9.12 5.95 -1.04
N THR A 28 9.94 4.99 -0.64
CA THR A 28 11.35 5.27 -0.40
C THR A 28 11.92 6.05 -1.57
N GLN A 29 11.36 5.83 -2.75
CA GLN A 29 11.80 6.54 -3.95
C GLN A 29 11.19 7.95 -4.02
N ASN A 30 10.00 8.10 -3.46
CA ASN A 30 9.29 9.39 -3.46
C ASN A 30 9.66 10.23 -2.25
N GLY A 31 10.63 9.76 -1.47
CA GLY A 31 11.02 10.48 -0.28
C GLY A 31 10.10 10.17 0.88
N VAL A 32 9.06 9.41 0.58
CA VAL A 32 8.07 8.99 1.57
C VAL A 32 8.75 8.42 2.82
N PRO A 33 8.03 8.36 3.94
CA PRO A 33 8.57 7.89 5.22
C PRO A 33 8.84 6.38 5.22
N GLY A 34 8.60 5.74 4.08
CA GLY A 34 8.83 4.31 3.96
C GLY A 34 8.49 3.55 5.23
N ILE A 35 7.25 3.68 5.69
CA ILE A 35 6.81 2.97 6.88
C ILE A 35 6.21 1.62 6.52
N VAL A 36 6.92 0.90 5.65
CA VAL A 36 6.47 -0.42 5.20
C VAL A 36 7.64 -1.24 4.68
N ALA A 37 8.49 -1.71 5.60
CA ALA A 37 9.65 -2.52 5.23
C ALA A 37 10.09 -3.40 6.39
N GLU A 38 9.23 -4.36 6.75
CA GLU A 38 9.54 -5.28 7.84
C GLU A 38 10.16 -6.57 7.31
N CYS A 39 9.54 -7.15 6.29
CA CYS A 39 10.04 -8.39 5.69
C CYS A 39 10.69 -8.11 4.35
N GLY A 40 10.75 -6.84 3.97
CA GLY A 40 11.36 -6.47 2.70
C GLY A 40 10.51 -6.85 1.50
N GLY A 41 9.27 -6.36 1.50
CA GLY A 41 8.36 -6.66 0.40
C GLY A 41 8.53 -8.07 -0.12
N SER A 42 8.37 -9.04 0.75
CA SER A 42 8.50 -10.45 0.37
C SER A 42 7.27 -11.25 0.78
N CYS A 43 6.25 -10.56 1.25
CA CYS A 43 5.01 -11.21 1.68
C CYS A 43 5.28 -12.18 2.82
N VAL A 44 5.72 -11.64 3.96
CA VAL A 44 6.02 -12.46 5.13
C VAL A 44 5.70 -11.69 6.42
N CYS A 45 4.85 -10.68 6.31
CA CYS A 45 4.47 -9.88 7.46
C CYS A 45 3.21 -9.07 7.16
N ALA A 46 2.79 -8.28 8.14
CA ALA A 46 1.61 -7.44 7.99
C ALA A 46 1.82 -6.05 8.57
N THR A 47 3.09 -5.71 8.80
CA THR A 47 3.45 -4.41 9.36
C THR A 47 3.48 -3.34 8.27
N CYS A 48 3.30 -3.76 7.02
CA CYS A 48 3.31 -2.84 5.89
C CYS A 48 1.90 -2.31 5.64
N ARG A 49 1.17 -2.05 6.72
CA ARG A 49 -0.20 -1.56 6.62
C ARG A 49 -0.29 -0.33 5.71
N ILE A 50 -0.37 -0.59 4.40
CA ILE A 50 -0.49 0.49 3.42
C ILE A 50 -1.96 0.68 3.05
N GLU A 51 -2.29 1.84 2.49
CA GLU A 51 -3.67 2.11 2.13
C GLU A 51 -3.80 2.80 0.77
N ILE A 52 -4.29 2.06 -0.21
CA ILE A 52 -4.50 2.60 -1.54
C ILE A 52 -5.63 3.61 -1.49
N GLU A 53 -5.56 4.69 -2.26
CA GLU A 53 -6.67 5.64 -2.20
C GLU A 53 -7.97 4.88 -2.50
N ASP A 54 -9.13 5.44 -2.15
CA ASP A 54 -10.41 4.75 -2.36
C ASP A 54 -10.89 4.79 -3.81
N ALA A 55 -9.99 5.05 -4.73
CA ALA A 55 -10.31 5.09 -6.16
C ALA A 55 -9.62 3.95 -6.87
N TRP A 56 -8.51 3.50 -6.28
CA TRP A 56 -7.69 2.47 -6.89
C TRP A 56 -7.76 1.14 -6.22
N VAL A 57 -8.59 1.00 -5.23
CA VAL A 57 -8.71 -0.28 -4.59
C VAL A 57 -9.34 -1.24 -5.56
N GLU A 58 -10.25 -0.70 -6.34
CA GLU A 58 -10.91 -1.48 -7.36
C GLU A 58 -10.02 -1.51 -8.60
N ILE A 59 -8.89 -0.80 -8.51
CA ILE A 59 -7.92 -0.75 -9.60
C ILE A 59 -6.72 -1.61 -9.26
N VAL A 60 -6.40 -1.61 -7.99
CA VAL A 60 -5.26 -2.34 -7.48
C VAL A 60 -5.66 -3.77 -7.16
N GLY A 61 -6.88 -3.91 -6.64
CA GLY A 61 -7.38 -5.24 -6.34
C GLY A 61 -6.90 -5.80 -5.02
N GLU A 62 -7.58 -5.44 -3.93
CA GLU A 62 -7.20 -5.92 -2.62
C GLU A 62 -6.98 -7.43 -2.67
N ALA A 63 -6.01 -7.87 -1.91
CA ALA A 63 -5.63 -9.28 -1.86
C ALA A 63 -6.84 -10.18 -1.65
N ASN A 64 -6.56 -11.45 -1.40
CA ASN A 64 -7.56 -12.44 -1.17
C ASN A 64 -7.96 -12.48 0.30
N PRO A 65 -8.97 -13.28 0.62
CA PRO A 65 -9.48 -13.45 1.97
C PRO A 65 -8.56 -14.32 2.83
N ASP A 66 -7.37 -14.62 2.30
CA ASP A 66 -6.41 -15.44 3.04
C ASP A 66 -5.50 -14.55 3.87
N GLU A 67 -4.89 -13.56 3.22
CA GLU A 67 -4.00 -12.63 3.91
C GLU A 67 -4.78 -11.77 4.87
N ASN A 68 -6.09 -11.66 4.64
CA ASN A 68 -6.96 -10.86 5.49
C ASN A 68 -7.45 -11.67 6.68
N ASP A 69 -7.46 -12.99 6.53
CA ASP A 69 -7.91 -13.88 7.60
C ASP A 69 -6.85 -14.01 8.69
N LEU A 70 -5.63 -14.34 8.28
CA LEU A 70 -4.52 -14.50 9.22
C LEU A 70 -4.31 -13.22 10.03
N LEU A 71 -4.63 -12.08 9.41
CA LEU A 71 -4.48 -10.79 10.08
C LEU A 71 -5.69 -10.48 10.94
N GLN A 72 -6.83 -11.06 10.59
CA GLN A 72 -8.06 -10.84 11.34
C GLN A 72 -7.98 -11.47 12.73
N SER A 73 -7.48 -12.70 12.78
CA SER A 73 -7.35 -13.41 14.04
C SER A 73 -6.65 -12.54 15.10
N THR A 74 -5.87 -11.58 14.63
CA THR A 74 -5.15 -10.68 15.53
C THR A 74 -6.13 -9.79 16.30
N GLY A 75 -6.90 -9.00 15.56
CA GLY A 75 -7.86 -8.10 16.20
C GLY A 75 -7.67 -6.67 15.79
N GLU A 76 -7.12 -6.45 14.59
CA GLU A 76 -6.88 -5.10 14.08
C GLU A 76 -7.98 -4.69 13.11
N PRO A 77 -8.42 -3.42 13.19
CA PRO A 77 -9.47 -2.88 12.32
C PRO A 77 -9.16 -3.07 10.84
N MET A 78 -10.04 -2.57 9.98
CA MET A 78 -9.85 -2.69 8.54
C MET A 78 -10.67 -1.63 7.80
N THR A 79 -10.00 -0.87 6.94
CA THR A 79 -10.66 0.18 6.17
C THR A 79 -10.70 -0.19 4.69
N ALA A 80 -11.17 0.75 3.87
CA ALA A 80 -11.26 0.51 2.43
C ALA A 80 -9.90 0.69 1.76
N GLY A 81 -9.52 -0.31 0.96
CA GLY A 81 -8.25 -0.26 0.27
C GLY A 81 -7.08 -0.64 1.16
N THR A 82 -7.38 -1.03 2.39
CA THR A 82 -6.34 -1.42 3.35
C THR A 82 -5.87 -2.84 3.08
N ARG A 83 -4.64 -2.97 2.59
CA ARG A 83 -4.06 -4.28 2.30
C ARG A 83 -2.56 -4.15 2.03
N LEU A 84 -1.85 -5.26 2.23
CA LEU A 84 -0.41 -5.28 2.01
C LEU A 84 -0.06 -4.81 0.60
N SER A 85 0.27 -3.53 0.48
CA SER A 85 0.61 -2.95 -0.82
C SER A 85 1.89 -3.56 -1.37
N CYS A 86 2.84 -3.87 -0.48
CA CYS A 86 4.11 -4.46 -0.90
C CYS A 86 3.86 -5.71 -1.74
N GLN A 87 2.72 -6.34 -1.51
CA GLN A 87 2.36 -7.56 -2.23
C GLN A 87 1.77 -7.25 -3.60
N VAL A 88 1.52 -5.97 -3.89
CA VAL A 88 0.97 -5.60 -5.18
C VAL A 88 2.01 -4.85 -6.00
N PHE A 89 1.79 -4.76 -7.29
CA PHE A 89 2.75 -4.07 -8.15
C PHE A 89 2.12 -3.44 -9.37
N ILE A 90 2.65 -2.28 -9.70
CA ILE A 90 2.20 -1.49 -10.83
C ILE A 90 2.05 -2.33 -12.11
N ASP A 91 1.30 -1.78 -13.05
CA ASP A 91 1.02 -2.41 -14.32
C ASP A 91 0.05 -1.47 -15.03
N PRO A 92 -0.26 -1.68 -16.32
CA PRO A 92 -1.19 -0.82 -17.05
C PRO A 92 -2.61 -0.94 -16.47
N SER A 93 -2.66 -0.88 -15.14
CA SER A 93 -3.91 -0.98 -14.39
C SER A 93 -3.86 -0.03 -13.19
N MET A 94 -2.68 0.06 -12.58
CA MET A 94 -2.45 0.91 -11.42
C MET A 94 -1.53 2.06 -11.81
N ASP A 95 -1.79 2.64 -12.97
CA ASP A 95 -1.00 3.71 -13.48
C ASP A 95 -1.59 5.03 -13.00
N GLY A 96 -0.77 5.82 -12.32
CA GLY A 96 -1.27 7.05 -11.77
C GLY A 96 -2.06 6.76 -10.53
N LEU A 97 -1.67 5.66 -9.87
CA LEU A 97 -2.34 5.18 -8.67
C LEU A 97 -2.08 6.07 -7.47
N ILE A 98 -3.01 6.04 -6.54
CA ILE A 98 -2.92 6.85 -5.34
C ILE A 98 -2.87 5.99 -4.10
N VAL A 99 -1.82 6.15 -3.34
CA VAL A 99 -1.65 5.40 -2.13
C VAL A 99 -1.88 6.27 -0.91
N ARG A 100 -1.79 5.65 0.28
CA ARG A 100 -1.97 6.37 1.54
C ARG A 100 -1.39 5.55 2.70
N VAL A 101 -1.08 6.22 3.79
CA VAL A 101 -0.53 5.56 4.97
C VAL A 101 -1.49 5.68 6.15
N PRO A 102 -1.91 4.54 6.72
CA PRO A 102 -2.84 4.52 7.86
C PRO A 102 -2.17 4.97 9.15
N LEU A 103 -2.95 4.94 10.24
CA LEU A 103 -2.46 5.35 11.55
C LEU A 103 -3.16 4.56 12.65
N PRO A 104 -2.74 4.76 13.91
CA PRO A 104 -3.33 4.06 15.06
C PRO A 104 -4.57 4.77 15.60
N ALA A 105 -5.74 4.28 15.23
CA ALA A 105 -7.00 4.86 15.68
C ALA A 105 -8.17 3.92 15.43
FE1 FES B . 6.15 -7.74 4.83
FE2 FES B . 4.54 -6.38 3.19
S1 FES B . 4.29 -8.46 3.88
S2 FES B . 6.54 -5.78 3.90
#